data_7KY9
#
_entry.id   7KY9
#
_cell.length_a   1.00
_cell.length_b   1.00
_cell.length_c   1.00
_cell.angle_alpha   90.00
_cell.angle_beta   90.00
_cell.angle_gamma   90.00
#
_symmetry.space_group_name_H-M   'P 1'
#
loop_
_entity.id
_entity.type
_entity.pdbx_description
1 polymer 'Phospholipid-transporting ATPase DNF2'
2 polymer 'Alkylphosphocholine resistance protein LEM3'
3 branched alpha-D-mannopyranose-(3-3)-alpha-D-mannopyranose-(1-4)-2-acetamido-2-deoxy-beta-D-glucopyranose-(1-4)-2-acetamido-2-deoxy-beta-D-glucopyranose
4 branched 2-acetamido-2-deoxy-beta-D-glucopyranose-(1-4)-2-acetamido-2-deoxy-beta-D-glucopyranose
5 non-polymer "ADENOSINE-5'-DIPHOSPHATE"
6 non-polymer 'TETRAFLUOROALUMINATE ION'
7 non-polymer 'MAGNESIUM ION'
8 non-polymer 2-acetamido-2-deoxy-beta-D-glucopyranose
9 non-polymer alpha-D-mannopyranose
#
loop_
_entity_poly.entity_id
_entity_poly.type
_entity_poly.pdbx_seq_one_letter_code
_entity_poly.pdbx_strand_id
1 'polypeptide(L)'
;MSSPSKPTSPFVDDIEHESGSASNGLSSMSPFDDSFQFEKPSSAHGNIEVAKTGGSVLKRQSKPMKDISTPDLSKVTFDG
IDDYSNDNDINDDDELNGKKTEIHEHENEVDDDLHSFQATPMPNTGGFEDVELDNNEGSNNDSQADHKLKRVRFGTRRNK
SGRIDINRSKTLKWAKKNFHNAIDEFSTKEDSLENSALQNRSDELRTVYYNLPLPEDMLDEDGLPLAVYPRNKIRTTKYT
PLTFFPKNILFQFHNFANIYFLILLILGAFQIFGVTNPGFASVPLIVIVIITAIKDGIEDSRRTVLDLEVNNTRTHILSG
VKNENVAVDNVSLWRRFKKANTRALIKIFEYFSENLTAAGREKKLQKKREELRRKRNSRSFGPRGSLDSIGSYRMSADFG
RPSLDYENLNQTMSQANRYNDGENLVDRTLQPNPECRFAKDYWKNVKVGDIVRVHNNDEIPADMILLSTSDVDGACYVET
KNLDGETNLKVRQSLKCSKIIKSSRDITRTKFWVESEGPHANLYSYQGNFKWQDTQNGNIRNEPVNINNLLLRGCTLRNT
KWAMGMVIFTGDDTKIMINAGVTPTKKSRISRELNFSVILNFVLLFILCFTAGIVNGVYYKQKPRSRDYFEFGTIGGSAS
TNGFVSFWVAVILYQSLVPISLYISVEIIKTAQAIFIYTDVLLYNAKLDYPCTPKSWNISDDLGQIEYIFSDKTGTLTQN
VMEFKKCTINGVSYGRAYTEALAGLRKRQGVDVESEGRREKEEIAKDRETMIDELRSMSDNTQFCPEDLTFVSKEIVEDL
KGSSGDHQQKCCEHFLLALALCHSVLVEPNKDDPKKLDIKAQSPDESALVSTARQLGYSFVGSSKSGLIVEIQGVQKEFQ
VLNVLEFNSSRKRMSCIIKIPGSTPKDEPKALLICKGADSVIYSRLDRTQNDATLLEKTALHLEEYATEGLRTLCLAQRE
LTWSEYERWVKTYDVAAASVTNREEELDKVTDVIERELILLGGTAIEDRLQDGVPDSIALLAEAGIKLWVLTGDKVETAI
NIGFSCNVLNNDMELLVVKASGEDVEEFGSDPIQVVNNLVTKYLREKFGMSGSEEELKEAKREHGLPQGNFAVIIDGDAL
KVALNGEEMRRKFLLLCKNCKAVLCCRVSPAQKAAVVKLVKKTLDVMTLAIGDGSNDVAMIQSADVGVGIAGEEGRQAVM
CSDYAIGQFRYVTRLVLVHGKWCYKRLAEMIPQFFYKNVIFTLSLFWYGIYNNFDGSYLFEYTYLTFYNLAFTSVPVILL
AVLDQDVSDTVSMLVPQLYRVGILRKEWNQTKFLWYMLDGVYQSVICFFFPYLAYHKNMVVTENGLGLDHRYFVGVFVTA
IAVTSCNFYVFMEQYRWDWFCGLFICLSLAVFYGWTGIWTSSSSSNEFYKGAARVFAQPAYWAVLFVGVLFCLLPRFTID
CIRKIFYPKDIEIVREMWLRGDFDLYPQGYDPTDPSRPRINEIRPLTDFKEPISLDTHFDGVSHSQETIVTEEIPMSILN
GEQGSRKGYRVSTTLERRDQLSPVTTTNNLPRRSMASARGNKLRTSLDRTREEMLANHQLDTRYSVERARASLDLPGINH
AETLLSQRSRDR
;
A
2 'polypeptide(L)'
;MVNFDLGQVGEVFRRKDKGAIVSGDNPEEEEDVDASEFEEDEVKPVRTKNRRPKEDAFTQQRLAAINPVLTPRTVLPLYL
LIAVVFVIVGGCILAQNSKVDEVTIYYQDCMTNATSSWSDIPSEHWQFVFHKYKTYNTAPQWRFVDDESDDFTKQRGTCQ
IRFTTPSDMKNNVYLNYVLEKFAANHRRYVLSFSEDQIRGEDASYETVHDATGINCKPLSKNADGKIYYPCGLIANSMFN
DTFPLQLTNVGDTSNNYSLTNKGINWESDKKRYKKTKYNYTQIAPPPYWEKMYPDGYNETNIPDIQDWEEFQNWMRPGAF
DKITKLIRINKNDTLPAGEYQLDIGLHWPVLEFNGKKGIYLTHGSHLGGRNPFLGIVYLIGGCICAAMALILLTFWLFGG
RKIADASSLSWNMK
;
B
#
# COMPACT_ATOMS: atom_id res chain seq x y z
N SER A 282 -9.35 -21.85 -6.49
CA SER A 282 -9.10 -23.20 -6.01
C SER A 282 -7.66 -23.61 -6.27
N VAL A 283 -7.47 -24.57 -7.18
CA VAL A 283 -6.12 -25.03 -7.51
C VAL A 283 -5.24 -23.92 -8.05
N PRO A 284 -5.68 -23.06 -9.00
CA PRO A 284 -4.78 -22.00 -9.46
C PRO A 284 -4.29 -21.07 -8.36
N LEU A 285 -5.16 -20.69 -7.42
CA LEU A 285 -4.74 -19.81 -6.34
C LEU A 285 -3.70 -20.48 -5.45
N ILE A 286 -3.92 -21.74 -5.09
CA ILE A 286 -2.97 -22.45 -4.24
C ILE A 286 -1.63 -22.62 -4.94
N VAL A 287 -1.66 -22.99 -6.22
CA VAL A 287 -0.40 -23.23 -6.93
C VAL A 287 0.35 -21.93 -7.16
N ILE A 288 -0.36 -20.82 -7.41
CA ILE A 288 0.33 -19.55 -7.57
C ILE A 288 0.90 -19.07 -6.24
N VAL A 289 0.20 -19.33 -5.13
CA VAL A 289 0.75 -19.00 -3.82
C VAL A 289 2.01 -19.81 -3.57
N ILE A 290 1.99 -21.10 -3.91
CA ILE A 290 3.17 -21.94 -3.73
C ILE A 290 4.34 -21.44 -4.58
N ILE A 291 4.05 -21.08 -5.83
CA ILE A 291 5.11 -20.65 -6.73
C ILE A 291 5.69 -19.30 -6.30
N THR A 292 4.85 -18.40 -5.79
CA THR A 292 5.39 -17.11 -5.33
C THR A 292 6.15 -17.28 -4.02
N ALA A 293 5.75 -18.25 -3.18
CA ALA A 293 6.55 -18.58 -2.02
C ALA A 293 7.91 -19.13 -2.43
N ILE A 294 7.94 -19.95 -3.47
CA ILE A 294 9.21 -20.47 -3.98
C ILE A 294 10.08 -19.34 -4.51
N LYS A 295 9.49 -18.39 -5.23
CA LYS A 295 10.24 -17.24 -5.70
C LYS A 295 10.77 -16.41 -4.54
N ASP A 296 9.95 -16.24 -3.50
CA ASP A 296 10.41 -15.52 -2.30
C ASP A 296 11.60 -16.24 -1.67
N GLY A 297 11.53 -17.57 -1.59
CA GLY A 297 12.63 -18.32 -1.02
C GLY A 297 13.91 -18.21 -1.83
N ILE A 298 13.79 -18.32 -3.16
CA ILE A 298 14.99 -18.27 -4.00
C ILE A 298 15.58 -16.86 -4.03
N GLU A 299 14.74 -15.83 -3.96
CA GLU A 299 15.23 -14.46 -3.93
C GLU A 299 15.68 -14.01 -2.55
N ASP A 300 15.33 -14.75 -1.50
CA ASP A 300 15.76 -14.41 -0.15
C ASP A 300 17.18 -14.88 0.15
N SER A 301 17.73 -15.76 -0.66
CA SER A 301 19.08 -16.27 -0.46
C SER A 301 19.82 -16.39 -1.78
N ALA A 580 -4.67 -22.83 9.66
CA ALA A 580 -3.56 -22.41 8.82
C ALA A 580 -3.62 -20.91 8.53
N GLY A 581 -3.54 -20.55 7.26
CA GLY A 581 -3.60 -19.17 6.84
C GLY A 581 -2.23 -18.54 6.66
N VAL A 582 -2.24 -17.22 6.50
CA VAL A 582 -1.03 -16.47 6.23
C VAL A 582 -0.66 -15.62 7.44
N THR A 583 -1.63 -14.86 7.96
CA THR A 583 -1.36 -13.92 9.04
C THR A 583 -0.95 -14.67 10.32
N PRO A 584 0.19 -14.32 10.92
CA PRO A 584 0.63 -15.03 12.12
C PRO A 584 -0.30 -14.85 13.31
N THR A 585 -0.54 -13.61 13.72
CA THR A 585 -1.36 -13.34 14.90
C THR A 585 -2.58 -12.47 14.59
N LYS A 586 -2.38 -11.27 14.08
CA LYS A 586 -3.43 -10.28 13.88
C LYS A 586 -3.02 -9.33 12.76
N LYS A 587 -4.02 -8.71 12.14
CA LYS A 587 -3.81 -7.75 11.08
C LYS A 587 -3.69 -6.33 11.67
N SER A 588 -3.65 -5.34 10.78
CA SER A 588 -3.53 -3.95 11.15
C SER A 588 -4.85 -3.21 10.90
N ARG A 589 -4.83 -1.90 11.15
CA ARG A 589 -5.99 -1.07 10.86
C ARG A 589 -6.22 -0.93 9.36
N ILE A 590 -5.14 -0.97 8.57
CA ILE A 590 -5.28 -0.85 7.12
C ILE A 590 -6.10 -2.00 6.56
N SER A 591 -5.96 -3.18 7.14
CA SER A 591 -6.77 -4.32 6.70
C SER A 591 -8.25 -4.05 6.92
N ARG A 592 -8.61 -3.51 8.08
CA ARG A 592 -10.02 -3.24 8.35
C ARG A 592 -10.56 -2.11 7.49
N GLU A 593 -9.75 -1.06 7.26
CA GLU A 593 -10.19 0.00 6.36
C GLU A 593 -10.34 -0.50 4.94
N LEU A 594 -9.47 -1.41 4.52
CA LEU A 594 -9.60 -2.04 3.21
C LEU A 594 -10.87 -2.87 3.14
N ASN A 595 -11.21 -3.58 4.22
CA ASN A 595 -12.45 -4.31 4.26
C ASN A 595 -13.65 -3.37 4.12
N PHE A 596 -13.61 -2.23 4.81
CA PHE A 596 -14.69 -1.26 4.68
C PHE A 596 -14.79 -0.72 3.26
N SER A 597 -13.64 -0.44 2.64
CA SER A 597 -13.64 0.06 1.26
C SER A 597 -14.18 -0.97 0.29
N VAL A 598 -13.82 -2.25 0.48
CA VAL A 598 -14.33 -3.30 -0.38
C VAL A 598 -15.83 -3.47 -0.17
N ILE A 599 -16.30 -3.29 1.07
CA ILE A 599 -17.75 -3.33 1.32
C ILE A 599 -18.43 -2.17 0.61
N LEU A 600 -17.78 -1.00 0.58
CA LEU A 600 -18.32 0.13 -0.18
C LEU A 600 -18.40 -0.20 -1.67
N ASN A 601 -17.36 -0.83 -2.21
CA ASN A 601 -17.41 -1.26 -3.60
C ASN A 601 -18.54 -2.26 -3.84
N PHE A 602 -18.74 -3.18 -2.89
CA PHE A 602 -19.81 -4.16 -3.01
C PHE A 602 -21.18 -3.51 -3.00
N VAL A 603 -21.40 -2.54 -2.12
CA VAL A 603 -22.71 -1.90 -2.06
C VAL A 603 -22.92 -1.00 -3.28
N LEU A 604 -21.86 -0.41 -3.81
CA LEU A 604 -22.00 0.32 -5.08
C LEU A 604 -22.41 -0.63 -6.20
N LEU A 605 -21.78 -1.81 -6.26
CA LEU A 605 -22.19 -2.81 -7.25
C LEU A 605 -23.64 -3.23 -7.04
N PHE A 606 -24.05 -3.41 -5.79
CA PHE A 606 -25.42 -3.83 -5.51
C PHE A 606 -26.44 -2.78 -5.92
N ILE A 607 -26.17 -1.51 -5.63
CA ILE A 607 -27.09 -0.47 -6.02
C ILE A 607 -27.10 -0.30 -7.54
N LEU A 608 -25.94 -0.52 -8.19
CA LEU A 608 -25.91 -0.50 -9.64
C LEU A 608 -26.78 -1.61 -10.22
N CYS A 609 -26.69 -2.81 -9.62
CA CYS A 609 -27.54 -3.92 -10.05
C CYS A 609 -29.02 -3.60 -9.83
N PHE A 610 -29.35 -2.97 -8.70
CA PHE A 610 -30.74 -2.63 -8.43
C PHE A 610 -31.28 -1.62 -9.44
N THR A 611 -30.51 -0.57 -9.73
CA THR A 611 -30.96 0.43 -10.69
C THR A 611 -30.95 -0.10 -12.11
N ALA A 612 -30.18 -1.15 -12.40
CA ALA A 612 -30.32 -1.83 -13.68
C ALA A 612 -31.58 -2.70 -13.72
N GLY A 613 -31.85 -3.43 -12.63
CA GLY A 613 -32.93 -4.39 -12.65
C GLY A 613 -34.30 -3.76 -12.57
N ILE A 614 -34.41 -2.57 -11.97
CA ILE A 614 -35.70 -1.89 -11.97
C ILE A 614 -36.11 -1.53 -13.40
N VAL A 615 -35.17 -1.02 -14.19
CA VAL A 615 -35.46 -0.74 -15.60
C VAL A 615 -35.65 -2.04 -16.36
N ASN A 616 -34.88 -3.08 -16.03
CA ASN A 616 -35.08 -4.41 -16.59
C ASN A 616 -36.28 -5.06 -15.92
N GLY A 617 -37.47 -4.57 -16.30
CA GLY A 617 -38.69 -5.05 -15.71
C GLY A 617 -39.77 -3.98 -15.56
N VAL A 618 -39.38 -2.70 -15.59
CA VAL A 618 -40.37 -1.63 -15.57
C VAL A 618 -41.00 -1.41 -16.93
N TYR A 619 -40.58 -2.16 -17.95
CA TYR A 619 -41.04 -2.00 -19.33
C TYR A 619 -42.47 -2.49 -19.55
N TYR A 620 -43.20 -2.83 -18.49
CA TYR A 620 -44.58 -3.28 -18.66
C TYR A 620 -45.44 -2.21 -19.30
N LYS A 621 -45.28 -0.96 -18.86
CA LYS A 621 -46.03 0.16 -19.41
C LYS A 621 -45.29 0.87 -20.54
N GLN A 622 -44.12 0.37 -20.94
CA GLN A 622 -43.38 0.95 -22.05
C GLN A 622 -43.94 0.45 -23.37
N LYS A 623 -43.56 1.13 -24.45
CA LYS A 623 -44.09 0.80 -25.76
C LYS A 623 -43.57 -0.57 -26.22
N PRO A 624 -44.39 -1.36 -26.90
CA PRO A 624 -43.90 -2.63 -27.45
C PRO A 624 -43.03 -2.43 -28.69
N ARG A 625 -41.74 -2.20 -28.47
CA ARG A 625 -40.81 -1.93 -29.56
C ARG A 625 -40.61 -3.21 -30.39
N SER A 626 -39.68 -3.15 -31.34
CA SER A 626 -39.39 -4.29 -32.21
C SER A 626 -38.76 -5.46 -31.48
N ARG A 627 -38.64 -5.39 -30.15
CA ARG A 627 -38.11 -6.49 -29.36
C ARG A 627 -38.97 -7.74 -29.44
N ASP A 628 -40.21 -7.62 -29.91
CA ASP A 628 -41.09 -8.77 -30.08
C ASP A 628 -41.46 -9.06 -31.53
N TYR A 629 -41.22 -8.13 -32.45
CA TYR A 629 -41.60 -8.35 -33.84
C TYR A 629 -40.69 -9.35 -34.55
N PHE A 630 -39.51 -9.64 -34.00
CA PHE A 630 -38.59 -10.58 -34.62
C PHE A 630 -38.49 -11.92 -33.90
N GLU A 631 -38.82 -11.98 -32.61
CA GLU A 631 -38.57 -13.17 -31.82
C GLU A 631 -39.75 -14.13 -31.82
N PHE A 632 -40.94 -13.62 -31.47
CA PHE A 632 -42.18 -14.40 -31.37
C PHE A 632 -42.12 -15.49 -30.32
N GLY A 633 -41.04 -15.55 -29.54
CA GLY A 633 -40.90 -16.54 -28.50
C GLY A 633 -41.35 -16.03 -27.14
N THR A 634 -42.64 -15.74 -27.02
CA THR A 634 -43.20 -15.22 -25.77
C THR A 634 -43.22 -16.34 -24.74
N ILE A 635 -42.19 -16.38 -23.88
CA ILE A 635 -42.08 -17.43 -22.88
C ILE A 635 -43.21 -17.31 -21.86
N GLY A 636 -43.52 -16.10 -21.43
CA GLY A 636 -44.55 -15.90 -20.43
C GLY A 636 -43.99 -15.90 -19.02
N GLY A 637 -44.90 -15.91 -18.05
CA GLY A 637 -44.53 -15.92 -16.66
C GLY A 637 -43.77 -14.69 -16.22
N SER A 638 -44.44 -13.54 -16.23
CA SER A 638 -43.77 -12.29 -15.91
C SER A 638 -43.24 -12.27 -14.48
N ALA A 639 -44.01 -12.81 -13.53
CA ALA A 639 -43.57 -12.82 -12.15
C ALA A 639 -42.47 -13.85 -11.89
N SER A 640 -42.43 -14.93 -12.68
CA SER A 640 -41.46 -16.00 -12.47
C SER A 640 -40.30 -15.93 -13.45
N THR A 641 -40.59 -15.95 -14.75
CA THR A 641 -39.53 -16.08 -15.75
C THR A 641 -38.72 -14.80 -15.90
N ASN A 642 -39.38 -13.64 -15.88
CA ASN A 642 -38.63 -12.39 -15.97
C ASN A 642 -37.73 -12.20 -14.76
N GLY A 643 -38.21 -12.56 -13.57
CA GLY A 643 -37.35 -12.54 -12.40
C GLY A 643 -36.18 -13.51 -12.51
N PHE A 644 -36.43 -14.68 -13.09
CA PHE A 644 -35.37 -15.63 -13.40
C PHE A 644 -34.30 -14.99 -14.28
N VAL A 645 -34.74 -14.36 -15.37
CA VAL A 645 -33.81 -13.71 -16.29
C VAL A 645 -33.03 -12.64 -15.57
N SER A 646 -33.71 -11.85 -14.74
CA SER A 646 -33.06 -10.78 -14.01
C SER A 646 -31.99 -11.32 -13.06
N PHE A 647 -32.32 -12.38 -12.30
CA PHE A 647 -31.40 -12.89 -11.29
C PHE A 647 -30.14 -13.48 -11.90
N TRP A 648 -30.30 -14.38 -12.88
CA TRP A 648 -29.12 -14.91 -13.55
C TRP A 648 -28.38 -13.89 -14.41
N VAL A 649 -29.05 -12.93 -15.03
CA VAL A 649 -28.32 -11.85 -15.69
C VAL A 649 -27.48 -11.09 -14.66
N ALA A 650 -28.05 -10.81 -13.49
CA ALA A 650 -27.32 -10.11 -12.45
C ALA A 650 -26.12 -10.91 -11.98
N VAL A 651 -26.29 -12.22 -11.79
CA VAL A 651 -25.20 -13.01 -11.21
C VAL A 651 -24.13 -13.37 -12.24
N ILE A 652 -24.43 -13.27 -13.54
CA ILE A 652 -23.42 -13.57 -14.55
C ILE A 652 -22.79 -12.31 -15.16
N LEU A 653 -23.41 -11.14 -15.02
CA LEU A 653 -22.91 -9.94 -15.68
C LEU A 653 -22.48 -8.84 -14.71
N TYR A 654 -22.61 -9.05 -13.41
CA TYR A 654 -22.21 -8.06 -12.42
C TYR A 654 -21.22 -8.66 -11.42
N GLN A 655 -20.22 -9.37 -11.93
CA GLN A 655 -19.17 -9.99 -11.12
C GLN A 655 -17.82 -9.33 -11.36
N SER A 656 -17.79 -8.10 -11.88
CA SER A 656 -16.55 -7.46 -12.27
C SER A 656 -16.06 -6.43 -11.27
N LEU A 657 -16.96 -5.69 -10.62
CA LEU A 657 -16.52 -4.66 -9.67
C LEU A 657 -15.84 -5.27 -8.46
N VAL A 658 -16.15 -6.52 -8.11
CA VAL A 658 -15.48 -7.15 -6.97
C VAL A 658 -13.99 -7.31 -7.29
N PRO A 659 -13.10 -6.96 -6.37
CA PRO A 659 -11.66 -7.10 -6.65
C PRO A 659 -11.26 -8.56 -6.71
N ILE A 660 -10.61 -8.94 -7.81
CA ILE A 660 -10.18 -10.32 -8.01
C ILE A 660 -8.80 -10.49 -7.37
N SER A 661 -7.82 -9.75 -7.86
CA SER A 661 -6.44 -9.93 -7.47
C SER A 661 -6.02 -9.03 -6.30
N LEU A 662 -6.89 -8.12 -5.85
CA LEU A 662 -6.51 -7.23 -4.75
C LEU A 662 -6.23 -8.01 -3.48
N TYR A 663 -7.08 -9.00 -3.18
CA TYR A 663 -6.94 -9.79 -1.97
C TYR A 663 -5.61 -10.52 -1.91
N ILE A 664 -4.95 -10.73 -3.05
CA ILE A 664 -3.61 -11.32 -3.05
C ILE A 664 -2.58 -10.23 -3.33
N SER A 665 -2.96 -9.22 -4.12
CA SER A 665 -2.00 -8.19 -4.49
C SER A 665 -1.52 -7.39 -3.29
N VAL A 666 -2.37 -7.26 -2.26
CA VAL A 666 -1.95 -6.50 -1.08
C VAL A 666 -0.74 -7.16 -0.43
N GLU A 667 -0.80 -8.48 -0.20
CA GLU A 667 0.36 -9.12 0.41
C GLU A 667 1.48 -9.33 -0.60
N ILE A 668 1.16 -9.37 -1.90
CA ILE A 668 2.23 -9.35 -2.90
C ILE A 668 3.08 -8.11 -2.73
N ILE A 669 2.43 -6.95 -2.65
CA ILE A 669 3.13 -5.69 -2.47
C ILE A 669 3.85 -5.67 -1.12
N LYS A 670 3.19 -6.16 -0.07
CA LYS A 670 3.82 -6.17 1.25
C LYS A 670 5.10 -6.97 1.25
N THR A 671 5.07 -8.21 0.74
CA THR A 671 6.27 -9.03 0.71
C THR A 671 7.33 -8.43 -0.21
N ALA A 672 6.91 -7.81 -1.32
CA ALA A 672 7.88 -7.18 -2.21
C ALA A 672 8.66 -6.10 -1.48
N GLN A 673 7.95 -5.17 -0.83
CA GLN A 673 8.68 -4.11 -0.16
C GLN A 673 9.45 -4.64 1.05
N ALA A 674 8.94 -5.70 1.68
CA ALA A 674 9.68 -6.28 2.80
C ALA A 674 11.00 -6.88 2.34
N ILE A 675 11.01 -7.58 1.21
CA ILE A 675 12.27 -8.15 0.74
C ILE A 675 13.20 -7.05 0.24
N PHE A 676 12.65 -5.95 -0.30
CA PHE A 676 13.50 -4.80 -0.57
C PHE A 676 14.08 -4.19 0.72
N ILE A 677 13.33 -4.26 1.82
CA ILE A 677 13.90 -3.87 3.11
C ILE A 677 15.04 -4.80 3.49
N TYR A 678 14.85 -6.10 3.28
CA TYR A 678 15.83 -7.09 3.72
C TYR A 678 17.17 -6.94 2.98
N THR A 679 17.14 -6.43 1.75
CA THR A 679 18.35 -6.32 0.94
C THR A 679 18.99 -4.94 1.04
N ASP A 680 18.84 -4.27 2.18
CA ASP A 680 19.42 -2.94 2.39
C ASP A 680 20.82 -3.11 2.94
N VAL A 681 21.83 -2.91 2.08
CA VAL A 681 23.21 -3.03 2.53
C VAL A 681 23.56 -1.92 3.51
N LEU A 682 22.84 -0.80 3.47
CA LEU A 682 23.05 0.23 4.47
C LEU A 682 22.45 -0.16 5.81
N LEU A 683 21.52 -1.12 5.82
CA LEU A 683 20.98 -1.69 7.04
C LEU A 683 21.72 -2.96 7.46
N TYR A 684 22.98 -3.09 7.06
CA TYR A 684 23.77 -4.29 7.29
C TYR A 684 24.82 -3.99 8.35
N ASN A 685 24.80 -4.77 9.43
CA ASN A 685 25.77 -4.58 10.51
C ASN A 685 27.16 -5.01 10.06
N ALA A 686 28.17 -4.28 10.52
CA ALA A 686 29.57 -4.57 10.20
C ALA A 686 30.23 -5.44 11.25
N LYS A 687 30.19 -5.01 12.51
CA LYS A 687 30.79 -5.80 13.59
C LYS A 687 29.93 -7.01 13.93
N LEU A 688 28.68 -6.76 14.34
CA LEU A 688 27.80 -7.86 14.70
C LEU A 688 27.36 -8.67 13.49
N ASP A 689 27.27 -8.02 12.33
CA ASP A 689 26.92 -8.66 11.05
C ASP A 689 25.56 -9.35 11.13
N TYR A 690 24.53 -8.53 11.35
CA TYR A 690 23.15 -9.00 11.39
C TYR A 690 22.26 -7.96 10.74
N PRO A 691 21.94 -8.12 9.46
CA PRO A 691 21.04 -7.18 8.79
C PRO A 691 19.62 -7.33 9.28
N CYS A 692 18.76 -6.43 8.82
CA CYS A 692 17.35 -6.46 9.19
C CYS A 692 16.68 -7.64 8.50
N THR A 693 16.29 -8.64 9.29
CA THR A 693 15.65 -9.83 8.77
C THR A 693 14.18 -9.83 9.12
N PRO A 694 13.28 -9.57 8.17
CA PRO A 694 11.85 -9.61 8.47
C PRO A 694 11.39 -11.02 8.80
N LYS A 695 10.46 -11.11 9.74
CA LYS A 695 9.82 -12.38 10.08
C LYS A 695 8.41 -12.45 9.51
N SER A 696 7.55 -11.49 9.87
CA SER A 696 6.19 -11.45 9.38
C SER A 696 6.13 -10.53 8.16
N TRP A 697 5.83 -11.10 7.00
CA TRP A 697 5.75 -10.34 5.76
C TRP A 697 4.43 -9.60 5.61
N ASN A 698 3.49 -9.81 6.54
CA ASN A 698 2.16 -9.23 6.43
C ASN A 698 2.10 -7.78 6.89
N ILE A 699 2.50 -7.51 8.13
CA ILE A 699 2.33 -6.21 8.74
C ILE A 699 3.62 -5.43 8.54
N SER A 700 3.62 -4.53 7.56
CA SER A 700 4.71 -3.58 7.37
C SER A 700 4.23 -2.17 7.08
N ASP A 701 2.96 -1.96 6.76
CA ASP A 701 2.46 -0.63 6.46
C ASP A 701 2.39 0.26 7.69
N ASP A 702 2.36 -0.32 8.88
CA ASP A 702 2.29 0.48 10.11
C ASP A 702 3.59 1.20 10.41
N LEU A 703 4.70 0.85 9.74
CA LEU A 703 6.00 1.42 10.08
C LEU A 703 6.12 2.88 9.69
N GLY A 704 5.17 3.44 8.95
CA GLY A 704 5.21 4.85 8.63
C GLY A 704 4.32 5.68 9.51
N GLN A 705 3.37 5.03 10.18
CA GLN A 705 2.42 5.70 11.06
C GLN A 705 2.75 5.51 12.53
N ILE A 706 3.99 5.09 12.84
CA ILE A 706 4.39 4.93 14.23
C ILE A 706 4.40 6.28 14.92
N GLU A 707 3.84 6.33 16.13
CA GLU A 707 3.88 7.53 16.96
C GLU A 707 4.28 7.22 18.40
N TYR A 708 4.67 5.99 18.70
CA TYR A 708 5.05 5.61 20.05
C TYR A 708 6.07 4.49 19.99
N ILE A 709 7.14 4.62 20.77
CA ILE A 709 8.20 3.63 20.83
C ILE A 709 8.34 3.17 22.28
N PHE A 710 8.37 1.87 22.49
CA PHE A 710 8.61 1.28 23.80
C PHE A 710 9.97 0.62 23.79
N SER A 711 10.85 1.05 24.70
CA SER A 711 12.26 0.65 24.67
C SER A 711 12.69 0.12 26.03
N ASP A 712 13.47 -0.97 26.01
CA ASP A 712 14.07 -1.54 27.20
C ASP A 712 15.54 -1.15 27.23
N LYS A 713 15.90 -0.26 28.16
CA LYS A 713 17.24 0.29 28.20
C LYS A 713 18.29 -0.70 28.72
N THR A 714 17.87 -1.89 29.17
CA THR A 714 18.85 -2.85 29.66
C THR A 714 19.84 -3.24 28.56
N GLY A 715 19.35 -3.42 27.35
CA GLY A 715 20.23 -3.76 26.24
C GLY A 715 20.16 -2.81 25.06
N THR A 716 19.03 -2.11 24.90
CA THR A 716 18.85 -1.26 23.73
C THR A 716 19.56 0.07 23.87
N LEU A 717 19.18 0.87 24.88
CA LEU A 717 19.76 2.18 25.04
C LEU A 717 21.25 2.10 25.32
N THR A 718 21.67 1.15 26.16
CA THR A 718 23.06 0.95 26.47
C THR A 718 23.44 -0.52 26.26
N GLN A 719 24.62 -0.74 25.69
CA GLN A 719 25.11 -2.09 25.51
C GLN A 719 25.49 -2.70 26.85
N ASN A 720 25.46 -4.02 26.92
CA ASN A 720 25.79 -4.73 28.14
C ASN A 720 27.30 -4.88 28.33
N VAL A 721 28.04 -3.80 28.16
CA VAL A 721 29.48 -3.76 28.37
C VAL A 721 29.71 -3.08 29.72
N MET A 722 30.01 -3.87 30.74
CA MET A 722 30.09 -3.36 32.10
C MET A 722 31.40 -2.62 32.31
N GLU A 723 31.38 -1.67 33.25
CA GLU A 723 32.59 -0.97 33.64
C GLU A 723 32.58 -0.70 35.13
N PHE A 724 33.71 -0.96 35.80
CA PHE A 724 33.84 -0.75 37.23
C PHE A 724 34.27 0.68 37.51
N LYS A 725 33.50 1.38 38.34
CA LYS A 725 33.80 2.76 38.71
C LYS A 725 34.07 2.91 40.19
N LYS A 726 33.16 2.46 41.06
CA LYS A 726 33.30 2.62 42.49
C LYS A 726 32.87 1.33 43.18
N CYS A 727 32.93 1.34 44.52
CA CYS A 727 32.50 0.21 45.33
C CYS A 727 32.33 0.68 46.76
N THR A 728 31.21 0.30 47.37
CA THR A 728 30.89 0.71 48.74
C THR A 728 31.19 -0.45 49.69
N ILE A 729 32.17 -0.26 50.57
CA ILE A 729 32.55 -1.23 51.57
C ILE A 729 32.45 -0.56 52.94
N ASN A 730 31.54 -1.06 53.78
CA ASN A 730 31.36 -0.54 55.14
C ASN A 730 31.11 0.96 55.12
N GLY A 731 30.34 1.42 54.14
CA GLY A 731 30.03 2.83 54.03
C GLY A 731 31.13 3.70 53.46
N VAL A 732 32.20 3.11 52.93
CA VAL A 732 33.30 3.85 52.33
C VAL A 732 33.30 3.57 50.84
N SER A 733 33.35 4.64 50.03
CA SER A 733 33.32 4.53 48.58
C SER A 733 34.75 4.56 48.06
N TYR A 734 35.17 3.47 47.41
CA TYR A 734 36.49 3.35 46.81
C TYR A 734 36.35 3.38 45.30
N GLY A 735 37.17 4.20 44.64
CA GLY A 735 37.14 4.29 43.20
C GLY A 735 36.94 5.71 42.72
N ARG A 736 37.86 6.21 41.90
CA ARG A 736 37.79 7.56 41.37
C ARG A 736 38.24 7.54 39.92
N ALA A 737 37.40 8.03 39.03
CA ALA A 737 37.70 8.09 37.61
C ALA A 737 36.88 9.22 36.99
N TYR A 738 36.86 9.28 35.67
CA TYR A 738 36.12 10.32 34.96
C TYR A 738 35.55 9.73 33.68
N THR A 739 34.24 9.49 33.67
CA THR A 739 33.55 8.95 32.50
C THR A 739 32.83 10.07 31.76
N GLU A 740 32.24 9.72 30.62
CA GLU A 740 31.49 10.70 29.84
C GLU A 740 30.24 11.17 30.59
N ALA A 741 29.65 10.30 31.42
CA ALA A 741 28.50 10.71 32.22
C ALA A 741 28.88 11.80 33.22
N LEU A 742 30.05 11.67 33.84
CA LEU A 742 30.51 12.70 34.76
C LEU A 742 30.73 14.02 34.04
N ALA A 743 31.31 13.97 32.83
CA ALA A 743 31.50 15.19 32.04
C ALA A 743 30.17 15.82 31.69
N GLY A 744 29.18 15.01 31.30
CA GLY A 744 27.87 15.55 30.99
C GLY A 744 27.21 16.19 32.19
N LEU A 745 27.31 15.55 33.36
CA LEU A 745 26.77 16.13 34.58
C LEU A 745 27.45 17.45 34.92
N ARG A 746 28.78 17.50 34.79
CA ARG A 746 29.50 18.73 35.10
C ARG A 746 29.11 19.85 34.13
N LYS A 747 28.96 19.51 32.84
CA LYS A 747 28.63 20.54 31.87
C LYS A 747 27.19 21.00 31.99
N ARG A 748 26.29 20.13 32.46
CA ARG A 748 24.93 20.55 32.72
C ARG A 748 24.77 21.22 34.08
N GLN A 749 25.77 21.10 34.95
CA GLN A 749 25.76 21.79 36.23
C GLN A 749 26.31 23.21 36.14
N GLY A 750 26.89 23.59 35.00
CA GLY A 750 27.41 24.93 34.81
C GLY A 750 28.85 25.13 35.25
N VAL A 751 29.48 24.12 35.83
CA VAL A 751 30.86 24.26 36.30
C VAL A 751 31.82 24.06 35.13
N ASP A 752 33.08 24.43 35.32
CA ASP A 752 34.08 24.27 34.27
C ASP A 752 34.27 22.79 33.95
N VAL A 753 34.43 22.49 32.67
CA VAL A 753 34.55 21.10 32.22
C VAL A 753 35.77 20.85 31.35
N GLU A 754 36.35 21.85 30.69
CA GLU A 754 37.51 21.60 29.85
C GLU A 754 38.79 21.55 30.68
N SER A 755 39.14 22.67 31.32
CA SER A 755 40.30 22.68 32.20
C SER A 755 40.10 21.74 33.39
N GLU A 756 38.90 21.79 33.99
CA GLU A 756 38.61 20.90 35.11
C GLU A 756 38.60 19.43 34.66
N GLY A 757 38.06 19.16 33.48
CA GLY A 757 38.08 17.80 32.97
C GLY A 757 39.49 17.28 32.72
N ARG A 758 40.34 18.11 32.14
CA ARG A 758 41.74 17.71 31.92
C ARG A 758 42.46 17.52 33.25
N ARG A 759 42.20 18.39 34.22
CA ARG A 759 42.80 18.23 35.55
C ARG A 759 42.36 16.92 36.19
N GLU A 760 41.07 16.59 36.09
CA GLU A 760 40.59 15.33 36.63
C GLU A 760 41.20 14.14 35.92
N LYS A 761 41.35 14.23 34.59
CA LYS A 761 41.95 13.14 33.83
C LYS A 761 43.41 12.92 34.24
N GLU A 762 44.17 14.01 34.40
CA GLU A 762 45.56 13.85 34.81
C GLU A 762 45.66 13.39 36.26
N GLU A 763 44.70 13.78 37.11
CA GLU A 763 44.66 13.27 38.47
C GLU A 763 44.39 11.77 38.49
N ILE A 764 43.49 11.31 37.63
CA ILE A 764 43.22 9.88 37.54
C ILE A 764 44.45 9.14 36.99
N ALA A 765 45.16 9.76 36.05
CA ALA A 765 46.38 9.15 35.55
C ALA A 765 47.43 9.03 36.66
N LYS A 766 47.57 10.07 37.49
CA LYS A 766 48.48 10.01 38.62
C LYS A 766 48.03 8.95 39.63
N ASP A 767 46.73 8.83 39.84
CA ASP A 767 46.21 7.79 40.73
C ASP A 767 46.55 6.40 40.22
N ARG A 768 46.40 6.18 38.91
CA ARG A 768 46.78 4.90 38.32
C ARG A 768 48.27 4.66 38.47
N GLU A 769 49.09 5.69 38.24
CA GLU A 769 50.53 5.54 38.36
C GLU A 769 50.93 5.15 39.78
N THR A 770 50.41 5.86 40.77
CA THR A 770 50.76 5.53 42.15
C THR A 770 50.17 4.18 42.56
N MET A 771 49.01 3.81 42.02
CA MET A 771 48.43 2.51 42.35
C MET A 771 49.31 1.39 41.83
N ILE A 772 49.74 1.48 40.57
CA ILE A 772 50.58 0.42 40.01
C ILE A 772 51.95 0.41 40.70
N ASP A 773 52.48 1.59 41.04
CA ASP A 773 53.76 1.64 41.74
C ASP A 773 53.67 0.97 43.11
N GLU A 774 52.61 1.27 43.87
CA GLU A 774 52.42 0.64 45.17
C GLU A 774 52.19 -0.85 45.03
N LEU A 775 51.43 -1.27 44.03
CA LEU A 775 51.18 -2.69 43.81
C LEU A 775 52.47 -3.43 43.52
N ARG A 776 53.35 -2.84 42.69
CA ARG A 776 54.63 -3.46 42.41
C ARG A 776 55.52 -3.47 43.65
N SER A 777 55.50 -2.38 44.43
CA SER A 777 56.42 -2.26 45.55
C SER A 777 56.06 -3.21 46.69
N MET A 778 54.78 -3.28 47.06
CA MET A 778 54.39 -4.04 48.24
C MET A 778 54.52 -5.54 48.03
N SER A 779 54.19 -6.01 46.83
CA SER A 779 54.23 -7.45 46.54
C SER A 779 54.24 -7.61 45.02
N ASP A 780 54.04 -8.85 44.57
CA ASP A 780 53.93 -9.16 43.14
C ASP A 780 52.66 -9.97 42.93
N ASN A 781 51.79 -9.50 42.04
CA ASN A 781 50.52 -10.16 41.77
C ASN A 781 50.65 -11.05 40.53
N THR A 782 49.66 -11.93 40.37
CA THR A 782 49.63 -12.88 39.27
C THR A 782 48.88 -12.34 38.05
N GLN A 783 48.32 -11.14 38.13
CA GLN A 783 47.54 -10.56 37.05
C GLN A 783 48.21 -9.30 36.52
N PHE A 784 49.55 -9.28 36.49
CA PHE A 784 50.27 -8.15 35.95
C PHE A 784 50.07 -8.09 34.44
N CYS A 785 49.76 -6.90 33.93
CA CYS A 785 49.42 -6.73 32.53
C CYS A 785 49.51 -5.26 32.14
N PRO A 786 50.19 -4.94 31.03
CA PRO A 786 50.38 -3.52 30.67
C PRO A 786 49.14 -2.86 30.06
N GLU A 787 48.22 -3.63 29.50
CA GLU A 787 47.08 -3.04 28.81
C GLU A 787 45.75 -3.58 29.32
N ASP A 788 45.76 -4.80 29.86
CA ASP A 788 44.52 -5.41 30.33
C ASP A 788 44.10 -4.86 31.70
N LEU A 789 44.98 -4.17 32.40
CA LEU A 789 44.66 -3.65 33.72
C LEU A 789 43.66 -2.51 33.62
N THR A 790 42.57 -2.60 34.39
CA THR A 790 41.56 -1.55 34.47
C THR A 790 41.36 -1.05 35.89
N PHE A 791 42.14 -1.52 36.85
CA PHE A 791 42.02 -1.12 38.25
C PHE A 791 42.80 0.17 38.48
N VAL A 792 42.12 1.20 38.98
CA VAL A 792 42.72 2.52 39.12
C VAL A 792 42.50 3.03 40.54
N SER A 793 41.61 2.40 41.27
CA SER A 793 41.27 2.86 42.61
C SER A 793 42.45 2.67 43.55
N LYS A 794 42.99 3.77 44.06
CA LYS A 794 44.14 3.72 44.96
C LYS A 794 43.73 3.60 46.43
N GLU A 795 42.52 4.06 46.77
CA GLU A 795 42.10 4.03 48.17
C GLU A 795 41.95 2.59 48.67
N ILE A 796 41.40 1.70 47.86
CA ILE A 796 41.13 0.35 48.32
C ILE A 796 42.33 -0.58 48.15
N VAL A 797 43.24 -0.26 47.22
CA VAL A 797 44.41 -1.11 47.04
C VAL A 797 45.32 -1.04 48.26
N GLU A 798 45.36 0.11 48.93
CA GLU A 798 46.11 0.26 50.17
C GLU A 798 45.29 -0.07 51.40
N ASP A 799 43.96 -0.04 51.31
CA ASP A 799 43.09 -0.33 52.44
C ASP A 799 42.84 -1.82 52.62
N LEU A 800 43.71 -2.66 52.07
CA LEU A 800 43.53 -4.10 52.17
C LEU A 800 44.13 -4.68 53.44
N LYS A 801 45.36 -4.29 53.78
CA LYS A 801 46.04 -4.91 54.92
C LYS A 801 45.62 -4.25 56.23
N GLY A 802 46.00 -2.99 56.43
CA GLY A 802 45.74 -2.32 57.70
C GLY A 802 45.53 -0.83 57.65
N SER A 803 45.22 -0.29 56.47
CA SER A 803 45.24 1.17 56.30
C SER A 803 44.22 1.86 57.19
N SER A 804 43.01 1.33 57.27
CA SER A 804 41.93 1.95 58.04
C SER A 804 41.54 1.12 59.26
N GLY A 805 42.49 0.36 59.81
CA GLY A 805 42.25 -0.41 61.01
C GLY A 805 42.01 -1.89 60.72
N ASP A 806 42.10 -2.68 61.79
CA ASP A 806 41.91 -4.12 61.67
C ASP A 806 40.45 -4.47 61.36
N HIS A 807 39.51 -3.73 61.97
CA HIS A 807 38.10 -3.98 61.71
C HIS A 807 37.75 -3.68 60.25
N GLN A 808 38.36 -2.63 59.69
CA GLN A 808 38.15 -2.34 58.27
C GLN A 808 38.66 -3.48 57.40
N GLN A 809 39.82 -4.04 57.74
CA GLN A 809 40.33 -5.21 57.02
C GLN A 809 39.34 -6.37 57.12
N LYS A 810 38.90 -6.67 58.34
CA LYS A 810 37.98 -7.80 58.52
C LYS A 810 36.73 -7.62 57.68
N CYS A 811 36.12 -6.43 57.75
CA CYS A 811 34.88 -6.19 57.00
C CYS A 811 35.12 -6.19 55.49
N CYS A 812 36.25 -5.66 55.03
CA CYS A 812 36.47 -5.57 53.59
C CYS A 812 36.74 -6.94 52.97
N GLU A 813 37.61 -7.74 53.58
CA GLU A 813 37.75 -9.11 53.08
C GLU A 813 36.50 -9.94 53.30
N HIS A 814 35.71 -9.67 54.34
CA HIS A 814 34.45 -10.39 54.50
C HIS A 814 33.50 -10.07 53.36
N PHE A 815 33.40 -8.79 53.00
CA PHE A 815 32.55 -8.39 51.88
C PHE A 815 33.05 -8.98 50.56
N LEU A 816 34.37 -8.98 50.35
CA LEU A 816 34.93 -9.56 49.14
C LEU A 816 34.64 -11.05 49.04
N LEU A 817 34.80 -11.78 50.16
CA LEU A 817 34.50 -13.21 50.15
C LEU A 817 33.02 -13.46 49.93
N ALA A 818 32.15 -12.65 50.54
CA ALA A 818 30.72 -12.81 50.32
C ALA A 818 30.35 -12.59 48.87
N LEU A 819 30.93 -11.56 48.24
CA LEU A 819 30.65 -11.31 46.83
C LEU A 819 31.20 -12.42 45.94
N ALA A 820 32.41 -12.91 46.24
CA ALA A 820 32.98 -14.02 45.48
C ALA A 820 32.23 -15.32 45.73
N LEU A 821 31.40 -15.38 46.77
CA LEU A 821 30.52 -16.51 46.99
C LEU A 821 29.14 -16.29 46.40
N CYS A 822 28.91 -15.17 45.72
CA CYS A 822 27.60 -14.83 45.15
C CYS A 822 27.78 -14.47 43.68
N HIS A 823 27.62 -15.44 42.80
CA HIS A 823 27.65 -15.21 41.36
C HIS A 823 27.15 -16.46 40.66
N SER A 824 26.70 -16.26 39.41
CA SER A 824 26.28 -17.33 38.53
C SER A 824 27.03 -17.23 37.21
N VAL A 825 28.34 -17.03 37.31
CA VAL A 825 29.20 -16.72 36.18
C VAL A 825 30.02 -17.94 35.81
N LEU A 826 30.16 -18.17 34.51
CA LEU A 826 30.98 -19.25 33.98
C LEU A 826 32.35 -18.72 33.65
N VAL A 827 33.38 -19.36 34.20
CA VAL A 827 34.77 -18.94 34.02
C VAL A 827 35.49 -20.01 33.22
N GLU A 828 36.11 -19.60 32.11
CA GLU A 828 36.80 -20.51 31.22
C GLU A 828 38.19 -19.98 30.90
N PRO A 829 39.16 -20.88 30.73
CA PRO A 829 40.52 -20.44 30.40
C PRO A 829 40.63 -20.01 28.94
N ASN A 830 41.63 -19.18 28.68
CA ASN A 830 41.91 -18.75 27.32
C ASN A 830 42.59 -19.87 26.54
N LYS A 831 42.26 -19.96 25.25
CA LYS A 831 42.80 -21.02 24.42
C LYS A 831 44.31 -20.91 24.28
N ASP A 832 44.82 -19.70 24.06
CA ASP A 832 46.26 -19.51 23.92
C ASP A 832 46.99 -19.77 25.23
N ASP A 833 46.49 -19.16 26.32
CA ASP A 833 47.11 -19.31 27.63
C ASP A 833 46.05 -19.76 28.63
N PRO A 834 46.20 -20.94 29.23
CA PRO A 834 45.19 -21.40 30.21
C PRO A 834 45.05 -20.47 31.40
N LYS A 835 46.14 -19.82 31.83
CA LYS A 835 46.06 -18.94 33.00
C LYS A 835 45.23 -17.70 32.70
N LYS A 836 45.31 -17.19 31.46
CA LYS A 836 44.56 -16.00 31.10
C LYS A 836 43.07 -16.28 31.13
N LEU A 837 42.31 -15.29 31.60
CA LEU A 837 40.88 -15.45 31.85
C LEU A 837 40.06 -15.12 30.61
N ASP A 838 39.10 -15.97 30.31
CA ASP A 838 38.15 -15.79 29.20
C ASP A 838 36.73 -15.88 29.73
N ILE A 839 36.46 -15.15 30.79
CA ILE A 839 35.21 -15.26 31.55
C ILE A 839 34.06 -14.79 30.66
N LYS A 840 33.19 -15.72 30.26
CA LYS A 840 31.97 -15.42 29.54
C LYS A 840 30.80 -16.14 30.22
N ALA A 841 29.69 -15.43 30.37
CA ALA A 841 28.53 -15.98 31.06
C ALA A 841 27.28 -15.24 30.61
N GLN A 842 26.18 -15.45 31.34
CA GLN A 842 24.90 -14.83 31.00
C GLN A 842 24.66 -13.51 31.72
N SER A 843 25.32 -13.28 32.85
CA SER A 843 25.12 -12.06 33.63
C SER A 843 26.34 -11.15 33.47
N PRO A 844 26.25 -10.08 32.67
CA PRO A 844 27.42 -9.22 32.49
C PRO A 844 27.91 -8.57 33.76
N ASP A 845 26.99 -8.20 34.66
CA ASP A 845 27.39 -7.56 35.91
C ASP A 845 28.25 -8.49 36.77
N GLU A 846 27.82 -9.75 36.90
CA GLU A 846 28.59 -10.71 37.68
C GLU A 846 29.92 -11.02 37.02
N SER A 847 29.95 -11.06 35.68
CA SER A 847 31.20 -11.25 34.97
C SER A 847 32.16 -10.11 35.25
N ALA A 848 31.66 -8.87 35.25
CA ALA A 848 32.51 -7.73 35.58
C ALA A 848 32.99 -7.80 37.02
N LEU A 849 32.12 -8.21 37.93
CA LEU A 849 32.51 -8.31 39.34
C LEU A 849 33.63 -9.33 39.53
N VAL A 850 33.49 -10.50 38.90
CA VAL A 850 34.53 -11.50 39.06
C VAL A 850 35.81 -11.09 38.33
N SER A 851 35.69 -10.39 37.20
CA SER A 851 36.87 -9.91 36.50
C SER A 851 37.64 -8.90 37.35
N THR A 852 36.93 -7.96 37.97
CA THR A 852 37.61 -6.99 38.82
C THR A 852 38.14 -7.63 40.09
N ALA A 853 37.46 -8.67 40.59
CA ALA A 853 38.01 -9.42 41.71
C ALA A 853 39.32 -10.09 41.33
N ARG A 854 39.39 -10.66 40.13
CA ARG A 854 40.63 -11.24 39.64
C ARG A 854 41.71 -10.18 39.51
N GLN A 855 41.35 -9.01 38.98
CA GLN A 855 42.32 -7.95 38.80
C GLN A 855 42.88 -7.46 40.13
N LEU A 856 42.02 -7.33 41.14
CA LEU A 856 42.47 -6.83 42.44
C LEU A 856 43.18 -7.88 43.27
N GLY A 857 43.07 -9.16 42.92
CA GLY A 857 43.78 -10.18 43.66
C GLY A 857 43.03 -11.48 43.86
N TYR A 858 41.70 -11.42 43.88
CA TYR A 858 40.86 -12.62 44.02
C TYR A 858 40.67 -13.24 42.64
N SER A 859 41.72 -13.89 42.14
CA SER A 859 41.68 -14.47 40.81
C SER A 859 40.90 -15.77 40.85
N PHE A 860 39.76 -15.80 40.15
CA PHE A 860 38.91 -17.00 40.06
C PHE A 860 39.18 -17.64 38.71
N VAL A 861 40.11 -18.59 38.69
CA VAL A 861 40.55 -19.26 37.47
C VAL A 861 40.12 -20.72 37.52
N GLY A 862 39.52 -21.19 36.44
CA GLY A 862 39.08 -22.56 36.33
C GLY A 862 37.56 -22.65 36.14
N SER A 863 37.13 -23.81 35.65
CA SER A 863 35.73 -24.09 35.38
C SER A 863 35.29 -25.23 36.30
N SER A 864 34.83 -24.87 37.49
CA SER A 864 34.37 -25.84 38.48
C SER A 864 33.03 -25.39 39.02
N LYS A 865 32.01 -26.23 38.84
CA LYS A 865 30.66 -25.92 39.33
C LYS A 865 30.41 -26.40 40.75
N SER A 866 31.03 -27.52 41.14
CA SER A 866 30.88 -28.05 42.50
C SER A 866 31.93 -27.45 43.42
N GLY A 867 31.91 -26.11 43.49
CA GLY A 867 32.87 -25.39 44.29
C GLY A 867 33.66 -24.37 43.50
N LEU A 868 34.15 -23.34 44.18
CA LEU A 868 34.94 -22.29 43.55
C LEU A 868 36.38 -22.39 44.02
N ILE A 869 37.31 -22.20 43.09
CA ILE A 869 38.74 -22.23 43.36
C ILE A 869 39.28 -20.83 43.08
N VAL A 870 39.73 -20.14 44.13
CA VAL A 870 40.18 -18.76 44.02
C VAL A 870 41.57 -18.63 44.62
N GLU A 871 42.41 -17.84 43.96
CA GLU A 871 43.77 -17.59 44.41
C GLU A 871 43.94 -16.13 44.80
N ILE A 872 44.69 -15.90 45.87
CA ILE A 872 45.02 -14.58 46.37
C ILE A 872 46.53 -14.47 46.31
N GLN A 873 47.04 -13.78 45.28
CA GLN A 873 48.49 -13.60 45.07
C GLN A 873 49.22 -14.94 45.04
N GLY A 874 48.52 -16.01 44.67
CA GLY A 874 49.09 -17.33 44.58
C GLY A 874 48.55 -18.30 45.62
N VAL A 875 48.03 -17.79 46.73
CA VAL A 875 47.50 -18.66 47.78
C VAL A 875 46.14 -19.18 47.33
N GLN A 876 46.02 -20.50 47.17
CA GLN A 876 44.82 -21.10 46.61
C GLN A 876 43.87 -21.52 47.73
N LYS A 877 42.57 -21.42 47.45
CA LYS A 877 41.56 -21.87 48.39
C LYS A 877 40.32 -22.30 47.62
N GLU A 878 39.69 -23.37 48.09
CA GLU A 878 38.54 -23.97 47.41
C GLU A 878 37.36 -24.04 48.38
N PHE A 879 36.17 -23.80 47.84
CA PHE A 879 34.95 -23.85 48.64
C PHE A 879 33.79 -24.28 47.74
N GLN A 880 32.57 -24.09 48.22
CA GLN A 880 31.38 -24.45 47.45
C GLN A 880 30.18 -23.72 48.04
N VAL A 881 29.22 -23.42 47.16
CA VAL A 881 27.93 -22.84 47.57
C VAL A 881 26.90 -23.97 47.59
N LEU A 882 26.20 -24.09 48.72
CA LEU A 882 25.29 -25.23 48.90
C LEU A 882 24.06 -25.10 48.01
N ASN A 883 23.28 -24.03 48.20
CA ASN A 883 22.03 -23.84 47.46
C ASN A 883 22.06 -22.53 46.70
N VAL A 884 21.48 -22.54 45.51
CA VAL A 884 21.43 -21.36 44.65
C VAL A 884 20.01 -21.20 44.11
N LEU A 885 19.56 -19.95 44.03
CA LEU A 885 18.28 -19.59 43.44
C LEU A 885 18.52 -18.44 42.48
N GLU A 886 18.49 -18.74 41.18
CA GLU A 886 18.88 -17.77 40.17
C GLU A 886 17.88 -16.62 40.11
N PHE A 887 18.21 -15.63 39.28
CA PHE A 887 17.33 -14.47 39.11
C PHE A 887 16.01 -14.88 38.49
N ASN A 888 14.92 -14.37 39.04
CA ASN A 888 13.58 -14.62 38.52
C ASN A 888 12.96 -13.31 38.09
N SER A 889 12.12 -13.38 37.05
CA SER A 889 11.50 -12.17 36.52
C SER A 889 10.68 -11.45 37.57
N SER A 890 10.11 -12.18 38.52
CA SER A 890 9.37 -11.59 39.63
C SER A 890 10.25 -11.34 40.86
N ARG A 891 11.19 -12.24 41.14
CA ARG A 891 12.05 -12.08 42.30
C ARG A 891 12.95 -10.85 42.17
N LYS A 892 13.50 -10.62 40.98
CA LYS A 892 14.43 -9.52 40.72
C LYS A 892 15.65 -9.60 41.63
N ARG A 893 16.04 -10.82 42.00
CA ARG A 893 17.17 -11.02 42.91
C ARG A 893 17.69 -12.44 42.75
N MET A 894 18.90 -12.67 43.27
CA MET A 894 19.51 -13.99 43.30
C MET A 894 19.84 -14.34 44.74
N SER A 895 19.51 -15.57 45.12
CA SER A 895 19.73 -16.03 46.49
C SER A 895 20.80 -17.10 46.54
N CYS A 896 21.66 -17.03 47.55
CA CYS A 896 22.71 -18.03 47.74
C CYS A 896 22.75 -18.44 49.19
N ILE A 897 22.68 -19.74 49.43
CA ILE A 897 22.75 -20.32 50.77
C ILE A 897 24.04 -21.10 50.87
N ILE A 898 24.94 -20.67 51.75
CA ILE A 898 26.22 -21.34 51.96
C ILE A 898 26.26 -21.83 53.40
N LYS A 899 27.07 -22.86 53.64
CA LYS A 899 27.29 -23.39 54.98
C LYS A 899 28.76 -23.70 55.14
N ILE A 900 29.37 -23.17 56.20
CA ILE A 900 30.80 -23.30 56.44
C ILE A 900 30.99 -24.06 57.75
N PRO A 901 31.71 -25.19 57.74
CA PRO A 901 32.02 -25.87 58.99
C PRO A 901 33.18 -25.21 59.72
N GLY A 902 33.25 -25.49 61.02
CA GLY A 902 34.30 -24.94 61.85
C GLY A 902 35.64 -25.63 61.66
N GLU A 908 33.17 -23.35 64.44
CA GLU A 908 31.81 -22.81 64.49
C GLU A 908 31.14 -22.86 63.13
N PRO A 909 30.50 -23.98 62.82
CA PRO A 909 29.72 -24.05 61.57
C PRO A 909 28.61 -23.02 61.56
N LYS A 910 28.37 -22.42 60.40
CA LYS A 910 27.42 -21.33 60.28
C LYS A 910 26.89 -21.29 58.85
N ALA A 911 25.60 -20.98 58.70
CA ALA A 911 25.01 -20.83 57.38
C ALA A 911 24.77 -19.35 57.09
N LEU A 912 24.81 -19.00 55.81
CA LEU A 912 24.65 -17.63 55.37
C LEU A 912 23.73 -17.62 54.15
N LEU A 913 22.59 -16.92 54.28
CA LEU A 913 21.67 -16.68 53.18
C LEU A 913 21.89 -15.25 52.71
N ILE A 914 22.36 -15.09 51.47
CA ILE A 914 22.68 -13.79 50.90
C ILE A 914 21.79 -13.54 49.70
N CYS A 915 21.14 -12.38 49.69
CA CYS A 915 20.22 -11.97 48.63
C CYS A 915 20.83 -10.79 47.89
N LYS A 916 20.97 -10.93 46.58
CA LYS A 916 21.64 -9.96 45.72
C LYS A 916 20.63 -9.34 44.76
N GLY A 917 20.52 -8.03 44.78
CA GLY A 917 19.57 -7.39 43.90
C GLY A 917 19.59 -5.88 44.03
N ALA A 918 18.49 -5.27 43.61
CA ALA A 918 18.33 -3.82 43.64
C ALA A 918 17.83 -3.37 45.01
N ASP A 919 17.78 -2.06 45.20
CA ASP A 919 17.41 -1.49 46.50
C ASP A 919 15.97 -1.82 46.86
N SER A 920 15.06 -1.76 45.88
CA SER A 920 13.64 -1.93 46.19
C SER A 920 13.34 -3.33 46.72
N VAL A 921 13.95 -4.35 46.11
CA VAL A 921 13.66 -5.72 46.52
C VAL A 921 14.37 -6.10 47.81
N ILE A 922 15.50 -5.47 48.11
CA ILE A 922 16.26 -5.81 49.30
C ILE A 922 15.76 -5.05 50.53
N TYR A 923 15.54 -3.74 50.42
CA TYR A 923 15.00 -2.99 51.53
C TYR A 923 13.56 -3.38 51.87
N SER A 924 12.87 -4.07 50.96
CA SER A 924 11.50 -4.51 51.24
C SER A 924 11.47 -5.50 52.41
N ARG A 925 12.42 -6.42 52.45
CA ARG A 925 12.46 -7.47 53.46
C ARG A 925 13.77 -7.36 54.23
N LEU A 926 13.66 -7.17 55.55
CA LEU A 926 14.81 -7.07 56.43
C LEU A 926 14.30 -7.13 57.87
N ASP A 927 15.24 -7.21 58.81
CA ASP A 927 14.91 -7.27 60.23
C ASP A 927 14.59 -5.85 60.71
N ARG A 928 13.29 -5.53 60.77
CA ARG A 928 12.88 -4.22 61.25
C ARG A 928 13.28 -4.01 62.70
N THR A 929 13.09 -5.04 63.54
CA THR A 929 13.44 -4.93 64.96
C THR A 929 14.95 -4.76 65.14
N GLN A 930 15.75 -5.49 64.38
CA GLN A 930 17.20 -5.48 64.51
C GLN A 930 17.79 -4.78 63.29
N ASN A 931 18.10 -3.49 63.44
CA ASN A 931 18.71 -2.71 62.37
C ASN A 931 19.90 -1.95 62.92
N ASP A 932 20.97 -1.88 62.12
CA ASP A 932 22.17 -1.16 62.55
C ASP A 932 21.93 0.34 62.60
N ALA A 933 21.10 0.86 61.69
CA ALA A 933 20.76 2.28 61.62
C ALA A 933 21.96 3.15 61.30
N THR A 934 23.12 2.52 61.07
CA THR A 934 24.33 3.21 60.66
C THR A 934 24.81 2.76 59.29
N LEU A 935 24.96 1.45 59.09
CA LEU A 935 25.31 0.93 57.77
C LEU A 935 24.17 1.13 56.79
N LEU A 936 22.92 1.07 57.27
CA LEU A 936 21.77 1.26 56.39
C LEU A 936 21.78 2.66 55.78
N GLU A 937 21.96 3.69 56.62
CA GLU A 937 21.99 5.06 56.11
C GLU A 937 23.16 5.30 55.18
N LYS A 938 24.34 4.75 55.55
CA LYS A 938 25.51 4.92 54.70
C LYS A 938 25.30 4.29 53.34
N THR A 939 24.79 3.06 53.31
CA THR A 939 24.52 2.39 52.04
C THR A 939 23.47 3.15 51.24
N ALA A 940 22.44 3.67 51.92
CA ALA A 940 21.39 4.41 51.23
C ALA A 940 21.95 5.65 50.55
N LEU A 941 22.78 6.41 51.27
CA LEU A 941 23.36 7.61 50.67
C LEU A 941 24.33 7.25 49.54
N HIS A 942 25.09 6.19 49.77
CA HIS A 942 26.05 5.71 48.77
C HIS A 942 25.34 5.40 47.46
N LEU A 943 24.25 4.64 47.54
CA LEU A 943 23.47 4.29 46.36
C LEU A 943 22.76 5.50 45.77
N GLU A 944 22.34 6.45 46.62
CA GLU A 944 21.68 7.64 46.12
C GLU A 944 22.61 8.44 45.22
N GLU A 945 23.81 8.77 45.71
CA GLU A 945 24.77 9.44 44.82
C GLU A 945 25.21 8.55 43.67
N TYR A 946 25.35 7.24 43.87
CA TYR A 946 25.74 6.37 42.76
C TYR A 946 24.74 6.46 41.62
N ALA A 947 23.46 6.46 41.94
CA ALA A 947 22.43 6.68 40.93
C ALA A 947 22.47 8.10 40.39
N THR A 948 22.88 9.06 41.23
CA THR A 948 22.95 10.45 40.79
C THR A 948 23.97 10.63 39.67
N GLU A 949 25.18 10.08 39.84
CA GLU A 949 26.14 10.04 38.74
C GLU A 949 26.02 8.79 37.89
N GLY A 950 24.98 7.98 38.09
CA GLY A 950 24.63 6.98 37.11
C GLY A 950 25.32 5.65 37.27
N LEU A 951 25.43 5.17 38.50
CA LEU A 951 26.00 3.86 38.79
C LEU A 951 24.88 2.88 39.08
N ARG A 952 24.85 1.78 38.34
CA ARG A 952 23.81 0.78 38.53
C ARG A 952 23.95 0.15 39.91
N THR A 953 22.88 0.21 40.70
CA THR A 953 22.92 -0.22 42.09
C THR A 953 22.84 -1.74 42.17
N LEU A 954 23.80 -2.33 42.87
CA LEU A 954 23.89 -3.78 43.07
C LEU A 954 24.18 -4.01 44.55
N CYS A 955 23.13 -4.22 45.34
CA CYS A 955 23.28 -4.36 46.79
C CYS A 955 23.06 -5.81 47.23
N LEU A 956 23.80 -6.20 48.26
CA LEU A 956 23.74 -7.55 48.82
C LEU A 956 23.31 -7.46 50.28
N ALA A 957 22.44 -8.38 50.69
CA ALA A 957 21.97 -8.48 52.06
C ALA A 957 22.31 -9.85 52.62
N GLN A 958 22.76 -9.88 53.87
CA GLN A 958 23.21 -11.11 54.52
C GLN A 958 22.27 -11.51 55.64
N ARG A 959 22.15 -12.81 55.86
CA ARG A 959 21.33 -13.36 56.93
C ARG A 959 22.07 -14.55 57.53
N GLU A 960 22.40 -14.45 58.82
CA GLU A 960 23.16 -15.50 59.50
C GLU A 960 22.24 -16.56 60.06
N LEU A 961 22.71 -17.80 60.04
CA LEU A 961 21.97 -18.96 60.54
C LEU A 961 22.91 -19.73 61.46
N THR A 962 22.57 -19.77 62.75
CA THR A 962 23.40 -20.44 63.75
C THR A 962 23.12 -21.94 63.75
N TRP A 963 23.65 -22.65 64.74
CA TRP A 963 23.50 -24.10 64.80
C TRP A 963 22.03 -24.50 64.93
N SER A 964 21.31 -23.86 65.86
CA SER A 964 19.87 -24.11 65.97
C SER A 964 19.15 -23.66 64.72
N GLU A 965 19.54 -22.51 64.17
CA GLU A 965 18.95 -22.04 62.93
C GLU A 965 19.26 -22.97 61.77
N TYR A 966 20.49 -23.49 61.71
CA TYR A 966 20.83 -24.44 60.66
C TYR A 966 20.01 -25.73 60.81
N GLU A 967 19.83 -26.20 62.03
CA GLU A 967 19.05 -27.41 62.25
C GLU A 967 17.59 -27.22 61.86
N ARG A 968 17.00 -26.07 62.22
CA ARG A 968 15.61 -25.83 61.83
C ARG A 968 15.50 -25.61 60.33
N TRP A 969 16.52 -25.02 59.70
CA TRP A 969 16.54 -24.93 58.24
C TRP A 969 16.55 -26.31 57.60
N VAL A 970 17.37 -27.22 58.12
CA VAL A 970 17.42 -28.57 57.58
C VAL A 970 16.09 -29.27 57.77
N LYS A 971 15.48 -29.12 58.94
CA LYS A 971 14.18 -29.74 59.19
C LYS A 971 13.11 -29.19 58.26
N THR A 972 13.08 -27.88 58.07
CA THR A 972 12.11 -27.27 57.16
C THR A 972 12.34 -27.74 55.73
N TYR A 973 13.61 -27.87 55.31
CA TYR A 973 13.92 -28.34 53.97
C TYR A 973 13.45 -29.77 53.77
N ASP A 974 13.69 -30.65 54.75
CA ASP A 974 13.31 -32.05 54.58
C ASP A 974 11.81 -32.28 54.78
N VAL A 975 11.11 -31.35 55.44
CA VAL A 975 9.65 -31.49 55.56
C VAL A 975 8.90 -30.82 54.42
N ALA A 976 9.51 -29.82 53.76
CA ALA A 976 8.90 -29.14 52.63
C ALA A 976 9.36 -29.69 51.28
N ALA A 977 10.22 -30.70 51.28
CA ALA A 977 10.67 -31.32 50.04
C ALA A 977 9.70 -32.38 49.52
N ALA A 978 8.71 -32.76 50.31
CA ALA A 978 7.71 -33.75 49.92
C ALA A 978 6.58 -33.14 49.09
N SER A 979 6.70 -31.89 48.69
CA SER A 979 5.69 -31.22 47.88
C SER A 979 5.91 -31.54 46.41
N VAL A 980 4.84 -31.94 45.73
CA VAL A 980 4.87 -32.32 44.32
C VAL A 980 3.69 -31.62 43.66
N THR A 981 3.59 -31.71 42.33
CA THR A 981 2.50 -31.13 41.56
C THR A 981 2.45 -29.61 41.72
N ASN A 982 3.47 -28.97 41.12
CA ASN A 982 3.68 -27.53 41.16
C ASN A 982 3.98 -27.07 42.58
N ARG A 983 5.05 -27.63 43.15
CA ARG A 983 5.50 -27.23 44.48
C ARG A 983 6.05 -25.81 44.52
N GLU A 984 6.27 -25.20 43.35
CA GLU A 984 6.95 -23.90 43.32
C GLU A 984 6.16 -22.83 44.08
N GLU A 985 4.83 -22.88 43.99
CA GLU A 985 4.02 -21.91 44.72
C GLU A 985 4.21 -22.05 46.22
N GLU A 986 4.12 -23.28 46.73
CA GLU A 986 4.29 -23.52 48.15
C GLU A 986 5.68 -23.10 48.62
N LEU A 987 6.71 -23.44 47.83
CA LEU A 987 8.06 -23.06 48.21
C LEU A 987 8.25 -21.55 48.22
N ASP A 988 7.71 -20.86 47.22
CA ASP A 988 7.82 -19.40 47.19
C ASP A 988 7.13 -18.78 48.41
N LYS A 989 5.92 -19.24 48.71
CA LYS A 989 5.21 -18.68 49.85
C LYS A 989 5.92 -18.95 51.17
N VAL A 990 6.40 -20.19 51.37
CA VAL A 990 7.05 -20.49 52.64
C VAL A 990 8.36 -19.73 52.78
N THR A 991 9.14 -19.63 51.70
CA THR A 991 10.38 -18.86 51.76
C THR A 991 10.10 -17.39 52.05
N ASP A 992 9.07 -16.82 51.41
CA ASP A 992 8.73 -15.43 51.65
C ASP A 992 8.31 -15.20 53.10
N VAL A 993 7.49 -16.10 53.66
CA VAL A 993 6.96 -15.86 55.00
C VAL A 993 8.05 -16.08 56.05
N ILE A 994 8.93 -17.06 55.84
CA ILE A 994 9.97 -17.34 56.85
C ILE A 994 11.27 -16.61 56.58
N GLU A 995 11.34 -15.81 55.51
CA GLU A 995 12.57 -15.11 55.14
C GLU A 995 12.47 -13.63 55.47
N ARG A 996 11.86 -13.30 56.61
CA ARG A 996 11.62 -11.92 56.99
C ARG A 996 12.86 -11.24 57.58
N GLU A 997 13.90 -11.98 57.90
CA GLU A 997 15.10 -11.43 58.55
C GLU A 997 16.20 -11.27 57.51
N LEU A 998 16.67 -10.03 57.34
CA LEU A 998 17.77 -9.74 56.44
C LEU A 998 18.57 -8.58 56.99
N ILE A 999 19.88 -8.61 56.75
CA ILE A 999 20.80 -7.55 57.13
C ILE A 999 21.67 -7.23 55.92
N LEU A 1000 21.80 -5.95 55.61
CA LEU A 1000 22.60 -5.51 54.47
C LEU A 1000 24.05 -5.32 54.88
N LEU A 1001 24.96 -5.65 53.97
CA LEU A 1001 26.40 -5.45 54.21
C LEU A 1001 27.03 -4.58 53.13
N GLY A 1002 26.24 -4.02 52.21
CA GLY A 1002 26.78 -3.10 51.22
C GLY A 1002 26.47 -3.48 49.78
N GLY A 1003 27.32 -3.04 48.87
CA GLY A 1003 27.13 -3.33 47.47
C GLY A 1003 28.25 -2.74 46.64
N THR A 1004 28.15 -2.94 45.33
CA THR A 1004 29.15 -2.49 44.38
C THR A 1004 28.56 -1.40 43.49
N ALA A 1005 29.38 -0.92 42.55
CA ALA A 1005 28.96 0.11 41.61
C ALA A 1005 29.47 -0.26 40.22
N ILE A 1006 28.55 -0.34 39.27
CA ILE A 1006 28.87 -0.68 37.88
C ILE A 1006 28.19 0.33 36.98
N GLU A 1007 28.80 0.62 35.83
CA GLU A 1007 28.25 1.55 34.86
C GLU A 1007 28.24 0.90 33.48
N ASP A 1008 27.40 1.44 32.60
CA ASP A 1008 27.18 0.87 31.28
C ASP A 1008 27.49 1.91 30.22
N ARG A 1009 28.05 1.46 29.11
CA ARG A 1009 28.34 2.33 27.98
C ARG A 1009 27.19 2.32 26.98
N LEU A 1010 27.02 3.45 26.29
CA LEU A 1010 25.94 3.59 25.33
C LEU A 1010 26.28 2.89 24.02
N GLN A 1011 25.35 2.96 23.07
CA GLN A 1011 25.56 2.44 21.74
C GLN A 1011 26.39 3.43 20.94
N ASP A 1012 26.44 3.25 19.62
CA ASP A 1012 27.13 4.18 18.73
C ASP A 1012 26.10 5.07 18.04
N GLY A 1013 26.30 6.39 18.15
CA GLY A 1013 25.42 7.34 17.52
C GLY A 1013 24.00 7.37 18.07
N VAL A 1014 23.88 7.34 19.39
CA VAL A 1014 22.58 7.42 20.05
C VAL A 1014 22.03 8.85 20.07
N PRO A 1015 22.78 9.86 20.55
CA PRO A 1015 22.16 11.17 20.74
C PRO A 1015 21.62 11.78 19.46
N ASP A 1016 22.41 11.78 18.38
CA ASP A 1016 21.94 12.39 17.14
C ASP A 1016 20.71 11.68 16.60
N SER A 1017 20.73 10.34 16.64
CA SER A 1017 19.59 9.58 16.13
C SER A 1017 18.33 9.85 16.92
N ILE A 1018 18.40 9.77 18.25
CA ILE A 1018 17.20 9.99 19.04
C ILE A 1018 16.74 11.44 18.92
N ALA A 1019 17.68 12.38 18.80
CA ALA A 1019 17.29 13.78 18.62
C ALA A 1019 16.56 13.98 17.30
N LEU A 1020 17.02 13.35 16.22
CA LEU A 1020 16.33 13.55 14.94
C LEU A 1020 14.99 12.83 14.92
N LEU A 1021 14.86 11.70 15.62
CA LEU A 1021 13.53 11.11 15.81
C LEU A 1021 12.61 12.06 16.59
N ALA A 1022 13.13 12.66 17.66
CA ALA A 1022 12.31 13.59 18.44
C ALA A 1022 11.89 14.78 17.59
N GLU A 1023 12.82 15.30 16.77
CA GLU A 1023 12.50 16.38 15.85
C GLU A 1023 11.57 15.92 14.74
N ALA A 1024 11.48 14.62 14.49
CA ALA A 1024 10.53 14.10 13.53
C ALA A 1024 9.10 14.17 14.03
N GLY A 1025 8.88 14.53 15.29
CA GLY A 1025 7.54 14.66 15.83
C GLY A 1025 6.97 13.40 16.45
N ILE A 1026 7.81 12.43 16.78
CA ILE A 1026 7.35 11.16 17.32
C ILE A 1026 7.76 11.07 18.79
N LYS A 1027 6.96 10.36 19.56
CA LYS A 1027 7.19 10.21 21.00
C LYS A 1027 7.64 8.79 21.29
N LEU A 1028 8.56 8.64 22.24
CA LEU A 1028 9.10 7.35 22.61
C LEU A 1028 9.00 7.15 24.12
N TRP A 1029 8.84 5.89 24.52
CA TRP A 1029 8.79 5.51 25.91
C TRP A 1029 9.94 4.57 26.19
N VAL A 1030 10.56 4.70 27.36
CA VAL A 1030 11.71 3.88 27.71
C VAL A 1030 11.44 3.27 29.09
N LEU A 1031 11.83 2.01 29.25
CA LEU A 1031 11.47 1.21 30.42
C LEU A 1031 12.70 0.61 31.07
N THR A 1032 12.60 0.39 32.38
CA THR A 1032 13.64 -0.27 33.16
C THR A 1032 13.01 -0.70 34.49
N GLY A 1033 13.81 -1.35 35.33
CA GLY A 1033 13.33 -1.79 36.62
C GLY A 1033 14.25 -1.45 37.77
N ASP A 1034 15.48 -1.04 37.46
CA ASP A 1034 16.47 -0.74 38.50
C ASP A 1034 16.04 0.44 39.38
N LYS A 1035 15.98 1.63 38.82
CA LYS A 1035 15.53 2.82 39.53
C LYS A 1035 15.40 3.97 38.53
N VAL A 1036 15.09 5.15 39.03
CA VAL A 1036 14.81 6.31 38.20
C VAL A 1036 16.05 7.16 37.98
N GLU A 1037 16.85 7.39 39.03
CA GLU A 1037 17.95 8.34 38.94
C GLU A 1037 18.98 7.90 37.90
N THR A 1038 19.35 6.62 37.90
CA THR A 1038 20.20 6.11 36.84
C THR A 1038 19.54 6.26 35.49
N ALA A 1039 18.23 6.03 35.43
CA ALA A 1039 17.50 6.13 34.17
C ALA A 1039 17.54 7.56 33.62
N ILE A 1040 17.22 8.54 34.48
CA ILE A 1040 17.23 9.93 34.02
C ILE A 1040 18.65 10.36 33.70
N ASN A 1041 19.65 9.83 34.40
CA ASN A 1041 21.02 10.19 34.07
C ASN A 1041 21.45 9.64 32.72
N ILE A 1042 21.05 8.40 32.41
CA ILE A 1042 21.34 7.86 31.09
C ILE A 1042 20.64 8.68 30.01
N GLY A 1043 19.40 9.10 30.28
CA GLY A 1043 18.72 9.98 29.35
C GLY A 1043 19.43 11.31 29.18
N PHE A 1044 20.01 11.83 30.26
CA PHE A 1044 20.73 13.10 30.20
C PHE A 1044 22.07 12.97 29.50
N SER A 1045 22.71 11.80 29.58
CA SER A 1045 23.97 11.60 28.89
C SER A 1045 23.79 11.71 27.38
N CYS A 1046 22.73 11.10 26.87
CA CYS A 1046 22.27 11.38 25.51
C CYS A 1046 21.39 12.64 25.56
N ASN A 1047 20.77 13.00 24.44
CA ASN A 1047 20.03 14.25 24.36
C ASN A 1047 18.52 14.04 24.26
N VAL A 1048 18.04 12.85 24.63
CA VAL A 1048 16.59 12.64 24.68
C VAL A 1048 15.98 13.46 25.81
N LEU A 1049 16.69 13.61 26.92
CA LEU A 1049 16.21 14.35 28.09
C LEU A 1049 16.98 15.67 28.16
N ASN A 1050 16.42 16.70 27.56
CA ASN A 1050 17.03 18.03 27.61
C ASN A 1050 16.62 18.72 28.91
N ASN A 1051 17.04 19.98 29.04
CA ASN A 1051 16.68 20.79 30.21
C ASN A 1051 15.37 21.50 29.93
N ASP A 1052 15.05 22.51 30.76
CA ASP A 1052 13.88 23.36 30.58
C ASP A 1052 12.58 22.59 30.76
N MET A 1053 12.61 21.52 31.53
CA MET A 1053 11.40 20.76 31.85
C MET A 1053 11.52 20.18 33.26
N GLU A 1054 10.44 20.26 34.02
CA GLU A 1054 10.40 19.70 35.36
C GLU A 1054 9.82 18.29 35.32
N LEU A 1055 10.01 17.58 36.43
CA LEU A 1055 9.69 16.16 36.53
C LEU A 1055 8.31 15.99 37.14
N LEU A 1056 7.45 15.23 36.47
CA LEU A 1056 6.11 14.93 36.97
C LEU A 1056 6.16 13.60 37.73
N VAL A 1057 7.04 13.57 38.72
CA VAL A 1057 7.29 12.33 39.47
C VAL A 1057 6.11 12.05 40.39
N VAL A 1058 5.69 10.79 40.44
CA VAL A 1058 4.52 10.39 41.22
C VAL A 1058 4.95 9.26 42.16
N LYS A 1059 6.21 9.30 42.58
CA LYS A 1059 6.74 8.25 43.45
C LYS A 1059 5.99 8.22 44.77
N ALA A 1060 5.56 7.03 45.17
CA ALA A 1060 4.94 6.83 46.49
C ALA A 1060 5.97 6.40 47.52
N SER A 1061 7.06 7.15 47.61
CA SER A 1061 8.16 6.83 48.51
C SER A 1061 9.02 8.07 48.68
N GLY A 1062 10.19 7.91 49.29
CA GLY A 1062 11.11 9.01 49.44
C GLY A 1062 10.73 9.94 50.58
N GLU A 1063 11.28 11.16 50.52
CA GLU A 1063 11.10 12.13 51.59
C GLU A 1063 9.62 12.45 51.80
N ASP A 1064 8.78 12.25 50.78
CA ASP A 1064 7.36 12.52 50.92
C ASP A 1064 6.69 11.64 51.97
N VAL A 1065 7.33 10.54 52.37
CA VAL A 1065 6.77 9.70 53.41
C VAL A 1065 6.97 10.34 54.79
N GLU A 1066 7.95 11.24 54.92
CA GLU A 1066 8.23 11.84 56.22
C GLU A 1066 7.08 12.72 56.70
N GLU A 1067 6.50 13.52 55.80
CA GLU A 1067 5.46 14.47 56.19
C GLU A 1067 4.05 14.02 55.85
N PHE A 1068 3.88 13.17 54.84
CA PHE A 1068 2.57 12.71 54.41
C PHE A 1068 2.60 11.19 54.19
N GLY A 1069 3.25 10.48 55.11
CA GLY A 1069 3.35 9.04 55.02
C GLY A 1069 2.05 8.30 55.24
N SER A 1070 1.54 7.67 54.19
CA SER A 1070 0.31 6.92 54.26
C SER A 1070 0.35 5.81 53.21
N ASP A 1071 -0.78 5.11 53.04
CA ASP A 1071 -0.86 4.08 52.02
C ASP A 1071 -0.86 4.71 50.62
N PRO A 1072 -0.24 4.05 49.64
CA PRO A 1072 0.11 4.75 48.39
C PRO A 1072 -1.07 5.20 47.53
N ILE A 1073 -2.22 4.53 47.62
CA ILE A 1073 -3.29 4.77 46.65
C ILE A 1073 -3.77 6.22 46.71
N GLN A 1074 -4.09 6.69 47.92
CA GLN A 1074 -4.62 8.04 48.04
C GLN A 1074 -3.58 9.11 47.77
N VAL A 1075 -2.32 8.87 48.15
CA VAL A 1075 -1.30 9.90 47.89
C VAL A 1075 -1.04 10.03 46.40
N VAL A 1076 -0.97 8.90 45.68
CA VAL A 1076 -0.77 8.99 44.24
C VAL A 1076 -2.02 9.58 43.57
N ASN A 1077 -3.20 9.28 44.11
CA ASN A 1077 -4.42 9.88 43.59
C ASN A 1077 -4.41 11.40 43.76
N ASN A 1078 -4.01 11.88 44.94
CA ASN A 1078 -3.94 13.31 45.18
C ASN A 1078 -2.95 13.97 44.24
N LEU A 1079 -1.77 13.36 44.05
CA LEU A 1079 -0.76 13.98 43.20
C LEU A 1079 -1.18 13.96 41.73
N VAL A 1080 -1.79 12.87 41.27
CA VAL A 1080 -2.23 12.85 39.88
C VAL A 1080 -3.40 13.80 39.66
N THR A 1081 -4.25 13.99 40.66
CA THR A 1081 -5.30 15.01 40.54
C THR A 1081 -4.70 16.40 40.47
N LYS A 1082 -3.66 16.65 41.27
CA LYS A 1082 -2.95 17.91 41.18
C LYS A 1082 -2.40 18.12 39.78
N TYR A 1083 -1.77 17.09 39.21
CA TYR A 1083 -1.21 17.20 37.86
C TYR A 1083 -2.31 17.41 36.83
N LEU A 1084 -3.42 16.71 36.97
CA LEU A 1084 -4.52 16.73 36.02
C LEU A 1084 -5.39 17.97 36.14
N ARG A 1085 -5.27 18.72 37.23
CA ARG A 1085 -6.05 19.94 37.42
C ARG A 1085 -5.21 21.21 37.24
N GLU A 1086 -4.13 21.35 38.01
CA GLU A 1086 -3.38 22.60 38.00
C GLU A 1086 -2.03 22.50 37.31
N LYS A 1087 -1.64 21.33 36.81
CA LYS A 1087 -0.45 21.25 35.97
C LYS A 1087 -0.80 21.20 34.50
N PHE A 1088 -1.77 20.35 34.13
CA PHE A 1088 -2.34 20.35 32.80
C PHE A 1088 -3.85 20.27 32.94
N GLY A 1089 -4.56 20.84 31.97
CA GLY A 1089 -6.01 20.79 32.02
C GLY A 1089 -6.63 19.66 31.23
N MET A 1090 -6.93 18.54 31.91
CA MET A 1090 -7.76 17.48 31.36
C MET A 1090 -8.67 16.88 32.43
N SER A 1091 -9.12 17.70 33.38
CA SER A 1091 -9.93 17.20 34.48
C SER A 1091 -11.25 16.63 33.97
N GLY A 1092 -11.38 15.31 34.01
CA GLY A 1092 -12.57 14.66 33.51
C GLY A 1092 -12.32 13.19 33.29
N SER A 1093 -13.33 12.53 32.74
CA SER A 1093 -13.26 11.09 32.53
C SER A 1093 -13.55 10.67 31.10
N GLU A 1094 -14.46 11.36 30.41
CA GLU A 1094 -14.88 10.96 29.07
C GLU A 1094 -14.50 11.96 28.00
N GLU A 1095 -14.77 13.24 28.21
CA GLU A 1095 -14.53 14.23 27.17
C GLU A 1095 -13.06 14.30 26.78
N GLU A 1096 -12.17 14.29 27.78
CA GLU A 1096 -10.75 14.43 27.49
C GLU A 1096 -10.20 13.21 26.76
N LEU A 1097 -10.67 12.01 27.13
CA LEU A 1097 -10.22 10.80 26.45
C LEU A 1097 -10.65 10.82 24.98
N LYS A 1098 -11.90 11.21 24.72
CA LYS A 1098 -12.37 11.30 23.34
C LYS A 1098 -11.61 12.38 22.57
N GLU A 1099 -11.31 13.51 23.21
CA GLU A 1099 -10.54 14.55 22.55
C GLU A 1099 -9.15 14.03 22.20
N ALA A 1100 -8.52 13.29 23.10
CA ALA A 1100 -7.19 12.73 22.83
C ALA A 1100 -7.24 11.73 21.68
N LYS A 1101 -8.25 10.86 21.68
CA LYS A 1101 -8.34 9.86 20.62
C LYS A 1101 -8.69 10.50 19.28
N ARG A 1102 -9.39 11.64 19.30
CA ARG A 1102 -9.71 12.35 18.07
C ARG A 1102 -8.51 13.12 17.55
N GLU A 1103 -7.68 13.66 18.44
CA GLU A 1103 -6.55 14.48 18.01
C GLU A 1103 -5.41 13.63 17.46
N HIS A 1104 -5.36 12.34 17.83
CA HIS A 1104 -4.39 11.38 17.30
C HIS A 1104 -2.95 11.76 17.62
N GLY A 1105 -2.73 12.41 18.75
CA GLY A 1105 -1.37 12.64 19.23
C GLY A 1105 -0.62 13.75 18.54
N LEU A 1106 0.18 14.48 19.31
CA LEU A 1106 1.04 15.55 18.79
C LEU A 1106 2.05 15.92 19.85
N PRO A 1107 3.33 16.02 19.51
CA PRO A 1107 4.33 16.40 20.53
C PRO A 1107 4.25 17.85 20.94
N GLN A 1108 3.76 18.11 22.15
CA GLN A 1108 3.68 19.46 22.68
C GLN A 1108 3.79 19.40 24.20
N GLY A 1109 4.20 20.52 24.78
CA GLY A 1109 4.38 20.58 26.23
C GLY A 1109 5.55 19.73 26.69
N ASN A 1110 6.76 20.15 26.35
CA ASN A 1110 7.94 19.32 26.61
C ASN A 1110 8.29 19.25 28.08
N PHE A 1111 7.70 18.28 28.79
CA PHE A 1111 8.00 18.02 30.20
C PHE A 1111 8.45 16.58 30.37
N ALA A 1112 8.55 16.12 31.62
CA ALA A 1112 8.92 14.75 31.92
C ALA A 1112 8.06 14.22 33.05
N VAL A 1113 7.62 12.98 32.92
CA VAL A 1113 6.74 12.34 33.90
C VAL A 1113 7.41 11.08 34.41
N ILE A 1114 7.34 10.86 35.73
CA ILE A 1114 7.94 9.71 36.38
C ILE A 1114 6.88 9.01 37.21
N ILE A 1115 6.86 7.68 37.13
CA ILE A 1115 5.95 6.86 37.91
C ILE A 1115 6.77 5.84 38.68
N ASP A 1116 6.22 5.39 39.81
CA ASP A 1116 6.86 4.38 40.65
C ASP A 1116 6.13 3.05 40.50
N GLY A 1117 6.70 2.01 41.11
CA GLY A 1117 6.16 0.67 40.95
C GLY A 1117 4.78 0.51 41.56
N ASP A 1118 4.58 1.05 42.77
CA ASP A 1118 3.32 0.85 43.46
C ASP A 1118 2.16 1.52 42.72
N ALA A 1119 2.37 2.73 42.22
CA ALA A 1119 1.31 3.43 41.51
C ALA A 1119 0.96 2.71 40.21
N LEU A 1120 1.97 2.21 39.49
CA LEU A 1120 1.69 1.44 38.29
C LEU A 1120 0.95 0.14 38.61
N LYS A 1121 1.33 -0.52 39.72
CA LYS A 1121 0.67 -1.74 40.12
C LYS A 1121 -0.80 -1.50 40.44
N VAL A 1122 -1.10 -0.41 41.16
CA VAL A 1122 -2.48 -0.12 41.51
C VAL A 1122 -3.25 0.53 40.37
N ALA A 1123 -2.55 1.03 39.35
CA ALA A 1123 -3.23 1.68 38.24
C ALA A 1123 -4.09 0.69 37.45
N LEU A 1124 -3.68 -0.58 37.40
CA LEU A 1124 -4.45 -1.59 36.69
C LEU A 1124 -5.78 -1.91 37.35
N ASN A 1125 -5.99 -1.46 38.59
CA ASN A 1125 -7.20 -1.78 39.34
C ASN A 1125 -8.31 -0.76 39.13
N GLY A 1126 -8.01 0.40 38.56
CA GLY A 1126 -9.01 1.46 38.44
C GLY A 1126 -9.26 1.94 37.04
N GLU A 1127 -10.53 1.91 36.61
CA GLU A 1127 -10.88 2.45 35.31
C GLU A 1127 -10.61 3.94 35.24
N GLU A 1128 -11.01 4.68 36.28
CA GLU A 1128 -10.70 6.10 36.33
C GLU A 1128 -9.19 6.30 36.39
N MET A 1129 -8.49 5.43 37.12
CA MET A 1129 -7.04 5.56 37.19
C MET A 1129 -6.40 5.32 35.83
N ARG A 1130 -6.86 4.32 35.09
CA ARG A 1130 -6.24 4.10 33.78
C ARG A 1130 -6.54 5.24 32.82
N ARG A 1131 -7.78 5.75 32.82
CA ARG A 1131 -8.06 6.84 31.89
C ARG A 1131 -7.30 8.10 32.26
N LYS A 1132 -7.17 8.40 33.56
CA LYS A 1132 -6.42 9.58 33.95
C LYS A 1132 -4.92 9.41 33.68
N PHE A 1133 -4.39 8.20 33.83
CA PHE A 1133 -3.00 7.96 33.48
C PHE A 1133 -2.77 8.13 31.99
N LEU A 1134 -3.70 7.64 31.17
CA LEU A 1134 -3.58 7.82 29.73
C LEU A 1134 -3.66 9.29 29.35
N LEU A 1135 -4.51 10.05 30.04
CA LEU A 1135 -4.60 11.48 29.76
C LEU A 1135 -3.31 12.20 30.15
N LEU A 1136 -2.75 11.89 31.32
CA LEU A 1136 -1.56 12.61 31.78
C LEU A 1136 -0.30 12.20 31.04
N CYS A 1137 -0.29 11.03 30.41
CA CYS A 1137 0.89 10.58 29.66
C CYS A 1137 0.96 11.18 28.26
N LYS A 1138 0.28 12.29 28.04
CA LYS A 1138 0.31 12.97 26.74
C LYS A 1138 1.45 13.98 26.70
N ASN A 1139 2.49 13.72 27.48
CA ASN A 1139 3.69 14.55 27.46
C ASN A 1139 4.32 14.52 26.06
N CYS A 1140 5.32 15.39 25.87
CA CYS A 1140 5.92 15.54 24.56
C CYS A 1140 6.78 14.33 24.19
N LYS A 1141 7.87 14.12 24.95
CA LYS A 1141 8.83 13.08 24.58
C LYS A 1141 9.17 12.16 25.74
N ALA A 1142 9.13 12.66 26.97
CA ALA A 1142 9.71 11.98 28.11
C ALA A 1142 8.64 11.22 28.88
N VAL A 1143 8.81 9.89 28.96
CA VAL A 1143 7.99 9.03 29.81
C VAL A 1143 8.90 7.95 30.38
N LEU A 1144 8.88 7.78 31.70
CA LEU A 1144 9.76 6.84 32.38
C LEU A 1144 9.00 6.08 33.44
N CYS A 1145 9.25 4.77 33.51
CA CYS A 1145 8.64 3.90 34.51
C CYS A 1145 9.69 2.94 35.05
N CYS A 1146 9.64 2.67 36.35
CA CYS A 1146 10.59 1.77 37.00
C CYS A 1146 9.86 0.95 38.06
N ARG A 1147 10.59 0.02 38.67
CA ARG A 1147 10.08 -0.86 39.72
C ARG A 1147 8.85 -1.66 39.26
N VAL A 1148 8.85 -2.10 38.01
CA VAL A 1148 7.69 -2.81 37.47
C VAL A 1148 8.17 -4.10 36.80
N SER A 1149 7.37 -5.15 36.94
CA SER A 1149 7.61 -6.42 36.30
C SER A 1149 7.19 -6.37 34.83
N PRO A 1150 7.72 -7.26 34.00
CA PRO A 1150 7.31 -7.25 32.58
C PRO A 1150 5.82 -7.43 32.39
N ALA A 1151 5.15 -8.19 33.27
CA ALA A 1151 3.71 -8.33 33.16
C ALA A 1151 2.99 -7.00 33.35
N GLN A 1152 3.42 -6.21 34.33
CA GLN A 1152 2.77 -4.93 34.61
C GLN A 1152 2.95 -3.96 33.45
N LYS A 1153 4.16 -3.87 32.91
CA LYS A 1153 4.39 -2.97 31.80
C LYS A 1153 3.75 -3.49 30.51
N ALA A 1154 3.62 -4.80 30.35
CA ALA A 1154 2.82 -5.32 29.24
C ALA A 1154 1.36 -4.92 29.39
N ALA A 1155 0.85 -4.95 30.62
CA ALA A 1155 -0.52 -4.52 30.86
C ALA A 1155 -0.71 -3.05 30.52
N VAL A 1156 0.25 -2.21 30.90
CA VAL A 1156 0.12 -0.79 30.57
C VAL A 1156 0.28 -0.57 29.07
N VAL A 1157 1.11 -1.39 28.41
CA VAL A 1157 1.25 -1.29 26.96
C VAL A 1157 -0.08 -1.59 26.27
N LYS A 1158 -0.74 -2.68 26.69
CA LYS A 1158 -2.02 -3.01 26.08
C LYS A 1158 -3.11 -2.02 26.48
N LEU A 1159 -3.00 -1.41 27.67
CA LEU A 1159 -3.91 -0.32 28.02
C LEU A 1159 -3.77 0.85 27.05
N VAL A 1160 -2.55 1.33 26.85
CA VAL A 1160 -2.36 2.46 25.94
C VAL A 1160 -2.67 2.08 24.51
N LYS A 1161 -2.59 0.79 24.16
CA LYS A 1161 -2.96 0.36 22.82
C LYS A 1161 -4.48 0.35 22.63
N LYS A 1162 -5.23 -0.13 23.62
CA LYS A 1162 -6.68 -0.23 23.47
C LYS A 1162 -7.32 1.13 23.27
N THR A 1163 -7.25 1.99 24.29
CA THR A 1163 -7.80 3.33 24.19
C THR A 1163 -6.87 4.23 23.38
N LEU A 1164 -7.47 5.11 22.59
CA LEU A 1164 -6.70 6.00 21.73
C LEU A 1164 -5.65 5.10 21.08
N ASP A 1165 -6.09 4.19 20.21
CA ASP A 1165 -5.16 3.26 19.60
C ASP A 1165 -4.20 3.96 18.66
N VAL A 1166 -2.91 3.72 18.87
CA VAL A 1166 -1.84 4.25 18.04
C VAL A 1166 -0.82 3.13 17.83
N MET A 1167 -0.27 3.05 16.63
CA MET A 1167 0.74 2.04 16.34
C MET A 1167 1.94 2.22 17.27
N THR A 1168 2.35 1.14 17.92
CA THR A 1168 3.39 1.16 18.93
C THR A 1168 4.57 0.30 18.50
N LEU A 1169 5.78 0.82 18.69
CA LEU A 1169 7.00 0.06 18.47
C LEU A 1169 7.42 -0.61 19.78
N ALA A 1170 7.97 -1.81 19.67
CA ALA A 1170 8.32 -2.63 20.83
C ALA A 1170 9.78 -3.05 20.76
N ILE A 1171 10.67 -2.09 20.53
CA ILE A 1171 12.10 -2.38 20.53
C ILE A 1171 12.52 -2.81 21.93
N GLY A 1172 13.30 -3.89 22.01
CA GLY A 1172 13.71 -4.42 23.29
C GLY A 1172 14.89 -5.34 23.14
N ASP A 1173 15.61 -5.53 24.25
CA ASP A 1173 16.77 -6.42 24.29
C ASP A 1173 16.83 -7.02 25.69
N GLY A 1174 16.38 -8.27 25.82
CA GLY A 1174 16.39 -8.94 27.10
C GLY A 1174 15.39 -10.07 27.12
N SER A 1175 15.04 -10.50 28.33
CA SER A 1175 14.04 -11.54 28.53
C SER A 1175 12.68 -10.98 28.91
N ASN A 1176 12.64 -9.82 29.58
CA ASN A 1176 11.38 -9.19 29.94
C ASN A 1176 10.69 -8.54 28.76
N ASP A 1177 11.40 -8.36 27.63
CA ASP A 1177 10.84 -7.68 26.47
C ASP A 1177 9.92 -8.54 25.64
N VAL A 1178 9.90 -9.86 25.86
CA VAL A 1178 9.07 -10.74 25.05
C VAL A 1178 7.59 -10.41 25.28
N ALA A 1179 7.23 -10.06 26.52
CA ALA A 1179 5.86 -9.63 26.79
C ALA A 1179 5.53 -8.34 26.05
N MET A 1180 6.54 -7.48 25.85
CA MET A 1180 6.32 -6.27 25.08
C MET A 1180 5.99 -6.59 23.63
N ILE A 1181 6.78 -7.45 23.01
CA ILE A 1181 6.63 -7.72 21.58
C ILE A 1181 5.38 -8.54 21.32
N GLN A 1182 5.08 -9.53 22.17
CA GLN A 1182 3.92 -10.38 21.91
C GLN A 1182 2.62 -9.58 21.99
N SER A 1183 2.59 -8.51 22.78
CA SER A 1183 1.44 -7.62 22.84
C SER A 1183 1.93 -6.24 22.39
N ALA A 1184 1.93 -6.02 21.09
CA ALA A 1184 2.36 -4.76 20.51
C ALA A 1184 1.88 -4.68 19.08
N ASP A 1185 1.80 -3.45 18.57
CA ASP A 1185 1.48 -3.25 17.15
C ASP A 1185 2.60 -3.81 16.27
N VAL A 1186 3.85 -3.55 16.63
CA VAL A 1186 5.00 -4.02 15.87
C VAL A 1186 6.22 -3.96 16.78
N GLY A 1187 7.11 -4.93 16.63
CA GLY A 1187 8.28 -5.02 17.47
C GLY A 1187 9.54 -5.28 16.67
N VAL A 1188 10.66 -4.79 17.21
CA VAL A 1188 11.98 -4.97 16.61
C VAL A 1188 12.91 -5.53 17.67
N GLY A 1189 13.70 -6.54 17.30
CA GLY A 1189 14.59 -7.19 18.22
C GLY A 1189 16.03 -6.69 18.12
N ILE A 1190 16.79 -6.99 19.18
CA ILE A 1190 18.20 -6.61 19.27
C ILE A 1190 19.01 -7.86 19.63
N ALA A 1191 20.12 -8.07 18.91
CA ALA A 1191 21.01 -9.20 19.17
C ALA A 1191 22.07 -8.79 20.20
N GLY A 1192 21.63 -8.75 21.46
CA GLY A 1192 22.50 -8.34 22.54
C GLY A 1192 22.81 -9.45 23.54
N GLU A 1193 22.09 -9.44 24.65
CA GLU A 1193 22.32 -10.38 25.74
C GLU A 1193 21.68 -11.72 25.42
N GLU A 1194 21.56 -12.58 26.43
CA GLU A 1194 20.92 -13.88 26.24
C GLU A 1194 19.45 -13.76 25.85
N GLY A 1195 18.86 -12.57 26.02
CA GLY A 1195 17.49 -12.35 25.65
C GLY A 1195 17.31 -12.13 24.16
N ARG A 1196 18.38 -12.40 23.40
CA ARG A 1196 18.29 -12.35 21.94
C ARG A 1196 17.22 -13.30 21.42
N GLN A 1197 16.91 -14.35 22.17
CA GLN A 1197 15.82 -15.25 21.81
C GLN A 1197 14.51 -14.51 21.56
N ALA A 1198 14.41 -13.25 22.00
CA ALA A 1198 13.20 -12.48 21.75
C ALA A 1198 12.96 -12.22 20.27
N VAL A 1199 14.03 -12.27 19.45
CA VAL A 1199 13.86 -11.90 18.05
C VAL A 1199 12.98 -12.91 17.31
N MET A 1200 13.07 -14.20 17.66
CA MET A 1200 12.17 -15.16 17.04
C MET A 1200 10.71 -14.86 17.36
N CYS A 1201 10.43 -14.50 18.60
CA CYS A 1201 9.09 -14.04 18.97
C CYS A 1201 8.94 -12.54 18.75
N SER A 1202 9.28 -12.10 17.54
CA SER A 1202 9.26 -10.68 17.20
C SER A 1202 8.85 -10.53 15.74
N ASP A 1203 8.91 -9.31 15.23
CA ASP A 1203 8.62 -9.01 13.84
C ASP A 1203 9.86 -8.68 13.02
N TYR A 1204 10.79 -7.91 13.58
CA TYR A 1204 12.01 -7.55 12.89
C TYR A 1204 13.18 -7.68 13.85
N ALA A 1205 14.37 -7.84 13.29
CA ALA A 1205 15.58 -7.95 14.08
C ALA A 1205 16.65 -7.07 13.46
N ILE A 1206 17.57 -6.60 14.30
CA ILE A 1206 18.67 -5.76 13.85
C ILE A 1206 19.81 -5.90 14.85
N GLY A 1207 21.04 -5.76 14.35
CA GLY A 1207 22.20 -5.95 15.20
C GLY A 1207 22.27 -4.92 16.32
N GLN A 1208 22.05 -3.66 15.99
CA GLN A 1208 22.16 -2.58 16.96
C GLN A 1208 21.00 -1.61 16.77
N PHE A 1209 20.70 -0.87 17.84
CA PHE A 1209 19.58 0.06 17.84
C PHE A 1209 19.76 1.18 16.81
N ARG A 1210 21.00 1.62 16.59
CA ARG A 1210 21.24 2.81 15.79
C ARG A 1210 20.74 2.65 14.35
N TYR A 1211 20.51 1.42 13.89
CA TYR A 1211 20.02 1.23 12.53
C TYR A 1211 18.54 1.55 12.40
N VAL A 1212 17.76 1.38 13.47
CA VAL A 1212 16.31 1.52 13.35
C VAL A 1212 15.93 2.93 12.94
N THR A 1213 16.81 3.89 13.20
CA THR A 1213 16.59 5.26 12.73
C THR A 1213 16.30 5.31 11.24
N ARG A 1214 17.07 4.55 10.46
CA ARG A 1214 16.82 4.51 9.02
C ARG A 1214 15.58 3.70 8.68
N LEU A 1215 15.22 2.73 9.52
CA LEU A 1215 14.11 1.85 9.18
C LEU A 1215 12.77 2.57 9.30
N VAL A 1216 12.42 2.99 10.52
CA VAL A 1216 11.08 3.53 10.74
C VAL A 1216 10.93 4.89 10.09
N LEU A 1217 11.96 5.73 10.16
CA LEU A 1217 11.82 7.10 9.69
C LEU A 1217 11.80 7.17 8.17
N VAL A 1218 12.68 6.41 7.51
CA VAL A 1218 12.87 6.56 6.07
C VAL A 1218 12.01 5.56 5.31
N HIS A 1219 12.26 4.27 5.54
CA HIS A 1219 11.63 3.24 4.72
C HIS A 1219 10.17 3.02 5.13
N GLY A 1220 9.86 3.09 6.42
CA GLY A 1220 8.49 2.91 6.86
C GLY A 1220 7.58 3.99 6.33
N LYS A 1221 8.04 5.24 6.32
CA LYS A 1221 7.24 6.34 5.78
C LYS A 1221 6.98 6.13 4.29
N TRP A 1222 7.99 5.69 3.55
CA TRP A 1222 7.82 5.39 2.13
C TRP A 1222 6.77 4.29 1.95
N CYS A 1223 6.86 3.25 2.77
CA CYS A 1223 5.85 2.19 2.75
C CYS A 1223 4.45 2.76 2.94
N TYR A 1224 4.27 3.55 3.98
CA TYR A 1224 2.94 4.06 4.30
C TYR A 1224 2.39 4.91 3.17
N LYS A 1225 3.21 5.84 2.66
CA LYS A 1225 2.73 6.71 1.60
C LYS A 1225 2.43 5.94 0.32
N ARG A 1226 3.32 5.01 -0.05
CA ARG A 1226 3.12 4.25 -1.28
C ARG A 1226 1.84 3.43 -1.21
N LEU A 1227 1.60 2.75 -0.10
CA LEU A 1227 0.39 1.96 0.04
C LEU A 1227 -0.85 2.85 0.03
N ALA A 1228 -0.84 3.91 0.86
CA ALA A 1228 -2.00 4.76 0.99
C ALA A 1228 -2.30 5.54 -0.28
N GLU A 1229 -1.33 5.65 -1.20
CA GLU A 1229 -1.64 6.29 -2.47
C GLU A 1229 -2.06 5.28 -3.53
N MET A 1230 -1.42 4.10 -3.55
CA MET A 1230 -1.67 3.16 -4.63
C MET A 1230 -2.99 2.40 -4.46
N ILE A 1231 -3.39 2.09 -3.22
CA ILE A 1231 -4.71 1.47 -3.02
C ILE A 1231 -5.82 2.31 -3.63
N PRO A 1232 -5.94 3.61 -3.37
CA PRO A 1232 -6.95 4.41 -4.07
C PRO A 1232 -6.76 4.41 -5.57
N GLN A 1233 -5.51 4.37 -6.06
CA GLN A 1233 -5.29 4.27 -7.50
C GLN A 1233 -5.85 2.98 -8.07
N PHE A 1234 -5.64 1.86 -7.38
CA PHE A 1234 -6.19 0.60 -7.85
C PHE A 1234 -7.72 0.63 -7.84
N PHE A 1235 -8.32 1.24 -6.82
CA PHE A 1235 -9.77 1.35 -6.81
C PHE A 1235 -10.27 2.25 -7.94
N TYR A 1236 -9.51 3.31 -8.25
CA TYR A 1236 -9.84 4.16 -9.39
C TYR A 1236 -9.80 3.39 -10.69
N LYS A 1237 -8.77 2.57 -10.89
CA LYS A 1237 -8.54 1.96 -12.19
C LYS A 1237 -9.54 0.85 -12.53
N ASN A 1238 -10.38 0.44 -11.58
CA ASN A 1238 -11.30 -0.67 -11.81
C ASN A 1238 -12.72 -0.24 -12.11
N VAL A 1239 -13.17 0.88 -11.55
CA VAL A 1239 -14.59 1.24 -11.63
C VAL A 1239 -15.00 1.58 -13.06
N ILE A 1240 -14.11 2.20 -13.83
CA ILE A 1240 -14.45 2.63 -15.19
C ILE A 1240 -14.80 1.44 -16.06
N PHE A 1241 -14.11 0.32 -15.88
CA PHE A 1241 -14.31 -0.85 -16.72
C PHE A 1241 -15.74 -1.37 -16.62
N THR A 1242 -16.29 -1.43 -15.42
CA THR A 1242 -17.68 -1.82 -15.22
C THR A 1242 -18.66 -0.71 -15.55
N LEU A 1243 -18.28 0.55 -15.31
CA LEU A 1243 -19.23 1.63 -15.51
C LEU A 1243 -19.51 1.88 -17.00
N SER A 1244 -18.50 1.69 -17.85
CA SER A 1244 -18.75 1.76 -19.28
C SER A 1244 -19.76 0.70 -19.72
N LEU A 1245 -19.61 -0.51 -19.20
CA LEU A 1245 -20.59 -1.56 -19.49
C LEU A 1245 -21.97 -1.18 -18.99
N PHE A 1246 -22.04 -0.57 -17.81
CA PHE A 1246 -23.34 -0.16 -17.27
C PHE A 1246 -24.02 0.84 -18.20
N TRP A 1247 -23.30 1.85 -18.68
CA TRP A 1247 -23.92 2.77 -19.63
C TRP A 1247 -24.26 2.13 -20.96
N TYR A 1248 -23.44 1.19 -21.44
CA TYR A 1248 -23.79 0.54 -22.70
C TYR A 1248 -25.01 -0.35 -22.54
N GLY A 1249 -25.27 -0.85 -21.35
CA GLY A 1249 -26.41 -1.70 -21.10
C GLY A 1249 -27.72 -0.99 -20.82
N ILE A 1250 -27.76 0.34 -20.95
CA ILE A 1250 -29.00 1.07 -20.66
C ILE A 1250 -30.08 0.72 -21.68
N TYR A 1251 -29.70 0.39 -22.91
CA TYR A 1251 -30.65 0.09 -23.96
C TYR A 1251 -31.16 -1.35 -23.80
N ASN A 1252 -31.83 -1.85 -24.84
CA ASN A 1252 -32.33 -3.23 -24.93
C ASN A 1252 -33.04 -3.68 -23.66
N ASN A 1253 -33.77 -2.75 -23.04
CA ASN A 1253 -34.52 -3.02 -21.82
C ASN A 1253 -33.63 -3.62 -20.74
N PHE A 1254 -32.35 -3.22 -20.73
CA PHE A 1254 -31.33 -3.79 -19.86
C PHE A 1254 -31.27 -5.31 -20.02
N ASP A 1255 -31.22 -5.77 -21.28
CA ASP A 1255 -31.11 -7.20 -21.53
C ASP A 1255 -29.74 -7.72 -21.13
N GLY A 1256 -28.76 -6.83 -20.98
CA GLY A 1256 -27.43 -7.24 -20.56
C GLY A 1256 -26.40 -7.25 -21.67
N SER A 1257 -26.38 -6.18 -22.48
CA SER A 1257 -25.43 -6.09 -23.58
C SER A 1257 -23.99 -6.20 -23.09
N TYR A 1258 -23.23 -7.07 -23.75
CA TYR A 1258 -21.85 -7.36 -23.37
C TYR A 1258 -20.93 -6.70 -24.40
N LEU A 1259 -20.51 -5.46 -24.11
CA LEU A 1259 -19.83 -4.66 -25.12
C LEU A 1259 -18.45 -5.22 -25.43
N PHE A 1260 -17.66 -5.52 -24.41
CA PHE A 1260 -16.25 -5.85 -24.61
C PHE A 1260 -16.10 -7.26 -25.16
N GLU A 1261 -14.85 -7.61 -25.46
CA GLU A 1261 -14.52 -8.97 -25.86
C GLU A 1261 -14.74 -9.94 -24.70
N TYR A 1262 -15.03 -11.19 -25.05
CA TYR A 1262 -15.10 -12.24 -24.04
C TYR A 1262 -13.75 -12.46 -23.38
N THR A 1263 -12.65 -12.05 -24.02
CA THR A 1263 -11.32 -12.15 -23.45
C THR A 1263 -10.91 -10.93 -22.64
N TYR A 1264 -11.69 -9.84 -22.69
CA TYR A 1264 -11.37 -8.65 -21.91
C TYR A 1264 -11.75 -8.78 -20.44
N LEU A 1265 -12.41 -9.87 -20.05
CA LEU A 1265 -12.78 -10.05 -18.65
C LEU A 1265 -11.56 -10.09 -17.74
N THR A 1266 -10.41 -10.50 -18.26
CA THR A 1266 -9.22 -10.69 -17.44
C THR A 1266 -8.06 -9.80 -17.84
N PHE A 1267 -7.68 -9.79 -19.13
CA PHE A 1267 -6.44 -9.14 -19.53
C PHE A 1267 -6.44 -7.63 -19.28
N TYR A 1268 -7.62 -7.02 -19.17
CA TYR A 1268 -7.66 -5.59 -18.90
C TYR A 1268 -7.02 -5.26 -17.57
N ASN A 1269 -7.46 -5.93 -16.50
CA ASN A 1269 -6.99 -5.62 -15.15
C ASN A 1269 -6.00 -6.64 -14.61
N LEU A 1270 -5.58 -7.61 -15.42
CA LEU A 1270 -4.66 -8.65 -14.94
C LEU A 1270 -3.34 -8.69 -15.67
N ALA A 1271 -3.27 -8.23 -16.91
CA ALA A 1271 -2.05 -8.31 -17.69
C ALA A 1271 -1.54 -6.96 -18.15
N PHE A 1272 -2.43 -6.07 -18.61
CA PHE A 1272 -1.98 -4.90 -19.35
C PHE A 1272 -1.58 -3.76 -18.42
N THR A 1273 -2.52 -3.30 -17.59
CA THR A 1273 -2.32 -2.11 -16.78
C THR A 1273 -2.20 -2.39 -15.28
N SER A 1274 -1.95 -3.65 -14.89
CA SER A 1274 -1.72 -3.97 -13.49
C SER A 1274 -0.26 -3.79 -13.09
N VAL A 1275 0.63 -3.52 -14.04
CA VAL A 1275 2.05 -3.35 -13.77
C VAL A 1275 2.35 -2.03 -13.08
N PRO A 1276 1.97 -0.87 -13.64
CA PRO A 1276 2.48 0.39 -13.08
C PRO A 1276 1.95 0.72 -11.71
N VAL A 1277 0.74 0.28 -11.37
CA VAL A 1277 0.21 0.57 -10.03
C VAL A 1277 1.06 -0.10 -8.96
N ILE A 1278 1.32 -1.40 -9.12
CA ILE A 1278 2.15 -2.08 -8.13
C ILE A 1278 3.59 -1.59 -8.22
N LEU A 1279 4.04 -1.22 -9.42
CA LEU A 1279 5.38 -0.65 -9.58
C LEU A 1279 5.54 0.58 -8.70
N LEU A 1280 4.58 1.52 -8.79
CA LEU A 1280 4.62 2.69 -7.93
C LEU A 1280 4.45 2.30 -6.48
N ALA A 1281 3.71 1.22 -6.21
CA ALA A 1281 3.54 0.78 -4.83
C ALA A 1281 4.87 0.36 -4.20
N VAL A 1282 5.74 -0.29 -4.98
CA VAL A 1282 6.93 -0.91 -4.43
C VAL A 1282 8.20 -0.16 -4.82
N LEU A 1283 8.34 0.27 -6.07
CA LEU A 1283 9.56 0.91 -6.55
C LEU A 1283 9.48 2.42 -6.56
N ASP A 1284 8.82 3.03 -5.58
CA ASP A 1284 8.75 4.48 -5.49
C ASP A 1284 9.77 5.00 -4.48
N GLN A 1285 10.42 6.11 -4.83
CA GLN A 1285 11.28 6.87 -3.94
C GLN A 1285 10.67 8.25 -3.81
N ASP A 1286 9.91 8.47 -2.74
CA ASP A 1286 9.24 9.76 -2.55
C ASP A 1286 10.21 10.91 -2.51
N VAL A 1287 11.39 10.70 -1.91
CA VAL A 1287 12.40 11.75 -1.80
C VAL A 1287 13.72 11.06 -1.50
N SER A 1288 14.82 11.75 -1.82
CA SER A 1288 16.13 11.16 -1.59
C SER A 1288 16.34 10.85 -0.12
N ASP A 1289 17.02 9.74 0.16
CA ASP A 1289 17.18 9.29 1.54
C ASP A 1289 17.97 10.30 2.36
N THR A 1290 19.01 10.89 1.78
CA THR A 1290 19.85 11.83 2.52
C THR A 1290 19.05 13.05 2.97
N VAL A 1291 18.35 13.70 2.04
CA VAL A 1291 17.63 14.92 2.39
C VAL A 1291 16.50 14.61 3.36
N SER A 1292 15.90 13.43 3.22
CA SER A 1292 14.90 13.00 4.21
C SER A 1292 15.53 12.86 5.58
N MET A 1293 16.74 12.30 5.65
CA MET A 1293 17.42 12.16 6.94
C MET A 1293 17.74 13.51 7.55
N LEU A 1294 18.27 14.44 6.75
CA LEU A 1294 18.55 15.79 7.28
C LEU A 1294 17.26 16.53 7.62
N VAL A 1295 16.20 16.32 6.85
CA VAL A 1295 14.94 17.02 7.11
C VAL A 1295 13.84 15.99 7.29
N PRO A 1296 13.69 15.41 8.48
CA PRO A 1296 12.66 14.39 8.71
C PRO A 1296 11.27 14.95 8.99
N GLN A 1297 11.07 16.27 8.88
CA GLN A 1297 9.78 16.86 9.23
C GLN A 1297 8.65 16.31 8.37
N LEU A 1298 8.96 15.85 7.16
CA LEU A 1298 7.92 15.28 6.30
C LEU A 1298 7.25 14.09 6.98
N TYR A 1299 7.91 13.46 7.95
CA TYR A 1299 7.32 12.33 8.63
C TYR A 1299 6.05 12.70 9.38
N ARG A 1300 5.82 14.00 9.63
CA ARG A 1300 4.53 14.40 10.19
C ARG A 1300 3.35 13.87 9.37
N VAL A 1301 3.56 13.55 8.09
CA VAL A 1301 2.47 13.03 7.27
C VAL A 1301 1.93 11.73 7.85
N GLY A 1302 2.81 10.90 8.43
CA GLY A 1302 2.34 9.71 9.12
C GLY A 1302 1.76 10.01 10.48
N ILE A 1303 2.19 11.12 11.09
CA ILE A 1303 1.67 11.50 12.40
C ILE A 1303 0.21 11.91 12.29
N LEU A 1304 -0.12 12.75 11.30
CA LEU A 1304 -1.45 13.32 11.17
C LEU A 1304 -2.35 12.52 10.23
N ARG A 1305 -1.84 11.46 9.60
CA ARG A 1305 -2.64 10.59 8.74
C ARG A 1305 -3.29 11.39 7.61
N LYS A 1306 -2.51 12.27 6.98
CA LYS A 1306 -3.02 13.17 5.95
C LYS A 1306 -3.11 12.54 4.57
N GLU A 1307 -3.17 11.21 4.48
CA GLU A 1307 -3.19 10.55 3.17
C GLU A 1307 -4.14 9.36 3.12
N TRP A 1308 -4.89 9.09 4.20
CA TRP A 1308 -5.74 7.91 4.26
C TRP A 1308 -7.08 8.32 4.85
N ASN A 1309 -8.13 8.37 4.05
CA ASN A 1309 -9.44 8.78 4.52
C ASN A 1309 -10.50 8.42 3.49
N GLN A 1310 -11.76 8.47 3.92
CA GLN A 1310 -12.87 8.15 3.02
C GLN A 1310 -13.10 9.27 2.01
N THR A 1311 -12.71 10.49 2.34
CA THR A 1311 -12.86 11.60 1.40
C THR A 1311 -12.07 11.32 0.12
N LYS A 1312 -10.84 10.80 0.27
CA LYS A 1312 -10.06 10.41 -0.90
C LYS A 1312 -10.75 9.30 -1.66
N PHE A 1313 -11.37 8.36 -0.95
CA PHE A 1313 -12.08 7.26 -1.60
C PHE A 1313 -13.16 7.81 -2.52
N LEU A 1314 -14.02 8.68 -1.98
CA LEU A 1314 -15.11 9.24 -2.78
C LEU A 1314 -14.57 10.14 -3.88
N TRP A 1315 -13.49 10.88 -3.62
CA TRP A 1315 -12.95 11.78 -4.63
C TRP A 1315 -12.46 11.00 -5.85
N TYR A 1316 -11.71 9.92 -5.61
CA TYR A 1316 -11.30 9.08 -6.75
C TYR A 1316 -12.46 8.30 -7.35
N MET A 1317 -13.49 7.97 -6.57
CA MET A 1317 -14.65 7.32 -7.18
C MET A 1317 -15.32 8.26 -8.18
N LEU A 1318 -15.51 9.52 -7.79
CA LEU A 1318 -16.07 10.51 -8.71
C LEU A 1318 -15.14 10.76 -9.89
N ASP A 1319 -13.83 10.79 -9.63
CA ASP A 1319 -12.86 10.94 -10.71
C ASP A 1319 -12.98 9.80 -11.72
N GLY A 1320 -13.11 8.57 -11.23
CA GLY A 1320 -13.29 7.44 -12.12
C GLY A 1320 -14.58 7.53 -12.91
N VAL A 1321 -15.65 7.98 -12.27
CA VAL A 1321 -16.92 8.12 -13.00
C VAL A 1321 -16.77 9.14 -14.12
N TYR A 1322 -16.15 10.29 -13.83
CA TYR A 1322 -15.97 11.33 -14.85
C TYR A 1322 -15.05 10.86 -15.98
N GLN A 1323 -13.98 10.14 -15.62
CA GLN A 1323 -13.10 9.58 -16.63
C GLN A 1323 -13.84 8.59 -17.52
N SER A 1324 -14.70 7.76 -16.92
CA SER A 1324 -15.50 6.83 -17.71
C SER A 1324 -16.45 7.59 -18.61
N VAL A 1325 -17.02 8.70 -18.14
CA VAL A 1325 -17.88 9.51 -18.98
C VAL A 1325 -17.13 9.94 -20.23
N ILE A 1326 -15.94 10.51 -20.05
CA ILE A 1326 -15.16 10.94 -21.21
C ILE A 1326 -14.85 9.75 -22.11
N CYS A 1327 -14.40 8.65 -21.52
CA CYS A 1327 -13.93 7.51 -22.29
C CYS A 1327 -15.04 6.88 -23.12
N PHE A 1328 -16.25 6.79 -22.55
CA PHE A 1328 -17.37 6.25 -23.30
C PHE A 1328 -17.88 7.23 -24.35
N PHE A 1329 -18.04 8.50 -23.98
CA PHE A 1329 -18.79 9.40 -24.83
C PHE A 1329 -17.93 10.10 -25.87
N PHE A 1330 -16.60 9.92 -25.85
CA PHE A 1330 -15.81 10.42 -26.96
C PHE A 1330 -15.99 9.59 -28.22
N PRO A 1331 -15.71 8.28 -28.23
CA PRO A 1331 -15.93 7.51 -29.46
C PRO A 1331 -17.40 7.43 -29.86
N TYR A 1332 -18.32 7.43 -28.91
CA TYR A 1332 -19.74 7.37 -29.25
C TYR A 1332 -20.16 8.59 -30.05
N LEU A 1333 -19.79 9.78 -29.58
CA LEU A 1333 -20.08 10.98 -30.34
C LEU A 1333 -19.19 11.12 -31.57
N ALA A 1334 -18.09 10.36 -31.63
CA ALA A 1334 -17.34 10.26 -32.88
C ALA A 1334 -18.12 9.49 -33.94
N TYR A 1335 -19.19 8.81 -33.55
CA TYR A 1335 -20.01 8.03 -34.46
C TYR A 1335 -21.45 8.49 -34.54
N HIS A 1336 -21.83 9.55 -33.84
CA HIS A 1336 -23.25 9.91 -33.75
C HIS A 1336 -23.80 10.38 -35.09
N LYS A 1337 -23.01 11.13 -35.86
CA LYS A 1337 -23.53 11.77 -37.06
C LYS A 1337 -23.74 10.76 -38.19
N ASN A 1338 -22.67 10.11 -38.62
CA ASN A 1338 -22.76 9.16 -39.73
C ASN A 1338 -21.96 7.89 -39.53
N MET A 1339 -21.06 7.83 -38.55
CA MET A 1339 -20.21 6.69 -38.23
C MET A 1339 -19.64 6.01 -39.47
N VAL A 1340 -19.36 6.80 -40.51
CA VAL A 1340 -18.78 6.27 -41.73
C VAL A 1340 -17.30 6.58 -41.83
N VAL A 1341 -16.66 6.92 -40.71
CA VAL A 1341 -15.25 7.29 -40.75
C VAL A 1341 -14.40 6.04 -40.97
N THR A 1342 -13.98 5.85 -42.22
CA THR A 1342 -13.17 4.69 -42.58
C THR A 1342 -11.98 5.11 -43.42
N GLU A 1343 -12.13 6.18 -44.20
CA GLU A 1343 -11.13 6.70 -45.13
C GLU A 1343 -10.91 5.72 -46.29
N ASN A 1344 -11.49 4.52 -46.17
CA ASN A 1344 -11.52 3.51 -47.22
C ASN A 1344 -12.39 2.34 -46.77
N GLY A 1345 -13.14 1.75 -47.68
CA GLY A 1345 -13.99 0.62 -47.30
C GLY A 1345 -15.23 1.09 -46.54
N LEU A 1346 -15.70 0.25 -45.63
CA LEU A 1346 -16.92 0.54 -44.87
C LEU A 1346 -16.61 1.26 -43.57
N GLY A 1347 -15.86 0.61 -42.69
CA GLY A 1347 -15.60 1.11 -41.37
C GLY A 1347 -15.75 0.02 -40.34
N LEU A 1348 -15.86 0.41 -39.08
CA LEU A 1348 -15.92 -0.55 -37.99
C LEU A 1348 -17.37 -0.88 -37.62
N ASP A 1349 -18.11 0.13 -37.14
CA ASP A 1349 -19.56 0.04 -36.94
C ASP A 1349 -19.97 -1.19 -36.13
N HIS A 1350 -19.14 -1.59 -35.17
CA HIS A 1350 -19.45 -2.73 -34.33
C HIS A 1350 -19.10 -2.44 -32.88
N ARG A 1351 -19.76 -3.18 -31.99
CA ARG A 1351 -19.55 -2.95 -30.56
C ARG A 1351 -18.16 -3.37 -30.10
N TYR A 1352 -17.59 -4.40 -30.72
CA TYR A 1352 -16.26 -4.84 -30.30
C TYR A 1352 -15.18 -3.83 -30.67
N PHE A 1353 -15.29 -3.19 -31.83
CA PHE A 1353 -14.26 -2.24 -32.23
C PHE A 1353 -14.35 -0.93 -31.45
N VAL A 1354 -15.57 -0.43 -31.21
CA VAL A 1354 -15.71 0.70 -30.31
C VAL A 1354 -15.26 0.32 -28.92
N GLY A 1355 -15.41 -0.96 -28.56
CA GLY A 1355 -14.81 -1.44 -27.33
C GLY A 1355 -13.30 -1.34 -27.34
N VAL A 1356 -12.69 -1.67 -28.47
CA VAL A 1356 -11.25 -1.52 -28.58
C VAL A 1356 -10.86 -0.06 -28.37
N PHE A 1357 -11.59 0.85 -29.00
CA PHE A 1357 -11.36 2.28 -28.76
C PHE A 1357 -11.41 2.61 -27.27
N VAL A 1358 -12.50 2.22 -26.60
CA VAL A 1358 -12.72 2.71 -25.24
C VAL A 1358 -11.74 2.06 -24.27
N THR A 1359 -11.44 0.77 -24.42
CA THR A 1359 -10.45 0.15 -23.54
C THR A 1359 -9.06 0.72 -23.79
N ALA A 1360 -8.70 0.99 -25.05
CA ALA A 1360 -7.40 1.61 -25.29
C ALA A 1360 -7.31 2.97 -24.61
N ILE A 1361 -8.37 3.77 -24.74
CA ILE A 1361 -8.39 5.08 -24.10
C ILE A 1361 -8.25 4.92 -22.59
N ALA A 1362 -9.02 3.99 -22.01
CA ALA A 1362 -9.01 3.83 -20.56
C ALA A 1362 -7.64 3.38 -20.06
N VAL A 1363 -7.01 2.42 -20.74
CA VAL A 1363 -5.74 1.91 -20.24
C VAL A 1363 -4.65 2.94 -20.41
N THR A 1364 -4.60 3.64 -21.55
CA THR A 1364 -3.57 4.67 -21.70
C THR A 1364 -3.79 5.81 -20.71
N SER A 1365 -5.05 6.14 -20.44
CA SER A 1365 -5.36 7.20 -19.49
C SER A 1365 -4.91 6.81 -18.09
N CYS A 1366 -5.24 5.60 -17.65
CA CYS A 1366 -4.84 5.16 -16.32
C CYS A 1366 -3.33 5.06 -16.20
N ASN A 1367 -2.66 4.53 -17.22
CA ASN A 1367 -1.21 4.40 -17.16
C ASN A 1367 -0.54 5.76 -17.10
N PHE A 1368 -0.99 6.71 -17.93
CA PHE A 1368 -0.42 8.06 -17.86
C PHE A 1368 -0.78 8.75 -16.55
N TYR A 1369 -1.91 8.41 -15.95
CA TYR A 1369 -2.29 9.06 -14.69
C TYR A 1369 -1.39 8.57 -13.56
N VAL A 1370 -1.14 7.26 -13.48
CA VAL A 1370 -0.24 6.75 -12.45
C VAL A 1370 1.20 7.14 -12.74
N PHE A 1371 1.56 7.25 -14.01
CA PHE A 1371 2.85 7.82 -14.38
C PHE A 1371 2.97 9.26 -13.90
N MET A 1372 1.86 10.00 -13.96
CA MET A 1372 1.84 11.40 -13.57
C MET A 1372 2.06 11.55 -12.06
N GLU A 1373 1.34 10.77 -11.26
CA GLU A 1373 1.50 10.79 -9.82
C GLU A 1373 2.79 10.14 -9.35
N GLN A 1374 3.52 9.49 -10.24
CA GLN A 1374 4.75 8.81 -9.85
C GLN A 1374 5.83 9.86 -9.57
N TYR A 1375 6.44 9.78 -8.39
CA TYR A 1375 7.29 10.84 -7.88
C TYR A 1375 8.74 10.75 -8.36
N ARG A 1376 9.13 9.71 -9.08
CA ARG A 1376 10.53 9.56 -9.45
C ARG A 1376 10.59 9.03 -10.89
N TRP A 1377 10.71 9.95 -11.85
CA TRP A 1377 10.84 9.59 -13.25
C TRP A 1377 12.26 9.06 -13.49
N ASP A 1378 12.39 7.74 -13.62
CA ASP A 1378 13.67 7.09 -13.72
C ASP A 1378 13.76 6.27 -15.00
N TRP A 1379 14.87 5.55 -15.15
CA TRP A 1379 15.11 4.61 -16.22
C TRP A 1379 14.38 3.29 -16.00
N PHE A 1380 13.47 3.24 -15.05
CA PHE A 1380 12.82 1.98 -14.70
C PHE A 1380 11.31 2.00 -14.87
N CYS A 1381 10.63 3.06 -14.41
CA CYS A 1381 9.18 3.08 -14.48
C CYS A 1381 8.68 3.31 -15.91
N GLY A 1382 9.23 4.34 -16.57
CA GLY A 1382 8.79 4.67 -17.91
C GLY A 1382 9.02 3.54 -18.90
N LEU A 1383 10.10 2.78 -18.72
CA LEU A 1383 10.36 1.64 -19.60
C LEU A 1383 9.23 0.63 -19.56
N PHE A 1384 8.77 0.26 -18.36
CA PHE A 1384 7.68 -0.70 -18.27
C PHE A 1384 6.33 -0.07 -18.59
N ILE A 1385 6.18 1.25 -18.45
CA ILE A 1385 4.96 1.89 -18.96
C ILE A 1385 4.89 1.75 -20.48
N CYS A 1386 6.00 2.07 -21.15
CA CYS A 1386 6.06 1.93 -22.60
C CYS A 1386 5.89 0.47 -22.99
N LEU A 1387 6.45 -0.45 -22.22
CA LEU A 1387 6.30 -1.87 -22.50
C LEU A 1387 4.85 -2.32 -22.33
N SER A 1388 4.15 -1.80 -21.32
CA SER A 1388 2.75 -2.16 -21.13
C SER A 1388 1.91 -1.69 -22.30
N LEU A 1389 2.11 -0.45 -22.74
CA LEU A 1389 1.39 0.01 -23.93
C LEU A 1389 1.76 -0.79 -25.16
N ALA A 1390 3.04 -1.12 -25.31
CA ALA A 1390 3.48 -1.87 -26.48
C ALA A 1390 2.88 -3.27 -26.50
N VAL A 1391 2.83 -3.94 -25.35
CA VAL A 1391 2.26 -5.29 -25.32
C VAL A 1391 0.75 -5.22 -25.49
N PHE A 1392 0.10 -4.16 -25.01
CA PHE A 1392 -1.33 -3.99 -25.29
C PHE A 1392 -1.57 -3.88 -26.79
N TYR A 1393 -0.80 -3.01 -27.46
CA TYR A 1393 -0.95 -2.85 -28.90
C TYR A 1393 -0.65 -4.16 -29.62
N GLY A 1394 0.42 -4.84 -29.22
CA GLY A 1394 0.80 -6.08 -29.89
C GLY A 1394 -0.22 -7.17 -29.73
N TRP A 1395 -0.74 -7.36 -28.52
CA TRP A 1395 -1.77 -8.38 -28.31
C TRP A 1395 -3.04 -8.04 -29.08
N THR A 1396 -3.47 -6.78 -29.03
CA THR A 1396 -4.67 -6.39 -29.74
C THR A 1396 -4.51 -6.53 -31.26
N GLY A 1397 -3.29 -6.37 -31.77
CA GLY A 1397 -3.07 -6.48 -33.20
C GLY A 1397 -2.67 -7.84 -33.69
N ILE A 1398 -2.28 -8.73 -32.79
CA ILE A 1398 -1.84 -10.07 -33.15
C ILE A 1398 -2.91 -11.11 -32.86
N TRP A 1399 -3.47 -11.09 -31.65
CA TRP A 1399 -4.52 -12.05 -31.32
C TRP A 1399 -5.74 -11.87 -32.20
N THR A 1400 -5.95 -10.66 -32.73
CA THR A 1400 -7.02 -10.44 -33.69
C THR A 1400 -6.81 -11.22 -34.98
N SER A 1401 -5.58 -11.61 -35.28
CA SER A 1401 -5.29 -12.40 -36.48
C SER A 1401 -5.27 -13.89 -36.16
N SER A 1402 -6.41 -14.37 -35.64
CA SER A 1402 -6.51 -15.75 -35.21
C SER A 1402 -7.97 -16.19 -35.24
N SER A 1403 -8.17 -17.51 -35.21
CA SER A 1403 -9.52 -18.06 -35.21
C SER A 1403 -10.25 -17.77 -33.90
N SER A 1404 -9.51 -17.63 -32.80
CA SER A 1404 -10.12 -17.31 -31.51
C SER A 1404 -10.78 -15.94 -31.51
N SER A 1405 -10.48 -15.09 -32.48
CA SER A 1405 -11.14 -13.81 -32.68
C SER A 1405 -12.16 -13.90 -33.80
N ASN A 1406 -12.87 -15.03 -33.89
CA ASN A 1406 -13.70 -15.37 -35.04
C ASN A 1406 -14.58 -14.22 -35.51
N GLU A 1407 -15.20 -13.50 -34.58
CA GLU A 1407 -16.06 -12.39 -34.95
C GLU A 1407 -15.26 -11.11 -35.16
N PHE A 1408 -14.45 -10.74 -34.16
CA PHE A 1408 -13.68 -9.50 -34.22
C PHE A 1408 -12.67 -9.51 -35.36
N TYR A 1409 -11.61 -10.30 -35.21
CA TYR A 1409 -10.75 -10.78 -36.28
C TYR A 1409 -9.96 -9.70 -37.03
N LYS A 1410 -10.25 -8.41 -36.80
CA LYS A 1410 -9.66 -7.40 -37.66
C LYS A 1410 -9.28 -6.12 -36.92
N GLY A 1411 -8.83 -6.23 -35.66
CA GLY A 1411 -8.46 -5.02 -34.94
C GLY A 1411 -7.32 -4.26 -35.58
N ALA A 1412 -6.24 -4.97 -35.91
CA ALA A 1412 -5.02 -4.30 -36.35
C ALA A 1412 -5.22 -3.56 -37.66
N ALA A 1413 -5.74 -4.26 -38.67
CA ALA A 1413 -5.85 -3.67 -40.00
C ALA A 1413 -6.98 -2.66 -40.11
N ARG A 1414 -8.02 -2.78 -39.28
CA ARG A 1414 -9.19 -1.92 -39.39
C ARG A 1414 -9.26 -0.85 -38.33
N VAL A 1415 -8.32 -0.80 -37.39
CA VAL A 1415 -8.36 0.18 -36.31
C VAL A 1415 -7.09 1.01 -36.31
N PHE A 1416 -5.94 0.33 -36.17
CA PHE A 1416 -4.67 1.06 -36.02
C PHE A 1416 -4.35 1.87 -37.26
N ALA A 1417 -4.58 1.31 -38.46
CA ALA A 1417 -4.31 2.04 -39.68
C ALA A 1417 -5.20 3.26 -39.83
N GLN A 1418 -6.29 3.33 -39.08
CA GLN A 1418 -7.21 4.45 -39.19
C GLN A 1418 -6.64 5.66 -38.46
N PRO A 1419 -6.48 6.81 -39.12
CA PRO A 1419 -6.04 8.01 -38.40
C PRO A 1419 -7.02 8.47 -37.34
N ALA A 1420 -8.29 8.07 -37.43
CA ALA A 1420 -9.25 8.42 -36.40
C ALA A 1420 -8.85 7.87 -35.04
N TYR A 1421 -8.18 6.71 -35.02
CA TYR A 1421 -7.72 6.12 -33.77
C TYR A 1421 -6.78 7.07 -33.04
N TRP A 1422 -5.75 7.56 -33.73
CA TRP A 1422 -4.82 8.50 -33.11
C TRP A 1422 -5.51 9.83 -32.81
N ALA A 1423 -6.35 10.30 -33.74
CA ALA A 1423 -7.03 11.57 -33.54
C ALA A 1423 -7.92 11.55 -32.31
N VAL A 1424 -8.48 10.40 -31.97
CA VAL A 1424 -9.32 10.31 -30.79
C VAL A 1424 -8.51 10.00 -29.53
N LEU A 1425 -7.41 9.25 -29.64
CA LEU A 1425 -6.64 9.00 -28.43
C LEU A 1425 -5.92 10.26 -27.98
N PHE A 1426 -5.59 11.16 -28.90
CA PHE A 1426 -5.04 12.45 -28.49
C PHE A 1426 -6.02 13.20 -27.59
N VAL A 1427 -7.26 13.39 -28.04
CA VAL A 1427 -8.20 14.13 -27.21
C VAL A 1427 -8.51 13.36 -25.94
N GLY A 1428 -8.49 12.03 -26.00
CA GLY A 1428 -8.69 11.25 -24.79
C GLY A 1428 -7.61 11.51 -23.75
N VAL A 1429 -6.34 11.48 -24.16
CA VAL A 1429 -5.27 11.67 -23.19
C VAL A 1429 -5.24 13.11 -22.69
N LEU A 1430 -5.52 14.09 -23.55
CA LEU A 1430 -5.61 15.47 -23.03
C LEU A 1430 -6.76 15.64 -22.05
N PHE A 1431 -7.98 15.24 -22.43
CA PHE A 1431 -9.10 15.41 -21.52
C PHE A 1431 -9.01 14.51 -20.29
N CYS A 1432 -8.10 13.53 -20.28
CA CYS A 1432 -7.81 12.81 -19.06
C CYS A 1432 -6.81 13.55 -18.19
N LEU A 1433 -5.64 13.87 -18.75
CA LEU A 1433 -4.51 14.30 -17.94
C LEU A 1433 -4.63 15.76 -17.57
N LEU A 1434 -4.98 16.62 -18.53
CA LEU A 1434 -4.94 18.06 -18.30
C LEU A 1434 -5.82 18.55 -17.16
N PRO A 1435 -7.09 18.16 -17.02
CA PRO A 1435 -7.88 18.70 -15.90
C PRO A 1435 -7.27 18.40 -14.54
N ARG A 1436 -6.92 17.14 -14.29
CA ARG A 1436 -6.36 16.79 -12.99
C ARG A 1436 -4.94 17.30 -12.82
N PHE A 1437 -4.19 17.46 -13.92
CA PHE A 1437 -2.87 18.08 -13.80
C PHE A 1437 -2.98 19.55 -13.42
N THR A 1438 -3.98 20.26 -13.97
CA THR A 1438 -4.21 21.63 -13.54
C THR A 1438 -4.69 21.69 -12.09
N ILE A 1439 -5.50 20.70 -11.67
CA ILE A 1439 -5.88 20.64 -10.26
C ILE A 1439 -4.65 20.42 -9.39
N ASP A 1440 -3.74 19.56 -9.83
CA ASP A 1440 -2.49 19.36 -9.11
C ASP A 1440 -1.69 20.65 -9.03
N CYS A 1441 -1.60 21.39 -10.14
CA CYS A 1441 -0.87 22.64 -10.13
C CYS A 1441 -1.50 23.67 -9.20
N ILE A 1442 -2.83 23.79 -9.23
CA ILE A 1442 -3.49 24.78 -8.39
C ILE A 1442 -3.38 24.39 -6.92
N ARG A 1443 -3.37 23.09 -6.62
CA ARG A 1443 -3.13 22.67 -5.24
C ARG A 1443 -1.68 22.94 -4.82
N LYS A 1444 -0.73 22.78 -5.74
CA LYS A 1444 0.66 23.06 -5.42
C LYS A 1444 1.00 24.54 -5.42
N ILE A 1445 0.10 25.39 -5.91
CA ILE A 1445 0.34 26.83 -5.90
C ILE A 1445 -0.31 27.48 -4.69
N PHE A 1446 -1.57 27.16 -4.41
CA PHE A 1446 -2.29 27.77 -3.30
C PHE A 1446 -2.14 26.99 -2.00
N TYR A 1447 -1.87 25.69 -2.06
CA TYR A 1447 -1.61 24.88 -0.88
C TYR A 1447 -0.34 24.07 -1.10
N PRO A 1448 0.82 24.72 -1.23
CA PRO A 1448 2.05 23.97 -1.52
C PRO A 1448 2.48 23.11 -0.34
N LYS A 1449 2.34 21.80 -0.48
CA LYS A 1449 2.75 20.90 0.59
C LYS A 1449 4.27 20.91 0.74
N ASP A 1450 4.71 20.47 1.92
CA ASP A 1450 6.13 20.52 2.24
C ASP A 1450 6.96 19.63 1.33
N ILE A 1451 6.39 18.51 0.88
CA ILE A 1451 7.19 17.52 0.16
C ILE A 1451 7.67 18.08 -1.18
N GLU A 1452 6.78 18.68 -1.96
CA GLU A 1452 7.22 19.24 -3.24
C GLU A 1452 8.12 20.44 -3.02
N ILE A 1453 7.92 21.19 -1.94
CA ILE A 1453 8.77 22.34 -1.64
C ILE A 1453 10.20 21.88 -1.39
N VAL A 1454 10.37 20.88 -0.53
CA VAL A 1454 11.72 20.39 -0.26
C VAL A 1454 12.30 19.72 -1.51
N ARG A 1455 11.45 19.04 -2.30
CA ARG A 1455 11.93 18.43 -3.53
C ARG A 1455 12.53 19.48 -4.47
N GLU A 1456 11.78 20.54 -4.73
CA GLU A 1456 12.28 21.56 -5.64
C GLU A 1456 13.47 22.32 -5.07
N MET A 1457 13.51 22.58 -3.76
CA MET A 1457 14.63 23.33 -3.23
C MET A 1457 15.91 22.50 -3.28
N TRP A 1458 15.83 21.20 -2.98
CA TRP A 1458 17.04 20.40 -3.07
C TRP A 1458 17.42 20.13 -4.52
N LEU A 1459 16.43 20.07 -5.43
CA LEU A 1459 16.75 19.92 -6.84
C LEU A 1459 17.48 21.16 -7.37
N ARG A 1460 17.08 22.34 -6.89
CA ARG A 1460 17.68 23.59 -7.37
C ARG A 1460 19.17 23.66 -7.10
N GLY A 1461 19.68 22.87 -6.16
CA GLY A 1461 21.10 22.86 -5.86
C GLY A 1461 21.48 23.30 -4.48
N ASP A 1462 20.50 23.55 -3.59
CA ASP A 1462 20.84 23.93 -2.22
C ASP A 1462 21.54 22.80 -1.50
N PHE A 1463 20.94 21.61 -1.51
CA PHE A 1463 21.51 20.45 -0.82
C PHE A 1463 22.10 19.47 -1.82
N ASP A 1464 23.28 19.83 -2.33
CA ASP A 1464 24.07 18.95 -3.17
C ASP A 1464 25.49 18.74 -2.68
N LEU A 1465 25.97 19.56 -1.74
CA LEU A 1465 27.32 19.38 -1.22
C LEU A 1465 27.46 18.05 -0.50
N TYR A 1466 26.44 17.63 0.25
CA TYR A 1466 26.50 16.35 0.91
C TYR A 1466 26.42 15.22 -0.12
N PRO A 1467 27.14 14.12 0.10
CA PRO A 1467 27.04 12.97 -0.80
C PRO A 1467 25.80 12.16 -0.49
N GLN A 1468 25.65 11.04 -1.19
CA GLN A 1468 24.51 10.16 -1.00
C GLN A 1468 24.88 9.02 -0.06
N GLY A 1469 23.92 8.63 0.77
CA GLY A 1469 24.16 7.58 1.76
C GLY A 1469 25.19 7.97 2.80
N TYR A 1470 25.18 9.23 3.24
CA TYR A 1470 26.11 9.67 4.28
C TYR A 1470 25.61 9.25 5.66
N ASP A 1471 26.55 9.02 6.56
CA ASP A 1471 26.23 8.56 7.90
C ASP A 1471 26.89 9.47 8.94
N PRO A 1472 26.27 9.61 10.11
CA PRO A 1472 26.89 10.40 11.18
C PRO A 1472 27.91 9.63 12.01
N THR A 1473 28.04 8.33 11.81
CA THR A 1473 28.97 7.51 12.57
C THR A 1473 30.33 7.35 11.88
N ASP A 1474 30.53 7.99 10.72
CA ASP A 1474 31.78 7.88 9.99
C ASP A 1474 32.92 8.56 10.75
N ASN B 50 30.46 -14.85 0.28
CA ASN B 50 29.82 -16.07 0.74
C ASN B 50 28.46 -15.78 1.37
N ARG B 51 28.42 -14.76 2.22
CA ARG B 51 27.18 -14.36 2.88
C ARG B 51 26.95 -12.86 2.87
N ARG B 52 27.96 -12.06 2.55
CA ARG B 52 27.79 -10.61 2.52
C ARG B 52 26.82 -10.22 1.41
N PRO B 53 25.82 -9.38 1.71
CA PRO B 53 24.92 -8.91 0.64
C PRO B 53 25.66 -8.07 -0.38
N LYS B 54 25.20 -8.17 -1.63
CA LYS B 54 25.83 -7.43 -2.72
C LYS B 54 25.40 -5.98 -2.72
N GLU B 55 26.35 -5.09 -2.96
CA GLU B 55 26.11 -3.65 -2.97
C GLU B 55 25.89 -3.18 -4.40
N ASP B 56 24.79 -2.44 -4.62
CA ASP B 56 24.47 -1.91 -5.94
C ASP B 56 23.45 -0.79 -5.77
N ALA B 57 23.30 0.01 -6.82
CA ALA B 57 22.29 1.05 -6.81
C ALA B 57 20.89 0.47 -6.78
N PHE B 58 20.66 -0.61 -7.55
CA PHE B 58 19.32 -1.20 -7.62
C PHE B 58 18.91 -1.80 -6.28
N THR B 59 19.79 -2.54 -5.63
CA THR B 59 19.44 -3.16 -4.36
C THR B 59 19.21 -2.13 -3.26
N GLN B 60 19.66 -0.90 -3.47
CA GLN B 60 19.35 0.22 -2.59
C GLN B 60 18.34 1.19 -3.20
N GLN B 61 17.90 0.95 -4.43
CA GLN B 61 16.95 1.82 -5.13
C GLN B 61 17.54 3.20 -5.41
N ARG B 62 18.78 3.23 -5.91
CA ARG B 62 19.44 4.47 -6.32
C ARG B 62 19.69 4.51 -7.82
N LEU B 63 18.73 4.02 -8.61
CA LEU B 63 18.84 4.15 -10.06
C LEU B 63 18.64 5.62 -10.46
N ALA B 64 19.35 6.02 -11.52
CA ALA B 64 19.33 7.41 -11.95
C ALA B 64 17.91 7.82 -12.35
N ALA B 65 17.54 9.05 -12.01
CA ALA B 65 16.19 9.53 -12.23
C ALA B 65 16.20 11.03 -12.41
N ILE B 66 15.10 11.55 -12.95
CA ILE B 66 14.89 12.98 -13.13
C ILE B 66 13.58 13.33 -12.46
N ASN B 67 13.60 14.32 -11.56
CA ASN B 67 12.39 14.74 -10.88
C ASN B 67 12.01 16.14 -11.33
N PRO B 68 11.11 16.30 -12.30
CA PRO B 68 10.61 17.63 -12.63
C PRO B 68 9.66 18.14 -11.56
N VAL B 69 9.66 19.46 -11.35
CA VAL B 69 8.78 20.11 -10.40
C VAL B 69 8.00 21.19 -11.13
N LEU B 70 6.93 21.66 -10.48
CA LEU B 70 6.00 22.60 -11.10
C LEU B 70 6.45 24.02 -10.80
N THR B 71 7.22 24.60 -11.73
CA THR B 71 7.66 25.98 -11.69
C THR B 71 7.39 26.63 -13.03
N PRO B 72 7.03 27.93 -13.04
CA PRO B 72 6.68 28.57 -14.31
C PRO B 72 7.76 28.45 -15.37
N ARG B 73 9.04 28.52 -14.96
CA ARG B 73 10.14 28.36 -15.91
C ARG B 73 10.05 27.04 -16.66
N THR B 74 9.43 26.03 -16.07
CA THR B 74 9.21 24.75 -16.73
C THR B 74 7.76 24.56 -17.16
N VAL B 75 6.81 25.10 -16.41
CA VAL B 75 5.39 24.89 -16.71
C VAL B 75 5.00 25.61 -17.99
N LEU B 76 5.41 26.88 -18.14
CA LEU B 76 4.95 27.68 -19.27
C LEU B 76 5.36 27.13 -20.64
N PRO B 77 6.62 26.80 -20.90
CA PRO B 77 6.98 26.37 -22.27
C PRO B 77 6.23 25.15 -22.75
N LEU B 78 6.04 24.17 -21.88
CA LEU B 78 5.35 22.94 -22.30
C LEU B 78 3.91 23.24 -22.67
N TYR B 79 3.21 24.04 -21.85
CA TYR B 79 1.86 24.46 -22.21
C TYR B 79 1.84 25.23 -23.53
N LEU B 80 2.73 26.20 -23.71
CA LEU B 80 2.64 27.00 -24.92
C LEU B 80 2.87 26.14 -26.15
N LEU B 81 3.84 25.22 -26.09
CA LEU B 81 4.12 24.41 -27.28
C LEU B 81 2.99 23.42 -27.56
N ILE B 82 2.50 22.72 -26.52
CA ILE B 82 1.41 21.78 -26.76
C ILE B 82 0.16 22.51 -27.25
N ALA B 83 -0.13 23.66 -26.65
CA ALA B 83 -1.31 24.42 -27.03
C ALA B 83 -1.23 24.86 -28.49
N VAL B 84 -0.09 25.43 -28.89
CA VAL B 84 0.01 25.94 -30.26
C VAL B 84 -0.08 24.80 -31.25
N VAL B 85 0.65 23.70 -31.01
CA VAL B 85 0.63 22.61 -31.98
C VAL B 85 -0.75 21.95 -32.04
N PHE B 86 -1.42 21.83 -30.89
CA PHE B 86 -2.69 21.11 -30.87
C PHE B 86 -3.80 21.96 -31.48
N VAL B 87 -3.79 23.27 -31.24
CA VAL B 87 -4.74 24.15 -31.90
C VAL B 87 -4.46 24.21 -33.39
N ILE B 88 -3.18 24.16 -33.79
CA ILE B 88 -2.85 24.18 -35.21
C ILE B 88 -3.40 22.93 -35.90
N VAL B 89 -3.20 21.76 -35.30
CA VAL B 89 -3.71 20.54 -35.93
C VAL B 89 -5.23 20.51 -35.88
N GLY B 90 -5.85 21.07 -34.83
CA GLY B 90 -7.29 21.18 -34.82
C GLY B 90 -7.83 22.05 -35.95
N GLY B 91 -7.19 23.19 -36.19
CA GLY B 91 -7.57 24.02 -37.31
C GLY B 91 -7.37 23.31 -38.64
N CYS B 92 -6.28 22.54 -38.74
CA CYS B 92 -6.02 21.80 -39.98
C CYS B 92 -7.11 20.76 -40.24
N ILE B 93 -7.49 20.01 -39.21
CA ILE B 93 -8.52 18.98 -39.41
C ILE B 93 -9.87 19.63 -39.67
N LEU B 94 -10.15 20.78 -39.04
CA LEU B 94 -11.39 21.49 -39.32
C LEU B 94 -11.42 21.97 -40.77
N ALA B 95 -10.31 22.49 -41.27
CA ALA B 95 -10.24 22.92 -42.66
C ALA B 95 -10.44 21.73 -43.59
N GLN B 96 -9.84 20.58 -43.26
CA GLN B 96 -10.05 19.38 -44.06
C GLN B 96 -11.51 18.95 -44.05
N ASN B 97 -12.15 19.00 -42.88
CA ASN B 97 -13.54 18.58 -42.77
C ASN B 97 -14.49 19.53 -43.48
N SER B 98 -14.12 20.81 -43.59
CA SER B 98 -14.99 21.80 -44.20
C SER B 98 -15.05 21.71 -45.72
N LYS B 99 -14.57 20.61 -46.32
CA LYS B 99 -14.50 20.50 -47.78
C LYS B 99 -15.41 19.44 -48.36
N VAL B 100 -15.63 18.33 -47.65
CA VAL B 100 -16.36 17.21 -48.24
C VAL B 100 -17.86 17.49 -48.23
N ASP B 101 -18.57 16.79 -49.11
CA ASP B 101 -20.01 16.93 -49.27
C ASP B 101 -20.73 15.68 -48.74
N GLU B 102 -22.05 15.74 -48.76
CA GLU B 102 -22.87 14.66 -48.22
C GLU B 102 -24.32 14.88 -48.65
N VAL B 103 -25.01 13.79 -48.98
CA VAL B 103 -26.45 13.82 -49.19
C VAL B 103 -27.05 12.61 -48.49
N THR B 104 -28.21 12.80 -47.87
CA THR B 104 -28.94 11.69 -47.28
C THR B 104 -30.43 11.87 -47.52
N ILE B 105 -31.11 10.78 -47.82
CA ILE B 105 -32.54 10.81 -48.12
C ILE B 105 -33.22 9.65 -47.40
N TYR B 106 -34.24 9.95 -46.60
CA TYR B 106 -35.00 8.93 -45.90
C TYR B 106 -36.25 8.59 -46.72
N TYR B 107 -36.50 7.29 -46.89
CA TYR B 107 -37.63 6.84 -47.72
C TYR B 107 -38.38 5.70 -47.07
N GLN B 108 -38.38 5.64 -45.73
CA GLN B 108 -39.10 4.59 -45.04
C GLN B 108 -40.61 4.66 -45.25
N ASP B 109 -41.14 5.82 -45.63
CA ASP B 109 -42.57 6.03 -45.77
C ASP B 109 -42.91 6.61 -47.13
N CYS B 110 -42.32 6.07 -48.19
CA CYS B 110 -42.62 6.50 -49.55
C CYS B 110 -43.59 5.53 -50.22
N MET B 111 -44.52 4.97 -49.46
CA MET B 111 -45.50 4.04 -50.00
C MET B 111 -46.94 4.41 -49.67
N THR B 112 -47.17 5.34 -48.73
CA THR B 112 -48.49 5.94 -48.55
C THR B 112 -48.44 7.44 -48.32
N ASN B 113 -47.27 8.07 -48.46
CA ASN B 113 -47.19 9.51 -48.27
C ASN B 113 -48.00 10.24 -49.35
N ALA B 114 -47.97 9.74 -50.57
CA ALA B 114 -48.72 10.33 -51.68
C ALA B 114 -49.05 9.24 -52.68
N THR B 115 -49.52 9.65 -53.86
CA THR B 115 -49.97 8.72 -54.89
C THR B 115 -48.78 8.28 -55.74
N SER B 116 -49.08 7.64 -56.87
CA SER B 116 -48.06 7.10 -57.77
C SER B 116 -47.50 8.14 -58.73
N SER B 117 -47.61 9.42 -58.39
CA SER B 117 -47.03 10.50 -59.18
C SER B 117 -45.78 11.04 -58.51
N TRP B 118 -45.11 11.96 -59.19
CA TRP B 118 -43.87 12.55 -58.67
C TRP B 118 -44.23 13.64 -57.68
N SER B 119 -44.15 13.31 -56.39
CA SER B 119 -44.42 14.24 -55.31
C SER B 119 -43.14 14.57 -54.57
N ASP B 120 -43.14 15.72 -53.89
CA ASP B 120 -41.97 16.16 -53.15
C ASP B 120 -41.85 15.40 -51.84
N ILE B 121 -40.62 15.03 -51.50
CA ILE B 121 -40.36 14.34 -50.23
C ILE B 121 -40.42 15.36 -49.10
N PRO B 122 -41.07 15.04 -47.98
CA PRO B 122 -41.08 15.98 -46.85
C PRO B 122 -39.68 16.28 -46.36
N SER B 123 -39.49 17.52 -45.89
CA SER B 123 -38.17 17.99 -45.51
C SER B 123 -37.55 17.20 -44.37
N GLU B 124 -38.35 16.46 -43.61
CA GLU B 124 -37.86 15.68 -42.49
C GLU B 124 -37.17 14.39 -42.94
N HIS B 125 -36.87 14.24 -44.22
CA HIS B 125 -36.29 13.01 -44.74
C HIS B 125 -35.01 13.20 -45.54
N TRP B 126 -34.74 14.39 -46.06
CA TRP B 126 -33.56 14.63 -46.89
C TRP B 126 -32.73 15.76 -46.29
N GLN B 127 -31.44 15.51 -46.15
CA GLN B 127 -30.49 16.49 -45.62
C GLN B 127 -29.25 16.52 -46.51
N PHE B 128 -28.89 17.73 -46.94
CA PHE B 128 -27.80 17.94 -47.89
C PHE B 128 -26.78 18.89 -47.27
N VAL B 129 -25.49 18.56 -47.42
CA VAL B 129 -24.40 19.40 -46.93
C VAL B 129 -23.38 19.53 -48.05
N PHE B 130 -23.05 20.77 -48.42
CA PHE B 130 -22.05 21.04 -49.43
C PHE B 130 -21.16 22.19 -48.97
N HIS B 131 -19.95 22.22 -49.50
CA HIS B 131 -18.93 23.19 -49.09
C HIS B 131 -18.99 24.49 -49.87
N LYS B 132 -19.98 24.66 -50.75
CA LYS B 132 -20.12 25.88 -51.52
C LYS B 132 -21.54 26.44 -51.56
N TYR B 133 -22.48 25.85 -50.83
CA TYR B 133 -23.87 26.28 -50.88
C TYR B 133 -24.48 26.17 -49.50
N LYS B 134 -25.25 27.19 -49.11
CA LYS B 134 -25.91 27.22 -47.81
C LYS B 134 -27.39 26.91 -47.92
N THR B 135 -28.12 27.60 -48.80
CA THR B 135 -29.55 27.41 -48.97
C THR B 135 -29.88 26.48 -50.15
N TYR B 136 -28.99 25.53 -50.43
CA TYR B 136 -29.20 24.59 -51.54
C TYR B 136 -30.26 23.58 -51.13
N ASN B 137 -31.53 23.99 -51.28
CA ASN B 137 -32.64 23.14 -50.88
C ASN B 137 -32.84 22.00 -51.86
N THR B 138 -33.22 22.33 -53.09
CA THR B 138 -33.40 21.37 -54.19
C THR B 138 -34.14 20.12 -53.70
N ALA B 139 -35.39 20.32 -53.31
CA ALA B 139 -36.18 19.27 -52.68
C ALA B 139 -36.30 18.07 -53.61
N PRO B 140 -35.83 16.89 -53.20
CA PRO B 140 -35.95 15.70 -54.05
C PRO B 140 -37.40 15.25 -54.17
N GLN B 141 -37.68 14.59 -55.29
CA GLN B 141 -39.02 14.07 -55.56
C GLN B 141 -39.04 12.55 -55.39
N TRP B 142 -40.21 12.03 -55.04
CA TRP B 142 -40.37 10.59 -54.89
C TRP B 142 -41.64 10.13 -55.58
N ARG B 143 -41.59 8.91 -56.12
CA ARG B 143 -42.72 8.27 -56.78
C ARG B 143 -42.74 6.80 -56.39
N PHE B 144 -43.92 6.20 -56.45
CA PHE B 144 -44.08 4.79 -56.13
C PHE B 144 -44.80 4.08 -57.26
N VAL B 145 -44.29 2.91 -57.63
CA VAL B 145 -44.92 2.06 -58.63
C VAL B 145 -45.18 0.70 -58.02
N ASP B 146 -46.41 0.21 -58.18
CA ASP B 146 -46.85 -1.01 -57.52
C ASP B 146 -46.74 -2.20 -58.47
N ASP B 147 -46.86 -3.39 -57.90
CA ASP B 147 -46.83 -4.63 -58.67
C ASP B 147 -47.62 -5.68 -57.89
N GLU B 148 -48.60 -6.29 -58.55
CA GLU B 148 -49.44 -7.31 -57.92
C GLU B 148 -48.89 -8.72 -58.07
N SER B 149 -47.71 -8.87 -58.68
CA SER B 149 -47.10 -10.19 -58.84
C SER B 149 -46.69 -10.81 -57.52
N ASP B 150 -46.66 -10.04 -56.44
CA ASP B 150 -46.29 -10.54 -55.12
C ASP B 150 -47.54 -10.67 -54.25
N ASP B 151 -47.67 -11.82 -53.59
CA ASP B 151 -48.80 -12.03 -52.68
C ASP B 151 -48.68 -11.14 -51.46
N PHE B 152 -47.45 -10.87 -51.00
CA PHE B 152 -47.21 -10.07 -49.80
C PHE B 152 -47.50 -8.61 -50.12
N THR B 153 -48.78 -8.25 -50.04
CA THR B 153 -49.21 -6.90 -50.34
C THR B 153 -48.92 -5.91 -49.22
N LYS B 154 -48.46 -6.39 -48.06
CA LYS B 154 -48.22 -5.49 -46.94
C LYS B 154 -47.13 -4.48 -47.26
N GLN B 155 -46.01 -4.95 -47.80
CA GLN B 155 -44.93 -4.07 -48.26
C GLN B 155 -44.35 -4.65 -49.54
N ARG B 156 -44.71 -4.04 -50.68
CA ARG B 156 -44.18 -4.45 -51.96
C ARG B 156 -44.23 -3.26 -52.92
N GLY B 157 -43.50 -3.37 -54.02
CA GLY B 157 -43.43 -2.32 -55.01
C GLY B 157 -42.05 -1.68 -55.05
N THR B 158 -41.92 -0.71 -55.94
CA THR B 158 -40.67 -0.01 -56.18
C THR B 158 -40.83 1.47 -55.86
N CYS B 159 -39.88 2.02 -55.12
CA CYS B 159 -39.86 3.44 -54.78
C CYS B 159 -38.73 4.10 -55.57
N GLN B 160 -39.08 5.09 -56.39
CA GLN B 160 -38.11 5.81 -57.19
C GLN B 160 -37.95 7.21 -56.63
N ILE B 161 -36.71 7.69 -56.58
CA ILE B 161 -36.41 9.00 -56.03
C ILE B 161 -35.56 9.78 -57.03
N ARG B 162 -35.65 11.10 -56.96
CA ARG B 162 -34.92 11.99 -57.85
C ARG B 162 -34.32 13.12 -57.04
N PHE B 163 -33.00 13.26 -57.12
CA PHE B 163 -32.27 14.31 -56.43
C PHE B 163 -31.31 14.95 -57.42
N THR B 164 -30.48 15.87 -56.94
CA THR B 164 -29.54 16.54 -57.82
C THR B 164 -28.32 17.01 -57.03
N THR B 165 -27.21 17.19 -57.74
CA THR B 165 -25.97 17.71 -57.19
C THR B 165 -25.49 18.92 -57.97
N PRO B 166 -24.99 19.95 -57.28
CA PRO B 166 -24.60 21.19 -57.98
C PRO B 166 -23.16 21.19 -58.46
N SER B 167 -22.33 20.28 -57.96
CA SER B 167 -20.91 20.27 -58.28
C SER B 167 -20.48 18.88 -58.71
N ASP B 168 -19.32 18.83 -59.38
CA ASP B 168 -18.68 17.58 -59.72
C ASP B 168 -18.14 16.92 -58.46
N MET B 169 -17.57 15.73 -58.64
CA MET B 169 -17.08 14.98 -57.50
C MET B 169 -15.63 14.57 -57.75
N LYS B 170 -14.90 14.31 -56.67
CA LYS B 170 -13.48 13.96 -56.73
C LYS B 170 -13.26 12.45 -56.81
N ASN B 171 -13.94 11.79 -57.75
CA ASN B 171 -13.64 10.41 -58.14
C ASN B 171 -13.62 9.46 -56.95
N ASN B 172 -14.57 9.65 -56.03
CA ASN B 172 -14.63 8.82 -54.82
C ASN B 172 -16.05 8.92 -54.26
N VAL B 173 -16.87 7.91 -54.54
CA VAL B 173 -18.27 7.95 -54.15
C VAL B 173 -18.63 6.69 -53.38
N TYR B 174 -19.24 6.87 -52.21
CA TYR B 174 -19.79 5.78 -51.42
C TYR B 174 -21.30 5.98 -51.28
N LEU B 175 -22.05 4.88 -51.38
CA LEU B 175 -23.48 4.88 -51.13
C LEU B 175 -23.78 3.83 -50.06
N ASN B 176 -24.39 4.26 -48.97
CA ASN B 176 -24.72 3.43 -47.83
C ASN B 176 -26.23 3.45 -47.62
N TYR B 177 -26.71 2.43 -46.91
CA TYR B 177 -28.09 2.38 -46.47
C TYR B 177 -28.13 2.55 -44.95
N VAL B 178 -28.93 3.51 -44.50
CA VAL B 178 -29.00 3.88 -43.10
C VAL B 178 -30.32 3.37 -42.52
N LEU B 179 -30.25 2.80 -41.33
CA LEU B 179 -31.42 2.34 -40.60
C LEU B 179 -31.45 3.04 -39.25
N GLU B 180 -32.62 3.47 -38.84
CA GLU B 180 -32.78 4.19 -37.57
C GLU B 180 -33.76 3.45 -36.68
N LYS B 181 -33.35 3.32 -35.41
CA LYS B 181 -34.07 2.62 -34.35
C LYS B 181 -34.29 1.16 -34.78
N PHE B 182 -33.20 0.41 -34.69
CA PHE B 182 -33.18 -1.03 -34.98
C PHE B 182 -32.44 -1.70 -33.82
N ALA B 183 -33.19 -2.40 -32.97
CA ALA B 183 -32.64 -2.97 -31.74
C ALA B 183 -31.89 -4.25 -32.10
N ALA B 184 -30.58 -4.13 -32.32
CA ALA B 184 -29.72 -5.26 -32.57
C ALA B 184 -28.86 -5.63 -31.37
N ASN B 185 -29.13 -5.03 -30.21
CA ASN B 185 -28.36 -5.28 -29.00
C ASN B 185 -29.08 -6.19 -28.02
N HIS B 186 -30.19 -6.81 -28.42
CA HIS B 186 -30.83 -7.81 -27.59
C HIS B 186 -29.96 -9.06 -27.53
N ARG B 187 -29.73 -9.56 -26.31
CA ARG B 187 -28.78 -10.68 -26.15
C ARG B 187 -29.23 -11.91 -26.90
N ARG B 188 -30.50 -12.29 -26.75
CA ARG B 188 -31.01 -13.45 -27.48
C ARG B 188 -30.89 -13.22 -28.99
N TYR B 189 -31.07 -11.98 -29.44
CA TYR B 189 -30.90 -11.67 -30.85
C TYR B 189 -29.43 -11.72 -31.26
N VAL B 190 -28.55 -11.11 -30.47
CA VAL B 190 -27.15 -11.00 -30.88
C VAL B 190 -26.36 -12.26 -30.57
N LEU B 191 -26.82 -13.09 -29.64
CA LEU B 191 -26.16 -14.36 -29.32
C LEU B 191 -26.85 -15.53 -30.02
N SER B 192 -27.35 -15.31 -31.23
CA SER B 192 -28.03 -16.36 -31.99
C SER B 192 -27.42 -16.43 -33.40
N PHE B 193 -26.34 -17.18 -33.52
CA PHE B 193 -25.78 -17.54 -34.82
C PHE B 193 -24.86 -18.73 -34.62
N SER B 194 -24.57 -19.42 -35.72
CA SER B 194 -23.79 -20.64 -35.68
C SER B 194 -22.33 -20.36 -36.02
N GLU B 195 -21.46 -21.28 -35.60
CA GLU B 195 -20.04 -21.18 -35.91
C GLU B 195 -19.67 -21.93 -37.18
N ASP B 196 -20.47 -22.92 -37.58
CA ASP B 196 -20.15 -23.72 -38.77
C ASP B 196 -20.26 -22.90 -40.05
N GLN B 197 -21.12 -21.88 -40.06
CA GLN B 197 -21.28 -21.06 -41.25
C GLN B 197 -20.01 -20.32 -41.63
N ILE B 198 -19.08 -20.15 -40.69
CA ILE B 198 -17.80 -19.53 -41.03
C ILE B 198 -17.05 -20.38 -42.05
N ARG B 199 -17.07 -21.70 -41.88
CA ARG B 199 -16.35 -22.61 -42.75
C ARG B 199 -17.26 -23.34 -43.73
N GLY B 200 -18.57 -23.09 -43.68
CA GLY B 200 -19.50 -23.80 -44.52
C GLY B 200 -19.83 -25.21 -44.05
N GLU B 201 -19.38 -25.60 -42.87
CA GLU B 201 -19.64 -26.93 -42.36
C GLU B 201 -21.12 -27.08 -42.00
N ASP B 202 -21.61 -28.32 -42.03
CA ASP B 202 -22.99 -28.64 -41.71
C ASP B 202 -22.99 -29.68 -40.60
N ALA B 203 -23.12 -29.23 -39.36
CA ALA B 203 -23.13 -30.11 -38.21
C ALA B 203 -24.56 -30.56 -37.92
N SER B 204 -24.77 -31.19 -36.77
CA SER B 204 -26.06 -31.72 -36.40
C SER B 204 -26.89 -30.67 -35.66
N TYR B 205 -28.18 -30.96 -35.51
CA TYR B 205 -29.07 -30.03 -34.81
C TYR B 205 -28.73 -29.91 -33.34
N GLU B 206 -28.24 -31.00 -32.73
CA GLU B 206 -27.86 -30.93 -31.32
C GLU B 206 -26.72 -29.96 -31.10
N THR B 207 -25.73 -29.96 -32.01
CA THR B 207 -24.59 -29.06 -31.90
C THR B 207 -24.97 -27.60 -32.08
N VAL B 208 -26.17 -27.32 -32.61
CA VAL B 208 -26.58 -25.95 -32.87
C VAL B 208 -27.78 -25.52 -32.03
N HIS B 209 -28.46 -26.45 -31.36
CA HIS B 209 -29.58 -26.09 -30.48
C HIS B 209 -29.22 -26.18 -29.01
N ASP B 210 -28.72 -27.34 -28.56
CA ASP B 210 -28.35 -27.55 -27.17
C ASP B 210 -26.86 -27.33 -26.94
N ALA B 211 -26.26 -26.40 -27.68
CA ALA B 211 -24.86 -26.06 -27.53
C ALA B 211 -24.68 -25.12 -26.34
N THR B 212 -23.52 -24.46 -26.28
CA THR B 212 -23.20 -23.55 -25.20
C THR B 212 -23.94 -22.22 -25.42
N GLY B 213 -23.53 -21.18 -24.68
CA GLY B 213 -24.23 -19.90 -24.70
C GLY B 213 -24.43 -19.32 -26.08
N ILE B 214 -23.57 -19.66 -27.03
CA ILE B 214 -23.73 -19.24 -28.42
C ILE B 214 -24.26 -20.43 -29.23
N ASN B 215 -25.41 -20.23 -29.86
CA ASN B 215 -26.04 -21.24 -30.70
C ASN B 215 -27.24 -20.60 -31.37
N CYS B 216 -27.84 -21.34 -32.30
CA CYS B 216 -29.05 -20.88 -32.98
C CYS B 216 -30.30 -21.31 -32.22
N LYS B 217 -30.32 -20.99 -30.92
CA LYS B 217 -31.38 -21.50 -30.04
C LYS B 217 -32.78 -21.03 -30.41
N PRO B 218 -33.05 -19.72 -30.59
CA PRO B 218 -34.46 -19.30 -30.74
C PRO B 218 -35.18 -19.91 -31.93
N LEU B 219 -34.49 -20.13 -33.04
CA LEU B 219 -35.09 -20.67 -34.26
C LEU B 219 -34.31 -21.87 -34.75
N SER B 220 -34.04 -22.82 -33.85
CA SER B 220 -33.25 -23.98 -34.20
C SER B 220 -34.00 -24.92 -35.14
N LYS B 221 -35.24 -25.27 -34.80
CA LYS B 221 -35.96 -26.34 -35.47
C LYS B 221 -37.32 -25.86 -35.94
N ASN B 222 -37.78 -26.46 -37.03
CA ASN B 222 -39.12 -26.27 -37.58
C ASN B 222 -39.92 -27.56 -37.47
N ALA B 223 -41.13 -27.54 -38.05
CA ALA B 223 -41.95 -28.75 -38.06
C ALA B 223 -41.27 -29.87 -38.82
N ASP B 224 -40.64 -29.56 -39.95
CA ASP B 224 -39.90 -30.57 -40.71
C ASP B 224 -38.75 -31.13 -39.89
N GLY B 225 -38.03 -30.26 -39.18
CA GLY B 225 -36.87 -30.64 -38.40
C GLY B 225 -35.55 -30.33 -39.07
N LYS B 226 -35.55 -30.04 -40.37
CA LYS B 226 -34.31 -29.73 -41.07
C LYS B 226 -33.72 -28.44 -40.54
N ILE B 227 -32.40 -28.43 -40.40
CA ILE B 227 -31.68 -27.30 -39.83
C ILE B 227 -31.61 -26.16 -40.83
N TYR B 228 -31.21 -24.99 -40.37
CA TYR B 228 -31.06 -23.81 -41.21
C TYR B 228 -29.58 -23.54 -41.44
N TYR B 229 -29.18 -23.41 -42.70
CA TYR B 229 -27.81 -22.94 -42.96
C TYR B 229 -27.57 -21.53 -42.45
N PRO B 230 -28.41 -20.53 -42.77
CA PRO B 230 -28.24 -19.21 -42.13
C PRO B 230 -29.08 -19.09 -40.85
N CYS B 231 -28.87 -20.02 -39.93
CA CYS B 231 -29.66 -20.04 -38.71
C CYS B 231 -29.30 -18.86 -37.81
N GLY B 232 -30.20 -18.58 -36.88
CA GLY B 232 -30.03 -17.47 -35.98
C GLY B 232 -30.82 -16.26 -36.42
N LEU B 233 -31.33 -15.51 -35.43
CA LEU B 233 -32.18 -14.37 -35.75
C LEU B 233 -31.39 -13.22 -36.38
N ILE B 234 -30.07 -13.17 -36.17
CA ILE B 234 -29.27 -12.10 -36.75
C ILE B 234 -29.31 -12.17 -38.27
N ALA B 235 -29.14 -13.37 -38.83
CA ALA B 235 -29.23 -13.52 -40.29
C ALA B 235 -30.67 -13.48 -40.76
N ASN B 236 -31.59 -14.05 -39.98
CA ASN B 236 -33.00 -14.10 -40.38
C ASN B 236 -33.64 -12.72 -40.40
N SER B 237 -33.08 -11.75 -39.67
CA SER B 237 -33.60 -10.39 -39.62
C SER B 237 -32.81 -9.46 -40.53
N MET B 238 -32.36 -9.97 -41.67
CA MET B 238 -31.55 -9.18 -42.58
C MET B 238 -32.38 -8.14 -43.32
N PHE B 239 -31.75 -7.01 -43.63
CA PHE B 239 -32.32 -6.02 -44.53
C PHE B 239 -32.63 -6.67 -45.87
N ASN B 240 -33.82 -6.42 -46.42
CA ASN B 240 -34.27 -7.18 -47.58
C ASN B 240 -34.54 -6.17 -48.71
N ASP B 241 -33.52 -5.43 -49.14
CA ASP B 241 -33.72 -4.51 -50.25
C ASP B 241 -32.69 -4.74 -51.34
N THR B 242 -33.11 -4.42 -52.56
CA THR B 242 -32.27 -4.49 -53.75
C THR B 242 -31.87 -3.09 -54.18
N PHE B 243 -30.61 -2.96 -54.61
CA PHE B 243 -30.08 -1.68 -55.04
C PHE B 243 -29.60 -1.80 -56.47
N PRO B 244 -29.83 -0.78 -57.29
CA PRO B 244 -29.37 -0.85 -58.68
C PRO B 244 -27.86 -0.86 -58.77
N LEU B 245 -27.36 -1.55 -59.79
CA LEU B 245 -25.92 -1.61 -60.06
C LEU B 245 -25.44 -0.44 -60.90
N GLN B 246 -26.34 0.45 -61.30
CA GLN B 246 -25.98 1.61 -62.10
C GLN B 246 -26.90 2.76 -61.72
N LEU B 247 -26.49 3.97 -62.11
CA LEU B 247 -27.26 5.18 -61.83
C LEU B 247 -27.58 5.87 -63.15
N THR B 248 -28.87 6.10 -63.37
CA THR B 248 -29.30 6.77 -64.59
C THR B 248 -28.93 8.25 -64.57
N ASN B 249 -28.58 8.78 -65.73
CA ASN B 249 -28.22 10.18 -65.90
C ASN B 249 -29.22 10.82 -66.86
N VAL B 250 -30.13 11.63 -66.31
CA VAL B 250 -31.14 12.27 -67.13
C VAL B 250 -30.54 13.32 -68.06
N GLY B 251 -29.39 13.89 -67.70
CA GLY B 251 -28.76 14.89 -68.53
C GLY B 251 -28.28 14.32 -69.85
N ASP B 252 -27.39 13.34 -69.78
CA ASP B 252 -26.90 12.62 -70.97
C ASP B 252 -27.08 11.14 -70.69
N THR B 253 -28.20 10.58 -71.15
CA THR B 253 -28.50 9.18 -70.88
C THR B 253 -27.56 8.23 -71.60
N SER B 254 -26.82 8.72 -72.60
CA SER B 254 -25.91 7.86 -73.35
C SER B 254 -24.78 7.30 -72.48
N ASN B 255 -24.51 7.92 -71.32
CA ASN B 255 -23.50 7.44 -70.39
C ASN B 255 -24.05 7.55 -68.97
N ASN B 256 -24.66 6.47 -68.49
CA ASN B 256 -25.12 6.42 -67.12
C ASN B 256 -23.92 6.34 -66.17
N TYR B 257 -24.21 6.40 -64.87
CA TYR B 257 -23.16 6.40 -63.86
C TYR B 257 -23.04 4.99 -63.29
N SER B 258 -21.85 4.42 -63.39
CA SER B 258 -21.63 3.02 -63.06
C SER B 258 -21.41 2.81 -61.57
N LEU B 259 -22.01 1.75 -61.03
CA LEU B 259 -21.88 1.37 -59.63
C LEU B 259 -21.49 -0.09 -59.55
N THR B 260 -21.12 -0.53 -58.34
CA THR B 260 -20.82 -1.93 -58.10
C THR B 260 -21.02 -2.25 -56.63
N ASN B 261 -21.24 -3.53 -56.35
CA ASN B 261 -21.27 -4.05 -54.99
C ASN B 261 -20.09 -4.98 -54.72
N LYS B 262 -18.96 -4.76 -55.39
CA LYS B 262 -17.76 -5.55 -55.18
C LYS B 262 -16.73 -4.70 -54.44
N GLY B 263 -16.49 -5.03 -53.18
CA GLY B 263 -15.46 -4.34 -52.42
C GLY B 263 -15.96 -3.51 -51.26
N ILE B 264 -17.09 -3.91 -50.66
CA ILE B 264 -17.58 -3.22 -49.47
C ILE B 264 -16.61 -3.42 -48.31
N ASN B 265 -16.16 -4.66 -48.10
CA ASN B 265 -15.23 -4.98 -47.02
C ASN B 265 -13.97 -5.58 -47.62
N TRP B 266 -12.94 -5.68 -46.78
CA TRP B 266 -11.64 -6.12 -47.25
C TRP B 266 -11.64 -7.63 -47.43
N GLU B 267 -10.45 -8.19 -47.66
CA GLU B 267 -10.23 -9.61 -47.89
C GLU B 267 -10.36 -10.44 -46.63
N SER B 268 -10.85 -9.87 -45.52
CA SER B 268 -11.09 -10.66 -44.32
C SER B 268 -11.98 -11.87 -44.62
N ASP B 269 -13.13 -11.61 -45.26
CA ASP B 269 -13.97 -12.71 -45.70
C ASP B 269 -13.23 -13.64 -46.66
N LYS B 270 -12.36 -13.07 -47.50
CA LYS B 270 -11.52 -13.90 -48.35
C LYS B 270 -10.57 -14.77 -47.54
N LYS B 271 -10.06 -14.26 -46.43
CA LYS B 271 -9.28 -15.05 -45.49
C LYS B 271 -10.15 -15.81 -44.52
N ARG B 272 -11.46 -15.64 -44.59
CA ARG B 272 -12.42 -16.38 -43.79
C ARG B 272 -13.05 -17.55 -44.55
N TYR B 273 -13.10 -17.45 -45.87
CA TYR B 273 -13.75 -18.47 -46.69
C TYR B 273 -13.06 -19.82 -46.54
N LYS B 274 -13.86 -20.86 -46.37
CA LYS B 274 -13.37 -22.23 -46.28
C LYS B 274 -14.28 -23.15 -47.09
N LYS B 275 -13.73 -24.28 -47.53
CA LYS B 275 -14.48 -25.21 -48.36
C LYS B 275 -15.66 -25.79 -47.59
N THR B 276 -16.79 -25.92 -48.26
CA THR B 276 -18.04 -26.32 -47.65
C THR B 276 -18.50 -27.68 -48.16
N LYS B 277 -19.37 -28.32 -47.37
CA LYS B 277 -19.84 -29.67 -47.65
C LYS B 277 -21.33 -29.80 -47.32
N TYR B 278 -22.14 -28.83 -47.75
CA TYR B 278 -23.57 -28.88 -47.47
C TYR B 278 -24.19 -30.16 -48.03
N ASN B 279 -25.08 -30.77 -47.25
CA ASN B 279 -25.71 -32.03 -47.63
C ASN B 279 -26.92 -31.85 -48.52
N TYR B 280 -27.32 -30.61 -48.80
CA TYR B 280 -28.39 -30.25 -49.73
C TYR B 280 -29.71 -30.96 -49.46
N THR B 281 -29.85 -31.56 -48.29
CA THR B 281 -31.11 -32.19 -47.90
C THR B 281 -31.57 -31.88 -46.48
N GLN B 282 -30.66 -31.51 -45.57
CA GLN B 282 -31.02 -31.15 -44.21
C GLN B 282 -31.16 -29.65 -44.00
N ILE B 283 -31.01 -28.85 -45.06
CA ILE B 283 -31.03 -27.39 -44.94
C ILE B 283 -32.41 -26.90 -45.33
N ALA B 284 -33.00 -26.06 -44.48
CA ALA B 284 -34.34 -25.53 -44.70
C ALA B 284 -34.33 -24.01 -44.64
N PRO B 285 -35.20 -23.36 -45.40
CA PRO B 285 -35.20 -21.89 -45.39
C PRO B 285 -35.67 -21.36 -44.06
N PRO B 286 -35.18 -20.19 -43.64
CA PRO B 286 -35.67 -19.60 -42.42
C PRO B 286 -37.15 -19.29 -42.53
N PRO B 287 -37.87 -19.35 -41.40
CA PRO B 287 -39.32 -19.07 -41.45
C PRO B 287 -39.65 -17.70 -41.98
N TYR B 288 -38.75 -16.73 -41.85
CA TYR B 288 -38.98 -15.41 -42.43
C TYR B 288 -38.56 -15.33 -43.89
N TRP B 289 -38.03 -16.42 -44.46
CA TRP B 289 -37.58 -16.45 -45.83
C TRP B 289 -38.51 -17.26 -46.73
N GLU B 290 -39.71 -17.58 -46.27
CA GLU B 290 -40.64 -18.37 -47.08
C GLU B 290 -41.01 -17.65 -48.36
N LYS B 291 -41.22 -16.33 -48.29
CA LYS B 291 -41.50 -15.56 -49.49
C LYS B 291 -40.29 -15.55 -50.42
N MET B 292 -39.08 -15.48 -49.85
CA MET B 292 -37.88 -15.54 -50.67
C MET B 292 -37.74 -16.90 -51.35
N TYR B 293 -38.00 -17.98 -50.61
CA TYR B 293 -37.85 -19.34 -51.12
C TYR B 293 -39.13 -20.12 -50.88
N PRO B 294 -40.16 -19.88 -51.69
CA PRO B 294 -41.39 -20.69 -51.56
C PRO B 294 -41.15 -22.16 -51.80
N ASP B 295 -40.20 -22.53 -52.66
CA ASP B 295 -39.87 -23.91 -52.93
C ASP B 295 -38.74 -24.44 -52.05
N GLY B 296 -38.14 -23.59 -51.22
CA GLY B 296 -37.01 -24.00 -50.42
C GLY B 296 -35.74 -24.06 -51.24
N TYR B 297 -34.67 -24.49 -50.58
CA TYR B 297 -33.41 -24.70 -51.29
C TYR B 297 -33.46 -26.01 -52.07
N ASN B 298 -33.13 -25.93 -53.35
CA ASN B 298 -32.87 -27.05 -54.22
C ASN B 298 -31.37 -27.15 -54.44
N GLU B 299 -30.96 -28.06 -55.30
CA GLU B 299 -29.53 -28.27 -55.53
C GLU B 299 -28.90 -27.17 -56.39
N THR B 300 -29.60 -26.07 -56.66
CA THR B 300 -29.07 -24.98 -57.47
C THR B 300 -29.12 -23.63 -56.76
N ASN B 301 -30.15 -23.39 -55.94
CA ASN B 301 -30.36 -22.10 -55.30
C ASN B 301 -29.64 -21.98 -53.96
N ILE B 302 -28.59 -22.75 -53.74
CA ILE B 302 -27.87 -22.67 -52.46
C ILE B 302 -27.22 -21.29 -52.33
N PRO B 303 -27.29 -20.66 -51.16
CA PRO B 303 -26.62 -19.35 -50.99
C PRO B 303 -25.11 -19.46 -50.99
N ASP B 304 -24.48 -19.00 -52.06
CA ASP B 304 -23.03 -19.07 -52.18
C ASP B 304 -22.42 -17.88 -51.45
N ILE B 305 -21.12 -17.99 -51.14
CA ILE B 305 -20.39 -16.94 -50.47
C ILE B 305 -19.22 -16.42 -51.28
N GLN B 306 -18.88 -17.06 -52.41
CA GLN B 306 -17.63 -16.79 -53.09
C GLN B 306 -17.55 -15.35 -53.60
N ASP B 307 -18.63 -14.85 -54.18
CA ASP B 307 -18.59 -13.56 -54.86
C ASP B 307 -19.37 -12.47 -54.17
N TRP B 308 -20.64 -12.71 -53.86
CA TRP B 308 -21.53 -11.67 -53.32
C TRP B 308 -21.63 -11.84 -51.79
N GLU B 309 -20.62 -11.29 -51.12
CA GLU B 309 -20.48 -11.43 -49.67
C GLU B 309 -21.45 -10.57 -48.90
N GLU B 310 -22.11 -9.60 -49.56
CA GLU B 310 -23.05 -8.74 -48.85
C GLU B 310 -24.17 -9.54 -48.21
N PHE B 311 -24.49 -10.70 -48.78
CA PHE B 311 -25.43 -11.61 -48.14
C PHE B 311 -25.00 -11.98 -46.72
N GLN B 312 -23.71 -11.99 -46.43
CA GLN B 312 -23.22 -12.30 -45.10
C GLN B 312 -22.43 -11.16 -44.47
N ASN B 313 -22.26 -10.04 -45.17
CA ASN B 313 -21.59 -8.89 -44.56
C ASN B 313 -22.37 -8.38 -43.37
N TRP B 314 -23.66 -8.68 -43.31
CA TRP B 314 -24.53 -8.36 -42.19
C TRP B 314 -24.24 -9.19 -40.95
N MET B 315 -23.20 -10.04 -40.97
CA MET B 315 -22.95 -10.95 -39.85
C MET B 315 -22.84 -10.18 -38.54
N ARG B 316 -21.99 -9.16 -38.50
CA ARG B 316 -21.86 -8.41 -37.27
C ARG B 316 -22.83 -7.24 -37.25
N PRO B 317 -23.57 -7.04 -36.18
CA PRO B 317 -24.54 -5.94 -36.13
C PRO B 317 -23.84 -4.60 -35.94
N GLY B 318 -24.64 -3.55 -35.96
CA GLY B 318 -24.12 -2.22 -35.73
C GLY B 318 -23.67 -2.03 -34.30
N ALA B 319 -22.88 -0.98 -34.09
CA ALA B 319 -22.40 -0.67 -32.75
C ALA B 319 -23.54 -0.31 -31.81
N PHE B 320 -24.51 0.45 -32.30
CA PHE B 320 -25.60 0.94 -31.46
C PHE B 320 -26.84 1.07 -32.32
N ASP B 321 -27.82 1.85 -31.84
CA ASP B 321 -29.14 1.88 -32.46
C ASP B 321 -29.07 2.29 -33.93
N LYS B 322 -28.32 3.35 -34.23
CA LYS B 322 -28.17 3.75 -35.62
C LYS B 322 -27.44 2.67 -36.40
N ILE B 323 -27.94 2.36 -37.59
CA ILE B 323 -27.40 1.29 -38.43
C ILE B 323 -27.09 1.85 -39.80
N THR B 324 -25.88 1.60 -40.28
CA THR B 324 -25.46 2.09 -41.59
C THR B 324 -24.38 1.18 -42.14
N LYS B 325 -24.61 0.64 -43.34
CA LYS B 325 -23.65 -0.23 -44.00
C LYS B 325 -23.48 0.19 -45.46
N LEU B 326 -22.28 -0.06 -45.98
CA LEU B 326 -21.95 0.28 -47.35
C LEU B 326 -22.62 -0.67 -48.33
N ILE B 327 -23.18 -0.12 -49.40
CA ILE B 327 -23.80 -0.94 -50.44
C ILE B 327 -23.29 -0.65 -51.83
N ARG B 328 -22.74 0.52 -52.12
CA ARG B 328 -22.27 0.84 -53.46
C ARG B 328 -20.98 1.65 -53.38
N ILE B 329 -20.04 1.33 -54.25
CA ILE B 329 -18.73 1.98 -54.29
C ILE B 329 -18.42 2.37 -55.72
N ASN B 330 -17.88 3.57 -55.91
CA ASN B 330 -17.31 3.94 -57.19
C ASN B 330 -16.01 4.68 -56.97
N LYS B 331 -14.93 4.12 -57.53
CA LYS B 331 -13.59 4.69 -57.48
C LYS B 331 -13.13 5.24 -58.81
N ASN B 332 -13.62 4.68 -59.92
CA ASN B 332 -13.10 4.97 -61.26
C ASN B 332 -13.73 6.21 -61.87
N ASP B 333 -15.03 6.41 -61.69
CA ASP B 333 -15.78 7.41 -62.42
C ASP B 333 -15.92 8.67 -61.59
N THR B 334 -15.47 9.80 -62.13
CA THR B 334 -15.69 11.09 -61.50
C THR B 334 -17.14 11.51 -61.69
N LEU B 335 -17.86 11.65 -60.59
CA LEU B 335 -19.26 12.05 -60.68
C LEU B 335 -19.37 13.54 -60.97
N PRO B 336 -20.03 13.94 -62.06
CA PRO B 336 -20.23 15.37 -62.30
C PRO B 336 -21.51 15.87 -61.66
N ALA B 337 -21.79 17.17 -61.80
CA ALA B 337 -23.03 17.72 -61.31
C ALA B 337 -24.19 17.29 -62.22
N GLY B 338 -25.41 17.49 -61.73
CA GLY B 338 -26.60 17.19 -62.50
C GLY B 338 -27.63 16.48 -61.66
N GLU B 339 -28.73 16.11 -62.31
CA GLU B 339 -29.84 15.46 -61.64
C GLU B 339 -29.76 13.95 -61.85
N TYR B 340 -30.13 13.20 -60.81
CA TYR B 340 -30.00 11.75 -60.83
C TYR B 340 -31.21 11.12 -60.16
N GLN B 341 -31.45 9.86 -60.50
CA GLN B 341 -32.63 9.14 -60.05
C GLN B 341 -32.25 7.71 -59.66
N LEU B 342 -32.83 7.24 -58.56
CA LEU B 342 -32.59 5.89 -58.06
C LEU B 342 -33.91 5.15 -57.92
N ASP B 343 -33.82 3.82 -57.92
CA ASP B 343 -34.96 2.95 -57.69
C ASP B 343 -34.61 1.88 -56.66
N ILE B 344 -35.52 1.65 -55.71
CA ILE B 344 -35.28 0.76 -54.59
C ILE B 344 -36.49 -0.14 -54.39
N GLY B 345 -36.25 -1.42 -54.14
CA GLY B 345 -37.33 -2.32 -53.77
C GLY B 345 -37.82 -2.05 -52.36
N LEU B 346 -39.01 -2.55 -52.07
CA LEU B 346 -39.67 -2.33 -50.79
C LEU B 346 -40.09 -3.67 -50.17
N HIS B 347 -39.18 -4.63 -50.19
CA HIS B 347 -39.48 -5.97 -49.69
C HIS B 347 -39.41 -6.05 -48.17
N TRP B 348 -38.51 -5.29 -47.55
CA TRP B 348 -38.25 -5.43 -46.12
C TRP B 348 -39.27 -4.62 -45.34
N PRO B 349 -40.11 -5.24 -44.51
CA PRO B 349 -41.12 -4.47 -43.77
C PRO B 349 -40.49 -3.72 -42.61
N VAL B 350 -40.79 -2.42 -42.50
CA VAL B 350 -40.23 -1.58 -41.46
C VAL B 350 -41.28 -0.77 -40.71
N LEU B 351 -42.46 -0.55 -41.27
CA LEU B 351 -43.45 0.32 -40.64
C LEU B 351 -44.16 -0.33 -39.47
N GLU B 352 -43.93 -1.63 -39.22
CA GLU B 352 -44.62 -2.30 -38.13
C GLU B 352 -44.31 -1.67 -36.78
N PHE B 353 -43.19 -0.95 -36.67
CA PHE B 353 -42.83 -0.31 -35.40
C PHE B 353 -42.22 1.08 -35.62
N ASN B 354 -42.51 1.71 -36.77
CA ASN B 354 -42.03 3.06 -37.08
C ASN B 354 -40.51 3.13 -37.22
N GLY B 355 -39.88 2.04 -37.64
CA GLY B 355 -38.46 2.10 -37.94
C GLY B 355 -38.18 2.91 -39.19
N LYS B 356 -36.97 3.48 -39.27
CA LYS B 356 -36.65 4.38 -40.38
C LYS B 356 -35.55 3.80 -41.26
N LYS B 357 -35.60 4.13 -42.54
CA LYS B 357 -34.67 3.56 -43.51
C LYS B 357 -34.46 4.53 -44.67
N GLY B 358 -33.19 4.70 -45.06
CA GLY B 358 -32.82 5.68 -46.07
C GLY B 358 -31.49 5.35 -46.73
N ILE B 359 -31.07 6.25 -47.62
CA ILE B 359 -29.78 6.12 -48.30
C ILE B 359 -28.93 7.33 -47.99
N TYR B 360 -27.63 7.18 -48.23
CA TYR B 360 -26.64 8.18 -47.83
C TYR B 360 -25.46 8.11 -48.79
N LEU B 361 -25.25 9.15 -49.58
CA LEU B 361 -24.14 9.22 -50.53
C LEU B 361 -23.12 10.23 -50.05
N THR B 362 -21.85 9.82 -50.05
CA THR B 362 -20.79 10.66 -49.50
C THR B 362 -19.48 10.37 -50.22
N HIS B 363 -18.43 11.02 -49.73
CA HIS B 363 -17.09 10.99 -50.31
C HIS B 363 -16.04 10.43 -49.37
N GLY B 364 -16.18 10.67 -48.06
CA GLY B 364 -15.14 10.32 -47.11
C GLY B 364 -14.03 11.35 -47.11
N SER B 365 -13.09 11.15 -46.20
CA SER B 365 -11.90 12.00 -46.16
C SER B 365 -10.83 11.27 -45.39
N HIS B 366 -9.77 12.01 -45.03
CA HIS B 366 -8.79 11.46 -44.09
C HIS B 366 -9.44 11.09 -42.78
N LEU B 367 -10.50 11.81 -42.39
CA LEU B 367 -11.24 11.54 -41.17
C LEU B 367 -12.73 11.33 -41.46
N GLY B 368 -13.04 10.62 -42.53
CA GLY B 368 -14.43 10.25 -42.79
C GLY B 368 -15.24 11.38 -43.42
N GLY B 369 -16.54 11.36 -43.16
CA GLY B 369 -17.47 12.32 -43.73
C GLY B 369 -17.66 13.55 -42.87
N ARG B 370 -18.72 14.29 -43.18
CA ARG B 370 -19.03 15.53 -42.48
C ARG B 370 -19.44 15.22 -41.05
N ASN B 371 -18.57 15.50 -40.11
CA ASN B 371 -18.86 15.37 -38.69
C ASN B 371 -17.94 16.30 -37.91
N PRO B 372 -18.39 17.52 -37.59
CA PRO B 372 -17.49 18.51 -36.98
C PRO B 372 -17.23 18.23 -35.50
N PHE B 373 -17.65 17.06 -35.01
CA PHE B 373 -17.48 16.75 -33.60
C PHE B 373 -16.01 16.73 -33.21
N LEU B 374 -15.16 16.17 -34.05
CA LEU B 374 -13.72 16.14 -33.76
C LEU B 374 -13.16 17.55 -33.69
N GLY B 375 -13.55 18.40 -34.64
CA GLY B 375 -13.13 19.79 -34.57
C GLY B 375 -13.64 20.50 -33.33
N ILE B 376 -14.88 20.18 -32.93
CA ILE B 376 -15.45 20.78 -31.73
C ILE B 376 -14.62 20.42 -30.51
N VAL B 377 -14.28 19.13 -30.38
CA VAL B 377 -13.51 18.69 -29.22
C VAL B 377 -12.10 19.28 -29.26
N TYR B 378 -11.50 19.35 -30.44
CA TYR B 378 -10.17 19.94 -30.56
C TYR B 378 -10.18 21.39 -30.13
N LEU B 379 -11.16 22.17 -30.59
CA LEU B 379 -11.25 23.57 -30.20
C LEU B 379 -11.52 23.72 -28.71
N ILE B 380 -12.38 22.88 -28.15
CA ILE B 380 -12.69 22.95 -26.72
C ILE B 380 -11.43 22.68 -25.91
N GLY B 381 -10.68 21.65 -26.28
CA GLY B 381 -9.46 21.34 -25.57
C GLY B 381 -8.43 22.45 -25.67
N GLY B 382 -8.27 23.02 -26.88
CA GLY B 382 -7.33 24.11 -27.04
C GLY B 382 -7.70 25.32 -26.21
N CYS B 383 -8.98 25.69 -26.23
CA CYS B 383 -9.42 26.83 -25.43
C CYS B 383 -9.23 26.57 -23.94
N ILE B 384 -9.55 25.37 -23.47
CA ILE B 384 -9.41 25.08 -22.04
C ILE B 384 -7.95 25.12 -21.62
N CYS B 385 -7.06 24.50 -22.42
CA CYS B 385 -5.65 24.49 -22.07
C CYS B 385 -5.06 25.89 -22.10
N ALA B 386 -5.40 26.68 -23.11
CA ALA B 386 -4.91 28.06 -23.17
C ALA B 386 -5.44 28.87 -22.00
N ALA B 387 -6.71 28.68 -21.64
CA ALA B 387 -7.28 29.42 -20.52
C ALA B 387 -6.58 29.07 -19.21
N MET B 388 -6.29 27.78 -18.99
CA MET B 388 -5.55 27.40 -17.79
C MET B 388 -4.15 28.01 -17.80
N ALA B 389 -3.48 27.99 -18.96
CA ALA B 389 -2.14 28.56 -19.03
C ALA B 389 -2.14 30.04 -18.69
N LEU B 390 -3.09 30.79 -19.26
CA LEU B 390 -3.18 32.21 -18.94
C LEU B 390 -3.58 32.45 -17.49
N ILE B 391 -4.46 31.61 -16.94
CA ILE B 391 -4.88 31.78 -15.55
C ILE B 391 -3.68 31.64 -14.62
N LEU B 392 -2.87 30.60 -14.83
CA LEU B 392 -1.72 30.40 -13.97
C LEU B 392 -0.62 31.42 -14.24
N LEU B 393 -0.50 31.90 -15.48
CA LEU B 393 0.43 33.00 -15.74
C LEU B 393 0.03 34.24 -14.93
N THR B 394 -1.26 34.55 -14.91
CA THR B 394 -1.73 35.67 -14.11
C THR B 394 -1.48 35.43 -12.62
N PHE B 395 -1.75 34.22 -12.14
CA PHE B 395 -1.52 33.92 -10.73
C PHE B 395 -0.04 34.01 -10.37
N TRP B 396 0.86 33.74 -11.32
CA TRP B 396 2.27 33.98 -11.07
C TRP B 396 2.59 35.46 -11.07
N LEU B 397 2.02 36.23 -11.99
CA LEU B 397 2.20 37.68 -11.96
C LEU B 397 1.53 38.29 -10.74
N PHE B 398 0.26 37.96 -10.50
CA PHE B 398 -0.45 38.52 -9.36
C PHE B 398 0.14 38.02 -8.04
N GLY B 399 0.34 36.71 -7.93
CA GLY B 399 0.96 36.15 -6.75
C GLY B 399 2.46 35.99 -6.88
N GLY B 400 3.16 37.06 -7.26
CA GLY B 400 4.59 37.00 -7.42
C GLY B 400 5.33 36.75 -6.12
N ARG B 401 5.90 35.57 -5.98
CA ARG B 401 6.61 35.21 -4.74
C ARG B 401 7.70 34.21 -5.07
N LYS B 402 8.71 34.18 -4.20
CA LYS B 402 9.87 33.33 -4.41
C LYS B 402 9.49 31.86 -4.17
N ILE B 403 10.02 30.98 -5.03
CA ILE B 403 9.48 29.62 -5.13
C ILE B 403 9.75 28.83 -3.85
N ALA B 404 10.99 28.83 -3.36
CA ALA B 404 11.38 28.00 -2.22
C ALA B 404 11.38 28.86 -0.97
N ASP B 405 10.31 28.76 -0.19
CA ASP B 405 10.15 29.54 1.04
C ASP B 405 10.19 28.57 2.21
N ALA B 406 11.31 28.58 2.94
CA ALA B 406 11.44 27.67 4.09
C ALA B 406 10.45 28.01 5.20
N SER B 407 10.09 29.29 5.33
CA SER B 407 9.15 29.70 6.36
C SER B 407 7.75 29.14 6.12
N SER B 408 7.45 28.70 4.91
CA SER B 408 6.11 28.22 4.57
C SER B 408 5.88 26.77 4.98
N LEU B 409 6.89 26.10 5.53
CA LEU B 409 6.71 24.72 5.97
C LEU B 409 5.74 24.66 7.14
N SER B 410 5.07 23.51 7.27
CA SER B 410 4.06 23.29 8.30
C SER B 410 4.65 23.15 9.69
N TRP B 411 5.96 23.34 9.86
CA TRP B 411 6.60 23.29 11.17
C TRP B 411 7.40 24.54 11.48
N ASN B 412 7.25 25.60 10.69
CA ASN B 412 7.98 26.84 10.89
C ASN B 412 7.11 27.92 11.55
N MET B 413 5.95 27.52 12.09
CA MET B 413 5.10 28.48 12.79
C MET B 413 5.79 29.02 14.05
N LYS B 414 6.46 28.14 14.79
CA LYS B 414 7.17 28.54 15.99
C LYS B 414 8.61 28.93 15.67
#